data_7LOJ
# 
_entry.id   7LOJ 
# 
_audit_conform.dict_name       mmcif_pdbx.dic 
_audit_conform.dict_version    5.380 
_audit_conform.dict_location   http://mmcif.pdb.org/dictionaries/ascii/mmcif_pdbx.dic 
# 
loop_
_database_2.database_id 
_database_2.database_code 
_database_2.pdbx_database_accession 
_database_2.pdbx_DOI 
PDB   7LOJ         pdb_00007loj 10.2210/pdb7loj/pdb 
WWPDB D_1000254739 ?            ?                   
# 
_pdbx_database_status.status_code                     REL 
_pdbx_database_status.status_code_sf                  REL 
_pdbx_database_status.status_code_mr                  ? 
_pdbx_database_status.entry_id                        7LOJ 
_pdbx_database_status.recvd_initial_deposition_date   2021-02-10 
_pdbx_database_status.SG_entry                        N 
_pdbx_database_status.deposit_site                    RCSB 
_pdbx_database_status.process_site                    RCSB 
_pdbx_database_status.status_code_cs                  ? 
_pdbx_database_status.status_code_nmr_data            ? 
_pdbx_database_status.methods_development_category    ? 
_pdbx_database_status.pdb_format_compatible           Y 
# 
loop_
_audit_author.name 
_audit_author.pdbx_ordinal 
_audit_author.identifier_ORCID 
'Kamenik, A.S.'  1 ? 
'Singh, I.'      2 ? 
'Lak, P.'        3 ? 
'Balius, T.E.'   4 ? 
'Liedl, K.R.'    5 ? 
'Shoichet, B.K.' 6 ? 
# 
_citation.abstract                  ? 
_citation.abstract_id_CAS           ? 
_citation.book_id_ISBN              ? 
_citation.book_publisher            ? 
_citation.book_publisher_city       ? 
_citation.book_title                ? 
_citation.coordinate_linkage        ? 
_citation.country                   US 
_citation.database_id_Medline       ? 
_citation.details                   ? 
_citation.id                        primary 
_citation.journal_abbrev            Proc.Natl.Acad.Sci.USA 
_citation.journal_id_ASTM           PNASA6 
_citation.journal_id_CSD            0040 
_citation.journal_id_ISSN           1091-6490 
_citation.journal_full              ? 
_citation.journal_issue             ? 
_citation.journal_volume            118 
_citation.language                  ? 
_citation.page_first                ? 
_citation.page_last                 ? 
_citation.title                     'Energy penalties enhance flexible receptor docking in a model cavity.' 
_citation.year                      2021 
_citation.database_id_CSD           ? 
_citation.pdbx_database_id_DOI      10.1073/pnas.2106195118 
_citation.pdbx_database_id_PubMed   34475217 
_citation.pdbx_database_id_patent   ? 
_citation.unpublished_flag          ? 
# 
loop_
_citation_author.citation_id 
_citation_author.name 
_citation_author.ordinal 
_citation_author.identifier_ORCID 
primary 'Kamenik, A.S.'  1 0000-0001-8657-0036 
primary 'Singh, I.'      2 ?                   
primary 'Lak, P.'        3 ?                   
primary 'Balius, T.E.'   4 0000-0002-6811-4667 
primary 'Liedl, K.R.'    5 ?                   
primary 'Shoichet, B.K.' 6 0000-0002-6098-7367 
# 
_cell.angle_alpha                  90.000 
_cell.angle_alpha_esd              ? 
_cell.angle_beta                   90.000 
_cell.angle_beta_esd               ? 
_cell.angle_gamma                  120.000 
_cell.angle_gamma_esd              ? 
_cell.entry_id                     7LOJ 
_cell.details                      ? 
_cell.formula_units_Z              ? 
_cell.length_a                     60.402 
_cell.length_a_esd                 ? 
_cell.length_b                     60.402 
_cell.length_b_esd                 ? 
_cell.length_c                     95.855 
_cell.length_c_esd                 ? 
_cell.volume                       ? 
_cell.volume_esd                   ? 
_cell.Z_PDB                        6 
_cell.reciprocal_angle_alpha       ? 
_cell.reciprocal_angle_beta        ? 
_cell.reciprocal_angle_gamma       ? 
_cell.reciprocal_angle_alpha_esd   ? 
_cell.reciprocal_angle_beta_esd    ? 
_cell.reciprocal_angle_gamma_esd   ? 
_cell.reciprocal_length_a          ? 
_cell.reciprocal_length_b          ? 
_cell.reciprocal_length_c          ? 
_cell.reciprocal_length_a_esd      ? 
_cell.reciprocal_length_b_esd      ? 
_cell.reciprocal_length_c_esd      ? 
_cell.pdbx_unique_axis             ? 
# 
_symmetry.entry_id                         7LOJ 
_symmetry.cell_setting                     ? 
_symmetry.Int_Tables_number                154 
_symmetry.space_group_name_Hall            ? 
_symmetry.space_group_name_H-M             'P 32 2 1' 
_symmetry.pdbx_full_space_group_name_H-M   ? 
# 
loop_
_entity.id 
_entity.type 
_entity.src_method 
_entity.pdbx_description 
_entity.formula_weight 
_entity.pdbx_number_of_molecules 
_entity.pdbx_ec 
_entity.pdbx_mutation 
_entity.pdbx_fragment 
_entity.details 
1 polymer     man Lysozyme                                              19691.541 1   3.2.1.17 L99A ? ? 
2 non-polymer syn '4-(2-HYDROXYETHYL)-1-PIPERAZINE ETHANESULFONIC ACID' 238.305   1   ?        ?    ? ? 
3 non-polymer syn '4-(3-phenylpropyl)aniline'                           211.302   1   ?        ?    ? ? 
4 water       nat water                                                 18.015    139 ?        ?    ? ? 
# 
_entity_name_com.entity_id   1 
_entity_name_com.name        'Endolysin,Lysis protein,Muramidase' 
# 
_entity_poly.entity_id                      1 
_entity_poly.type                           'polypeptide(L)' 
_entity_poly.nstd_linkage                   no 
_entity_poly.nstd_monomer                   no 
_entity_poly.pdbx_seq_one_letter_code       
;MNIFEMLRIDEGLRLKIYKDTEGYYTIGIGHLLTKSPSLNAAKSELDKAIGRNCNGVITKDEAEKLFNQDVDAAVRGILR
NAKLKPVYDSLDAVRRCAAINMVFQMGETGVAGFTNSLRMLQQKRWDEAAVNLAKSRWYNQTPNRAKRVITTFRTGTWDA
YKNLLEHHHHHH
;
_entity_poly.pdbx_seq_one_letter_code_can   
;MNIFEMLRIDEGLRLKIYKDTEGYYTIGIGHLLTKSPSLNAAKSELDKAIGRNCNGVITKDEAEKLFNQDVDAAVRGILR
NAKLKPVYDSLDAVRRCAAINMVFQMGETGVAGFTNSLRMLQQKRWDEAAVNLAKSRWYNQTPNRAKRVITTFRTGTWDA
YKNLLEHHHHHH
;
_entity_poly.pdbx_strand_id                 A 
_entity_poly.pdbx_target_identifier         ? 
# 
loop_
_entity_poly_seq.entity_id 
_entity_poly_seq.num 
_entity_poly_seq.mon_id 
_entity_poly_seq.hetero 
1 1   MET n 
1 2   ASN n 
1 3   ILE n 
1 4   PHE n 
1 5   GLU n 
1 6   MET n 
1 7   LEU n 
1 8   ARG n 
1 9   ILE n 
1 10  ASP n 
1 11  GLU n 
1 12  GLY n 
1 13  LEU n 
1 14  ARG n 
1 15  LEU n 
1 16  LYS n 
1 17  ILE n 
1 18  TYR n 
1 19  LYS n 
1 20  ASP n 
1 21  THR n 
1 22  GLU n 
1 23  GLY n 
1 24  TYR n 
1 25  TYR n 
1 26  THR n 
1 27  ILE n 
1 28  GLY n 
1 29  ILE n 
1 30  GLY n 
1 31  HIS n 
1 32  LEU n 
1 33  LEU n 
1 34  THR n 
1 35  LYS n 
1 36  SER n 
1 37  PRO n 
1 38  SER n 
1 39  LEU n 
1 40  ASN n 
1 41  ALA n 
1 42  ALA n 
1 43  LYS n 
1 44  SER n 
1 45  GLU n 
1 46  LEU n 
1 47  ASP n 
1 48  LYS n 
1 49  ALA n 
1 50  ILE n 
1 51  GLY n 
1 52  ARG n 
1 53  ASN n 
1 54  CYS n 
1 55  ASN n 
1 56  GLY n 
1 57  VAL n 
1 58  ILE n 
1 59  THR n 
1 60  LYS n 
1 61  ASP n 
1 62  GLU n 
1 63  ALA n 
1 64  GLU n 
1 65  LYS n 
1 66  LEU n 
1 67  PHE n 
1 68  ASN n 
1 69  GLN n 
1 70  ASP n 
1 71  VAL n 
1 72  ASP n 
1 73  ALA n 
1 74  ALA n 
1 75  VAL n 
1 76  ARG n 
1 77  GLY n 
1 78  ILE n 
1 79  LEU n 
1 80  ARG n 
1 81  ASN n 
1 82  ALA n 
1 83  LYS n 
1 84  LEU n 
1 85  LYS n 
1 86  PRO n 
1 87  VAL n 
1 88  TYR n 
1 89  ASP n 
1 90  SER n 
1 91  LEU n 
1 92  ASP n 
1 93  ALA n 
1 94  VAL n 
1 95  ARG n 
1 96  ARG n 
1 97  CYS n 
1 98  ALA n 
1 99  ALA n 
1 100 ILE n 
1 101 ASN n 
1 102 MET n 
1 103 VAL n 
1 104 PHE n 
1 105 GLN n 
1 106 MET n 
1 107 GLY n 
1 108 GLU n 
1 109 THR n 
1 110 GLY n 
1 111 VAL n 
1 112 ALA n 
1 113 GLY n 
1 114 PHE n 
1 115 THR n 
1 116 ASN n 
1 117 SER n 
1 118 LEU n 
1 119 ARG n 
1 120 MET n 
1 121 LEU n 
1 122 GLN n 
1 123 GLN n 
1 124 LYS n 
1 125 ARG n 
1 126 TRP n 
1 127 ASP n 
1 128 GLU n 
1 129 ALA n 
1 130 ALA n 
1 131 VAL n 
1 132 ASN n 
1 133 LEU n 
1 134 ALA n 
1 135 LYS n 
1 136 SER n 
1 137 ARG n 
1 138 TRP n 
1 139 TYR n 
1 140 ASN n 
1 141 GLN n 
1 142 THR n 
1 143 PRO n 
1 144 ASN n 
1 145 ARG n 
1 146 ALA n 
1 147 LYS n 
1 148 ARG n 
1 149 VAL n 
1 150 ILE n 
1 151 THR n 
1 152 THR n 
1 153 PHE n 
1 154 ARG n 
1 155 THR n 
1 156 GLY n 
1 157 THR n 
1 158 TRP n 
1 159 ASP n 
1 160 ALA n 
1 161 TYR n 
1 162 LYS n 
1 163 ASN n 
1 164 LEU n 
1 165 LEU n 
1 166 GLU n 
1 167 HIS n 
1 168 HIS n 
1 169 HIS n 
1 170 HIS n 
1 171 HIS n 
1 172 HIS n 
# 
_entity_src_gen.entity_id                          1 
_entity_src_gen.pdbx_src_id                        1 
_entity_src_gen.pdbx_alt_source_flag               sample 
_entity_src_gen.pdbx_seq_type                      'Biological sequence' 
_entity_src_gen.pdbx_beg_seq_num                   1 
_entity_src_gen.pdbx_end_seq_num                   172 
_entity_src_gen.gene_src_common_name               'Bacteriophage T4' 
_entity_src_gen.gene_src_genus                     ? 
_entity_src_gen.pdbx_gene_src_gene                 'e, T4Tp126' 
_entity_src_gen.gene_src_species                   ? 
_entity_src_gen.gene_src_strain                    ? 
_entity_src_gen.gene_src_tissue                    ? 
_entity_src_gen.gene_src_tissue_fraction           ? 
_entity_src_gen.gene_src_details                   ? 
_entity_src_gen.pdbx_gene_src_fragment             ? 
_entity_src_gen.pdbx_gene_src_scientific_name      'Enterobacteria phage T4' 
_entity_src_gen.pdbx_gene_src_ncbi_taxonomy_id     10665 
_entity_src_gen.pdbx_gene_src_variant              ? 
_entity_src_gen.pdbx_gene_src_cell_line            ? 
_entity_src_gen.pdbx_gene_src_atcc                 ? 
_entity_src_gen.pdbx_gene_src_organ                ? 
_entity_src_gen.pdbx_gene_src_organelle            ? 
_entity_src_gen.pdbx_gene_src_cell                 ? 
_entity_src_gen.pdbx_gene_src_cellular_location    ? 
_entity_src_gen.host_org_common_name               ? 
_entity_src_gen.pdbx_host_org_scientific_name      
;Escherichia coli 'BL21-Gold(DE3)pLysS AG'
;
_entity_src_gen.pdbx_host_org_ncbi_taxonomy_id     866768 
_entity_src_gen.host_org_genus                     ? 
_entity_src_gen.pdbx_host_org_gene                 ? 
_entity_src_gen.pdbx_host_org_organ                ? 
_entity_src_gen.host_org_species                   ? 
_entity_src_gen.pdbx_host_org_tissue               ? 
_entity_src_gen.pdbx_host_org_tissue_fraction      ? 
_entity_src_gen.pdbx_host_org_strain               ? 
_entity_src_gen.pdbx_host_org_variant              ? 
_entity_src_gen.pdbx_host_org_cell_line            ? 
_entity_src_gen.pdbx_host_org_atcc                 ? 
_entity_src_gen.pdbx_host_org_culture_collection   ? 
_entity_src_gen.pdbx_host_org_cell                 ? 
_entity_src_gen.pdbx_host_org_organelle            ? 
_entity_src_gen.pdbx_host_org_cellular_location    ? 
_entity_src_gen.pdbx_host_org_vector_type          ? 
_entity_src_gen.pdbx_host_org_vector               ? 
_entity_src_gen.host_org_details                   ? 
_entity_src_gen.expression_system_id               ? 
_entity_src_gen.plasmid_name                       ? 
_entity_src_gen.plasmid_details                    ? 
_entity_src_gen.pdbx_description                   ? 
# 
_struct_ref.id                         1 
_struct_ref.db_name                    UNP 
_struct_ref.db_code                    D9IEF7_BPT4 
_struct_ref.pdbx_db_accession          D9IEF7 
_struct_ref.pdbx_db_isoform            ? 
_struct_ref.entity_id                  1 
_struct_ref.pdbx_seq_one_letter_code   
;MNIFEMLRIDEGLRLKIYKDTEGYYTIGIGHLLTKSPSLNAAKSELDKAIGRNCNGVITKDEAEKLFNQDVDAAVRGILR
NAKLKPVYDSLDAVRRCALINMVFQMGETGVAGFTNSLRMLQQKRWDEAAVNLAKSRWYNQTPNRAKRVITTFRTGTWDA
YKNL
;
_struct_ref.pdbx_align_begin           1 
# 
_struct_ref_seq.align_id                      1 
_struct_ref_seq.ref_id                        1 
_struct_ref_seq.pdbx_PDB_id_code              7LOJ 
_struct_ref_seq.pdbx_strand_id                A 
_struct_ref_seq.seq_align_beg                 1 
_struct_ref_seq.pdbx_seq_align_beg_ins_code   ? 
_struct_ref_seq.seq_align_end                 164 
_struct_ref_seq.pdbx_seq_align_end_ins_code   ? 
_struct_ref_seq.pdbx_db_accession             D9IEF7 
_struct_ref_seq.db_align_beg                  1 
_struct_ref_seq.pdbx_db_align_beg_ins_code    ? 
_struct_ref_seq.db_align_end                  164 
_struct_ref_seq.pdbx_db_align_end_ins_code    ? 
_struct_ref_seq.pdbx_auth_seq_align_beg       1 
_struct_ref_seq.pdbx_auth_seq_align_end       164 
# 
loop_
_struct_ref_seq_dif.align_id 
_struct_ref_seq_dif.pdbx_pdb_id_code 
_struct_ref_seq_dif.mon_id 
_struct_ref_seq_dif.pdbx_pdb_strand_id 
_struct_ref_seq_dif.seq_num 
_struct_ref_seq_dif.pdbx_pdb_ins_code 
_struct_ref_seq_dif.pdbx_seq_db_name 
_struct_ref_seq_dif.pdbx_seq_db_accession_code 
_struct_ref_seq_dif.db_mon_id 
_struct_ref_seq_dif.pdbx_seq_db_seq_num 
_struct_ref_seq_dif.details 
_struct_ref_seq_dif.pdbx_auth_seq_num 
_struct_ref_seq_dif.pdbx_ordinal 
1 7LOJ ALA A 99  ? UNP D9IEF7 LEU 99 'engineered mutation' 99  1 
1 7LOJ LEU A 165 ? UNP D9IEF7 ?   ?  'expression tag'      165 2 
1 7LOJ GLU A 166 ? UNP D9IEF7 ?   ?  'expression tag'      166 3 
1 7LOJ HIS A 167 ? UNP D9IEF7 ?   ?  'expression tag'      167 4 
1 7LOJ HIS A 168 ? UNP D9IEF7 ?   ?  'expression tag'      168 5 
1 7LOJ HIS A 169 ? UNP D9IEF7 ?   ?  'expression tag'      169 6 
1 7LOJ HIS A 170 ? UNP D9IEF7 ?   ?  'expression tag'      170 7 
1 7LOJ HIS A 171 ? UNP D9IEF7 ?   ?  'expression tag'      171 8 
1 7LOJ HIS A 172 ? UNP D9IEF7 ?   ?  'expression tag'      172 9 
# 
loop_
_chem_comp.id 
_chem_comp.type 
_chem_comp.mon_nstd_flag 
_chem_comp.name 
_chem_comp.pdbx_synonyms 
_chem_comp.formula 
_chem_comp.formula_weight 
ALA 'L-peptide linking' y ALANINE                                               ?     'C3 H7 N O2'     89.093  
ARG 'L-peptide linking' y ARGININE                                              ?     'C6 H15 N4 O2 1' 175.209 
ASN 'L-peptide linking' y ASPARAGINE                                            ?     'C4 H8 N2 O3'    132.118 
ASP 'L-peptide linking' y 'ASPARTIC ACID'                                       ?     'C4 H7 N O4'     133.103 
CYS 'L-peptide linking' y CYSTEINE                                              ?     'C3 H7 N O2 S'   121.158 
EPE non-polymer         . '4-(2-HYDROXYETHYL)-1-PIPERAZINE ETHANESULFONIC ACID' HEPES 'C8 H18 N2 O4 S' 238.305 
GLN 'L-peptide linking' y GLUTAMINE                                             ?     'C5 H10 N2 O3'   146.144 
GLU 'L-peptide linking' y 'GLUTAMIC ACID'                                       ?     'C5 H9 N O4'     147.129 
GLY 'peptide linking'   y GLYCINE                                               ?     'C2 H5 N O2'     75.067  
HIS 'L-peptide linking' y HISTIDINE                                             ?     'C6 H10 N3 O2 1' 156.162 
HOH non-polymer         . WATER                                                 ?     'H2 O'           18.015  
ILE 'L-peptide linking' y ISOLEUCINE                                            ?     'C6 H13 N O2'    131.173 
LEU 'L-peptide linking' y LEUCINE                                               ?     'C6 H13 N O2'    131.173 
LYS 'L-peptide linking' y LYSINE                                                ?     'C6 H15 N2 O2 1' 147.195 
MET 'L-peptide linking' y METHIONINE                                            ?     'C5 H11 N O2 S'  149.211 
PHE 'L-peptide linking' y PHENYLALANINE                                         ?     'C9 H11 N O2'    165.189 
PRO 'L-peptide linking' y PROLINE                                               ?     'C5 H9 N O2'     115.130 
SER 'L-peptide linking' y SERINE                                                ?     'C3 H7 N O3'     105.093 
THR 'L-peptide linking' y THREONINE                                             ?     'C4 H9 N O3'     119.119 
TRP 'L-peptide linking' y TRYPTOPHAN                                            ?     'C11 H12 N2 O2'  204.225 
TYR 'L-peptide linking' y TYROSINE                                              ?     'C9 H11 N O3'    181.189 
VAL 'L-peptide linking' y VALINE                                                ?     'C5 H11 N O2'    117.146 
Y8M non-polymer         . '4-(3-phenylpropyl)aniline'                           ?     'C15 H17 N'      211.302 
# 
_exptl.absorpt_coefficient_mu     ? 
_exptl.absorpt_correction_T_max   ? 
_exptl.absorpt_correction_T_min   ? 
_exptl.absorpt_correction_type    ? 
_exptl.absorpt_process_details    ? 
_exptl.entry_id                   7LOJ 
_exptl.crystals_number            1 
_exptl.details                    ? 
_exptl.method                     'X-RAY DIFFRACTION' 
_exptl.method_details             ? 
# 
_exptl_crystal.colour                      ? 
_exptl_crystal.density_diffrn              ? 
_exptl_crystal.density_Matthews            2.56 
_exptl_crystal.density_method              ? 
_exptl_crystal.density_percent_sol         52.02 
_exptl_crystal.description                 ? 
_exptl_crystal.F_000                       ? 
_exptl_crystal.id                          1 
_exptl_crystal.preparation                 ? 
_exptl_crystal.size_max                    ? 
_exptl_crystal.size_mid                    ? 
_exptl_crystal.size_min                    ? 
_exptl_crystal.size_rad                    ? 
_exptl_crystal.colour_lustre               ? 
_exptl_crystal.colour_modifier             ? 
_exptl_crystal.colour_primary              ? 
_exptl_crystal.density_meas                ? 
_exptl_crystal.density_meas_esd            ? 
_exptl_crystal.density_meas_gt             ? 
_exptl_crystal.density_meas_lt             ? 
_exptl_crystal.density_meas_temp           ? 
_exptl_crystal.density_meas_temp_esd       ? 
_exptl_crystal.density_meas_temp_gt        ? 
_exptl_crystal.density_meas_temp_lt        ? 
_exptl_crystal.pdbx_crystal_image_url      ? 
_exptl_crystal.pdbx_crystal_image_format   ? 
_exptl_crystal.pdbx_mosaicity              ? 
_exptl_crystal.pdbx_mosaicity_esd          ? 
# 
_exptl_crystal_grow.apparatus       ? 
_exptl_crystal_grow.atmosphere      ? 
_exptl_crystal_grow.crystal_id      1 
_exptl_crystal_grow.details         ? 
_exptl_crystal_grow.method          'VAPOR DIFFUSION, HANGING DROP' 
_exptl_crystal_grow.method_ref      ? 
_exptl_crystal_grow.pH              8.0 
_exptl_crystal_grow.pressure        ? 
_exptl_crystal_grow.pressure_esd    ? 
_exptl_crystal_grow.seeding         ? 
_exptl_crystal_grow.seeding_ref     ? 
_exptl_crystal_grow.temp            294 
_exptl_crystal_grow.temp_details    ? 
_exptl_crystal_grow.temp_esd        ? 
_exptl_crystal_grow.time            ? 
_exptl_crystal_grow.pdbx_details    'Isopropanol, PEG 4000, Tris-Cl pH 8.0, Beta-mercaptoethanol,  2-hyrdoxyethyl disulfide' 
_exptl_crystal_grow.pdbx_pH_range   ? 
# 
_diffrn.ambient_environment              ? 
_diffrn.ambient_temp                     100 
_diffrn.ambient_temp_details             ? 
_diffrn.ambient_temp_esd                 ? 
_diffrn.crystal_id                       1 
_diffrn.crystal_support                  ? 
_diffrn.crystal_treatment                ? 
_diffrn.details                          ? 
_diffrn.id                               1 
_diffrn.ambient_pressure                 ? 
_diffrn.ambient_pressure_esd             ? 
_diffrn.ambient_pressure_gt              ? 
_diffrn.ambient_pressure_lt              ? 
_diffrn.ambient_temp_gt                  ? 
_diffrn.ambient_temp_lt                  ? 
_diffrn.pdbx_serial_crystal_experiment   N 
# 
_diffrn_detector.details                      ? 
_diffrn_detector.detector                     PIXEL 
_diffrn_detector.diffrn_id                    1 
_diffrn_detector.type                         'DECTRIS PILATUS3 S 6M' 
_diffrn_detector.area_resol_mean              ? 
_diffrn_detector.dtime                        ? 
_diffrn_detector.pdbx_frames_total            ? 
_diffrn_detector.pdbx_collection_time_total   ? 
_diffrn_detector.pdbx_collection_date         2018-11-11 
_diffrn_detector.pdbx_frequency               ? 
# 
_diffrn_radiation.collimation                      ? 
_diffrn_radiation.diffrn_id                        1 
_diffrn_radiation.filter_edge                      ? 
_diffrn_radiation.inhomogeneity                    ? 
_diffrn_radiation.monochromator                    M 
_diffrn_radiation.polarisn_norm                    ? 
_diffrn_radiation.polarisn_ratio                   ? 
_diffrn_radiation.probe                            ? 
_diffrn_radiation.type                             ? 
_diffrn_radiation.xray_symbol                      ? 
_diffrn_radiation.wavelength_id                    1 
_diffrn_radiation.pdbx_monochromatic_or_laue_m_l   M 
_diffrn_radiation.pdbx_wavelength_list             ? 
_diffrn_radiation.pdbx_wavelength                  ? 
_diffrn_radiation.pdbx_diffrn_protocol             'SINGLE WAVELENGTH' 
_diffrn_radiation.pdbx_analyzer                    ? 
_diffrn_radiation.pdbx_scattering_type             x-ray 
# 
_diffrn_radiation_wavelength.id           1 
_diffrn_radiation_wavelength.wavelength   1.11583 
_diffrn_radiation_wavelength.wt           1.0 
# 
_diffrn_source.current                     ? 
_diffrn_source.details                     ? 
_diffrn_source.diffrn_id                   1 
_diffrn_source.power                       ? 
_diffrn_source.size                        ? 
_diffrn_source.source                      SYNCHROTRON 
_diffrn_source.target                      ? 
_diffrn_source.type                        'ALS BEAMLINE 8.3.1' 
_diffrn_source.voltage                     ? 
_diffrn_source.take-off_angle              ? 
_diffrn_source.pdbx_wavelength_list        1.11583 
_diffrn_source.pdbx_wavelength             ? 
_diffrn_source.pdbx_synchrotron_beamline   8.3.1 
_diffrn_source.pdbx_synchrotron_site       ALS 
# 
_reflns.B_iso_Wilson_estimate            13.730 
_reflns.entry_id                         7LOJ 
_reflns.data_reduction_details           ? 
_reflns.data_reduction_method            ? 
_reflns.d_resolution_high                1.500 
_reflns.d_resolution_low                 52.310 
_reflns.details                          ? 
_reflns.limit_h_max                      ? 
_reflns.limit_h_min                      ? 
_reflns.limit_k_max                      ? 
_reflns.limit_k_min                      ? 
_reflns.limit_l_max                      ? 
_reflns.limit_l_min                      ? 
_reflns.number_all                       ? 
_reflns.number_obs                       32996 
_reflns.observed_criterion               ? 
_reflns.observed_criterion_F_max         ? 
_reflns.observed_criterion_F_min         ? 
_reflns.observed_criterion_I_max         ? 
_reflns.observed_criterion_I_min         ? 
_reflns.observed_criterion_sigma_F       ? 
_reflns.observed_criterion_sigma_I       ? 
_reflns.percent_possible_obs             99.700 
_reflns.R_free_details                   ? 
_reflns.Rmerge_F_all                     ? 
_reflns.Rmerge_F_obs                     ? 
_reflns.Friedel_coverage                 ? 
_reflns.number_gt                        ? 
_reflns.threshold_expression             ? 
_reflns.pdbx_redundancy                  8.500 
_reflns.pdbx_Rmerge_I_obs                0.036 
_reflns.pdbx_Rmerge_I_all                ? 
_reflns.pdbx_Rsym_value                  ? 
_reflns.pdbx_netI_over_av_sigmaI         ? 
_reflns.pdbx_netI_over_sigmaI            30.800 
_reflns.pdbx_res_netI_over_av_sigmaI_2   ? 
_reflns.pdbx_res_netI_over_sigmaI_2      ? 
_reflns.pdbx_chi_squared                 ? 
_reflns.pdbx_scaling_rejects             252 
_reflns.pdbx_d_res_high_opt              ? 
_reflns.pdbx_d_res_low_opt               ? 
_reflns.pdbx_d_res_opt_method            ? 
_reflns.phase_calculation_details        ? 
_reflns.pdbx_Rrim_I_all                  0.038 
_reflns.pdbx_Rpim_I_all                  0.013 
_reflns.pdbx_d_opt                       ? 
_reflns.pdbx_number_measured_all         281442 
_reflns.pdbx_diffrn_id                   1 
_reflns.pdbx_ordinal                     1 
_reflns.pdbx_CC_half                     0.998 
_reflns.pdbx_CC_star                     ? 
_reflns.pdbx_R_split                     ? 
# 
loop_
_reflns_shell.d_res_high 
_reflns_shell.d_res_low 
_reflns_shell.meanI_over_sigI_all 
_reflns_shell.meanI_over_sigI_obs 
_reflns_shell.number_measured_all 
_reflns_shell.number_measured_obs 
_reflns_shell.number_possible 
_reflns_shell.number_unique_all 
_reflns_shell.number_unique_obs 
_reflns_shell.percent_possible_all 
_reflns_shell.percent_possible_obs 
_reflns_shell.Rmerge_F_all 
_reflns_shell.Rmerge_F_obs 
_reflns_shell.Rmerge_I_all 
_reflns_shell.Rmerge_I_obs 
_reflns_shell.meanI_over_sigI_gt 
_reflns_shell.meanI_over_uI_all 
_reflns_shell.meanI_over_uI_gt 
_reflns_shell.number_measured_gt 
_reflns_shell.number_unique_gt 
_reflns_shell.percent_possible_gt 
_reflns_shell.Rmerge_F_gt 
_reflns_shell.Rmerge_I_gt 
_reflns_shell.pdbx_redundancy 
_reflns_shell.pdbx_Rsym_value 
_reflns_shell.pdbx_chi_squared 
_reflns_shell.pdbx_netI_over_sigmaI_all 
_reflns_shell.pdbx_netI_over_sigmaI_obs 
_reflns_shell.pdbx_Rrim_I_all 
_reflns_shell.pdbx_Rpim_I_all 
_reflns_shell.pdbx_rejects 
_reflns_shell.pdbx_ordinal 
_reflns_shell.pdbx_diffrn_id 
_reflns_shell.pdbx_CC_half 
_reflns_shell.pdbx_CC_star 
_reflns_shell.pdbx_R_split 
1.500 1.530  ? ? 7236 ? ? ? 1570 96.900 ? ? ? ? 0.181 ? ? ? ? ? ? ? ? 4.600 ? ? ? 6.100  0.208 0.099 ? 1 1 0.921 ? ? 
8.220 52.310 ? ? 2137 ? ? ? 255  99.700 ? ? ? ? 0.028 ? ? ? ? ? ? ? ? 8.400 ? ? ? 67.500 0.031 0.011 ? 2 1 0.979 ? ? 
# 
_refine.aniso_B[1][1]                            ? 
_refine.aniso_B[1][2]                            ? 
_refine.aniso_B[1][3]                            ? 
_refine.aniso_B[2][2]                            ? 
_refine.aniso_B[2][3]                            ? 
_refine.aniso_B[3][3]                            ? 
_refine.B_iso_max                                51.630 
_refine.B_iso_mean                               16.0541 
_refine.B_iso_min                                8.480 
_refine.correlation_coeff_Fo_to_Fc               ? 
_refine.correlation_coeff_Fo_to_Fc_free          ? 
_refine.details                                  ? 
_refine.diff_density_max                         ? 
_refine.diff_density_max_esd                     ? 
_refine.diff_density_min                         ? 
_refine.diff_density_min_esd                     ? 
_refine.diff_density_rms                         ? 
_refine.diff_density_rms_esd                     ? 
_refine.entry_id                                 7LOJ 
_refine.pdbx_refine_id                           'X-RAY DIFFRACTION' 
_refine.ls_abs_structure_details                 ? 
_refine.ls_abs_structure_Flack                   ? 
_refine.ls_abs_structure_Flack_esd               ? 
_refine.ls_abs_structure_Rogers                  ? 
_refine.ls_abs_structure_Rogers_esd              ? 
_refine.ls_d_res_high                            1.5000 
_refine.ls_d_res_low                             52.3100 
_refine.ls_extinction_coef                       ? 
_refine.ls_extinction_coef_esd                   ? 
_refine.ls_extinction_expression                 ? 
_refine.ls_extinction_method                     ? 
_refine.ls_goodness_of_fit_all                   ? 
_refine.ls_goodness_of_fit_all_esd               ? 
_refine.ls_goodness_of_fit_obs                   ? 
_refine.ls_goodness_of_fit_obs_esd               ? 
_refine.ls_hydrogen_treatment                    ? 
_refine.ls_matrix_type                           ? 
_refine.ls_number_constraints                    ? 
_refine.ls_number_parameters                     ? 
_refine.ls_number_reflns_all                     ? 
_refine.ls_number_reflns_obs                     32953 
_refine.ls_number_reflns_R_free                  1608 
_refine.ls_number_reflns_R_work                  31345 
_refine.ls_number_restraints                     ? 
_refine.ls_percent_reflns_obs                    99.6300 
_refine.ls_percent_reflns_R_free                 4.8800 
_refine.ls_R_factor_all                          ? 
_refine.ls_R_factor_obs                          0.1861 
_refine.ls_R_factor_R_free                       0.2018 
_refine.ls_R_factor_R_free_error                 ? 
_refine.ls_R_factor_R_free_error_details         ? 
_refine.ls_R_factor_R_work                       0.1852 
_refine.ls_R_Fsqd_factor_obs                     ? 
_refine.ls_R_I_factor_obs                        ? 
_refine.ls_redundancy_reflns_all                 ? 
_refine.ls_redundancy_reflns_obs                 ? 
_refine.ls_restrained_S_all                      ? 
_refine.ls_restrained_S_obs                      ? 
_refine.ls_shift_over_esd_max                    ? 
_refine.ls_shift_over_esd_mean                   ? 
_refine.ls_structure_factor_coef                 ? 
_refine.ls_weighting_details                     ? 
_refine.ls_weighting_scheme                      ? 
_refine.ls_wR_factor_all                         ? 
_refine.ls_wR_factor_obs                         ? 
_refine.ls_wR_factor_R_free                      ? 
_refine.ls_wR_factor_R_work                      ? 
_refine.occupancy_max                            ? 
_refine.occupancy_min                            ? 
_refine.solvent_model_details                    'FLAT BULK SOLVENT MODEL' 
_refine.solvent_model_param_bsol                 ? 
_refine.solvent_model_param_ksol                 ? 
_refine.pdbx_R_complete                          ? 
_refine.ls_R_factor_gt                           ? 
_refine.ls_goodness_of_fit_gt                    ? 
_refine.ls_goodness_of_fit_ref                   ? 
_refine.ls_shift_over_su_max                     ? 
_refine.ls_shift_over_su_max_lt                  ? 
_refine.ls_shift_over_su_mean                    ? 
_refine.ls_shift_over_su_mean_lt                 ? 
_refine.pdbx_ls_sigma_I                          ? 
_refine.pdbx_ls_sigma_F                          1.440 
_refine.pdbx_ls_sigma_Fsqd                       ? 
_refine.pdbx_data_cutoff_high_absF               ? 
_refine.pdbx_data_cutoff_high_rms_absF           ? 
_refine.pdbx_data_cutoff_low_absF                ? 
_refine.pdbx_isotropic_thermal_model             ? 
_refine.pdbx_ls_cross_valid_method               THROUGHOUT 
_refine.pdbx_method_to_determine_struct          'MOLECULAR REPLACEMENT' 
_refine.pdbx_starting_model                      4W57 
_refine.pdbx_stereochemistry_target_values       ML 
_refine.pdbx_R_Free_selection_details            ? 
_refine.pdbx_stereochem_target_val_spec_case     ? 
_refine.pdbx_overall_ESU_R                       ? 
_refine.pdbx_overall_ESU_R_Free                  ? 
_refine.pdbx_solvent_vdw_probe_radii             1.1100 
_refine.pdbx_solvent_ion_probe_radii             ? 
_refine.pdbx_solvent_shrinkage_radii             0.9000 
_refine.pdbx_real_space_R                        ? 
_refine.pdbx_density_correlation                 ? 
_refine.pdbx_pd_number_of_powder_patterns        ? 
_refine.pdbx_pd_number_of_points                 ? 
_refine.pdbx_pd_meas_number_of_points            ? 
_refine.pdbx_pd_proc_ls_prof_R_factor            ? 
_refine.pdbx_pd_proc_ls_prof_wR_factor           ? 
_refine.pdbx_pd_Marquardt_correlation_coeff      ? 
_refine.pdbx_pd_Fsqrd_R_factor                   ? 
_refine.pdbx_pd_ls_matrix_band_width             ? 
_refine.pdbx_overall_phase_error                 19.1800 
_refine.pdbx_overall_SU_R_free_Cruickshank_DPI   ? 
_refine.pdbx_overall_SU_R_free_Blow_DPI          ? 
_refine.pdbx_overall_SU_R_Blow_DPI               ? 
_refine.pdbx_TLS_residual_ADP_flag               ? 
_refine.pdbx_diffrn_id                           1 
_refine.overall_SU_B                             ? 
_refine.overall_SU_ML                            0.1200 
_refine.overall_SU_R_Cruickshank_DPI             ? 
_refine.overall_SU_R_free                        ? 
_refine.overall_FOM_free_R_set                   ? 
_refine.overall_FOM_work_R_set                   ? 
_refine.pdbx_average_fsc_overall                 ? 
_refine.pdbx_average_fsc_work                    ? 
_refine.pdbx_average_fsc_free                    ? 
# 
_refine_hist.pdbx_refine_id                   'X-RAY DIFFRACTION' 
_refine_hist.cycle_id                         final 
_refine_hist.details                          ? 
_refine_hist.d_res_high                       1.5000 
_refine_hist.d_res_low                        52.3100 
_refine_hist.number_atoms_solvent             140 
_refine_hist.number_atoms_total               1460 
_refine_hist.number_reflns_all                ? 
_refine_hist.number_reflns_obs                ? 
_refine_hist.number_reflns_R_free             ? 
_refine_hist.number_reflns_R_work             ? 
_refine_hist.R_factor_all                     ? 
_refine_hist.R_factor_obs                     ? 
_refine_hist.R_factor_R_free                  ? 
_refine_hist.R_factor_R_work                  ? 
_refine_hist.pdbx_number_residues_total       162 
_refine_hist.pdbx_B_iso_mean_ligand           23.09 
_refine_hist.pdbx_B_iso_mean_solvent          22.20 
_refine_hist.pdbx_number_atoms_protein        1289 
_refine_hist.pdbx_number_atoms_nucleic_acid   0 
_refine_hist.pdbx_number_atoms_ligand         31 
_refine_hist.pdbx_number_atoms_lipid          ? 
_refine_hist.pdbx_number_atoms_carb           ? 
_refine_hist.pdbx_pseudo_atom_details         ? 
# 
loop_
_refine_ls_restr.pdbx_refine_id 
_refine_ls_restr.criterion 
_refine_ls_restr.dev_ideal 
_refine_ls_restr.dev_ideal_target 
_refine_ls_restr.number 
_refine_ls_restr.rejects 
_refine_ls_restr.type 
_refine_ls_restr.weight 
_refine_ls_restr.pdbx_restraint_function 
'X-RAY DIFFRACTION' ? 0.005 ? 1353 ? f_bond_d           ? ? 
'X-RAY DIFFRACTION' ? 0.803 ? 1820 ? f_angle_d          ? ? 
'X-RAY DIFFRACTION' ? 0.047 ? 197  ? f_chiral_restr     ? ? 
'X-RAY DIFFRACTION' ? 0.005 ? 230  ? f_plane_restr      ? ? 
'X-RAY DIFFRACTION' ? 7.791 ? 1134 ? f_dihedral_angle_d ? ? 
# 
loop_
_refine_ls_shell.pdbx_refine_id 
_refine_ls_shell.d_res_high 
_refine_ls_shell.d_res_low 
_refine_ls_shell.number_reflns_all 
_refine_ls_shell.number_reflns_obs 
_refine_ls_shell.number_reflns_R_free 
_refine_ls_shell.number_reflns_R_work 
_refine_ls_shell.percent_reflns_obs 
_refine_ls_shell.percent_reflns_R_free 
_refine_ls_shell.R_factor_all 
_refine_ls_shell.R_factor_obs 
_refine_ls_shell.R_factor_R_free 
_refine_ls_shell.R_factor_R_free_error 
_refine_ls_shell.R_factor_R_work 
_refine_ls_shell.redundancy_reflns_all 
_refine_ls_shell.redundancy_reflns_obs 
_refine_ls_shell.wR_factor_all 
_refine_ls_shell.wR_factor_obs 
_refine_ls_shell.wR_factor_R_free 
_refine_ls_shell.wR_factor_R_work 
_refine_ls_shell.pdbx_R_complete 
_refine_ls_shell.pdbx_total_number_of_bins_used 
_refine_ls_shell.pdbx_phase_error 
_refine_ls_shell.pdbx_fsc_work 
_refine_ls_shell.pdbx_fsc_free 
'X-RAY DIFFRACTION' 1.5000 1.5484  . . 140 2778 98.0000  . . . 0.2351 0.0000 0.2040 . . . . . . . . . . . 
'X-RAY DIFFRACTION' 1.5484 1.6038  . . 136 2790 100.0000 . . . 0.1917 0.0000 0.1776 . . . . . . . . . . . 
'X-RAY DIFFRACTION' 1.6038 1.6680  . . 126 2840 100.0000 . . . 0.2008 0.0000 0.1822 . . . . . . . . . . . 
'X-RAY DIFFRACTION' 1.6680 1.7439  . . 135 2826 100.0000 . . . 0.2038 0.0000 0.1789 . . . . . . . . . . . 
'X-RAY DIFFRACTION' 1.7439 1.8359  . . 149 2830 100.0000 . . . 0.2126 0.0000 0.1860 . . . . . . . . . . . 
'X-RAY DIFFRACTION' 1.8359 1.9509  . . 174 2828 100.0000 . . . 0.2046 0.0000 0.1842 . . . . . . . . . . . 
'X-RAY DIFFRACTION' 1.9509 2.1015  . . 158 2792 100.0000 . . . 0.2142 0.0000 0.1830 . . . . . . . . . . . 
'X-RAY DIFFRACTION' 2.1015 2.3130  . . 147 2860 100.0000 . . . 0.2068 0.0000 0.1766 . . . . . . . . . . . 
'X-RAY DIFFRACTION' 2.3130 2.6477  . . 138 2876 100.0000 . . . 0.2347 0.0000 0.1894 . . . . . . . . . . . 
'X-RAY DIFFRACTION' 2.6477 3.3357  . . 142 2911 100.0000 . . . 0.1992 0.0000 0.1948 . . . . . . . . . . . 
'X-RAY DIFFRACTION' 3.3357 52.3100 . . 163 3014 100.0000 . . . 0.1786 0.0000 0.1818 . . . . . . . . . . . 
# 
_struct.entry_id                     7LOJ 
_struct.title                        'T4 lysozyme mutant L99A in complex with 4-(3-phenylpropyl)aniline' 
_struct.pdbx_model_details           ? 
_struct.pdbx_formula_weight          ? 
_struct.pdbx_formula_weight_method   ? 
_struct.pdbx_model_type_details      ? 
_struct.pdbx_CASP_flag               N 
# 
_struct_keywords.entry_id        7LOJ 
_struct_keywords.text            'mutant, lysozyme, small molecule, L99A, complex, PROTEIN BINDING, HYDROLASE' 
_struct_keywords.pdbx_keywords   'PROTEIN BINDING,HYDROLASE' 
# 
loop_
_struct_asym.id 
_struct_asym.pdbx_blank_PDB_chainid_flag 
_struct_asym.pdbx_modified 
_struct_asym.entity_id 
_struct_asym.details 
A N N 1 ? 
B N N 2 ? 
C N N 3 ? 
D N N 4 ? 
# 
loop_
_struct_conf.conf_type_id 
_struct_conf.id 
_struct_conf.pdbx_PDB_helix_id 
_struct_conf.beg_label_comp_id 
_struct_conf.beg_label_asym_id 
_struct_conf.beg_label_seq_id 
_struct_conf.pdbx_beg_PDB_ins_code 
_struct_conf.end_label_comp_id 
_struct_conf.end_label_asym_id 
_struct_conf.end_label_seq_id 
_struct_conf.pdbx_end_PDB_ins_code 
_struct_conf.beg_auth_comp_id 
_struct_conf.beg_auth_asym_id 
_struct_conf.beg_auth_seq_id 
_struct_conf.end_auth_comp_id 
_struct_conf.end_auth_asym_id 
_struct_conf.end_auth_seq_id 
_struct_conf.pdbx_PDB_helix_class 
_struct_conf.details 
_struct_conf.pdbx_PDB_helix_length 
HELX_P HELX_P1  AA1 ASN A 2   ? GLY A 12  ? ASN A 2   GLY A 12  1 ? 11 
HELX_P HELX_P2  AA2 SER A 38  ? GLY A 51  ? SER A 38  GLY A 51  1 ? 14 
HELX_P HELX_P3  AA3 THR A 59  ? ASN A 81  ? THR A 59  ASN A 81  1 ? 23 
HELX_P HELX_P4  AA4 LYS A 83  ? LEU A 91  ? LYS A 83  LEU A 91  1 ? 9  
HELX_P HELX_P5  AA5 ASP A 92  ? GLY A 107 ? ASP A 92  GLY A 107 1 ? 16 
HELX_P HELX_P6  AA6 PHE A 114 ? GLN A 123 ? PHE A 114 GLN A 123 1 ? 10 
HELX_P HELX_P7  AA7 ARG A 125 ? LYS A 135 ? ARG A 125 LYS A 135 1 ? 11 
HELX_P HELX_P8  AA8 SER A 136 ? THR A 142 ? SER A 136 THR A 142 1 ? 7  
HELX_P HELX_P9  AA9 THR A 142 ? GLY A 156 ? THR A 142 GLY A 156 1 ? 15 
HELX_P HELX_P10 AB1 TRP A 158 ? LYS A 162 ? TRP A 158 LYS A 162 5 ? 5  
# 
_struct_conf_type.id          HELX_P 
_struct_conf_type.criteria    ? 
_struct_conf_type.reference   ? 
# 
_struct_sheet.id               AA1 
_struct_sheet.type             ? 
_struct_sheet.number_strands   3 
_struct_sheet.details          ? 
# 
loop_
_struct_sheet_order.sheet_id 
_struct_sheet_order.range_id_1 
_struct_sheet_order.range_id_2 
_struct_sheet_order.offset 
_struct_sheet_order.sense 
AA1 1 2 ? anti-parallel 
AA1 2 3 ? anti-parallel 
# 
loop_
_struct_sheet_range.sheet_id 
_struct_sheet_range.id 
_struct_sheet_range.beg_label_comp_id 
_struct_sheet_range.beg_label_asym_id 
_struct_sheet_range.beg_label_seq_id 
_struct_sheet_range.pdbx_beg_PDB_ins_code 
_struct_sheet_range.end_label_comp_id 
_struct_sheet_range.end_label_asym_id 
_struct_sheet_range.end_label_seq_id 
_struct_sheet_range.pdbx_end_PDB_ins_code 
_struct_sheet_range.beg_auth_comp_id 
_struct_sheet_range.beg_auth_asym_id 
_struct_sheet_range.beg_auth_seq_id 
_struct_sheet_range.end_auth_comp_id 
_struct_sheet_range.end_auth_asym_id 
_struct_sheet_range.end_auth_seq_id 
AA1 1 ARG A 14 ? LYS A 19 ? ARG A 14 LYS A 19 
AA1 2 TYR A 25 ? GLY A 28 ? TYR A 25 GLY A 28 
AA1 3 HIS A 31 ? LEU A 32 ? HIS A 31 LEU A 32 
# 
loop_
_pdbx_struct_sheet_hbond.sheet_id 
_pdbx_struct_sheet_hbond.range_id_1 
_pdbx_struct_sheet_hbond.range_id_2 
_pdbx_struct_sheet_hbond.range_1_label_atom_id 
_pdbx_struct_sheet_hbond.range_1_label_comp_id 
_pdbx_struct_sheet_hbond.range_1_label_asym_id 
_pdbx_struct_sheet_hbond.range_1_label_seq_id 
_pdbx_struct_sheet_hbond.range_1_PDB_ins_code 
_pdbx_struct_sheet_hbond.range_1_auth_atom_id 
_pdbx_struct_sheet_hbond.range_1_auth_comp_id 
_pdbx_struct_sheet_hbond.range_1_auth_asym_id 
_pdbx_struct_sheet_hbond.range_1_auth_seq_id 
_pdbx_struct_sheet_hbond.range_2_label_atom_id 
_pdbx_struct_sheet_hbond.range_2_label_comp_id 
_pdbx_struct_sheet_hbond.range_2_label_asym_id 
_pdbx_struct_sheet_hbond.range_2_label_seq_id 
_pdbx_struct_sheet_hbond.range_2_PDB_ins_code 
_pdbx_struct_sheet_hbond.range_2_auth_atom_id 
_pdbx_struct_sheet_hbond.range_2_auth_comp_id 
_pdbx_struct_sheet_hbond.range_2_auth_asym_id 
_pdbx_struct_sheet_hbond.range_2_auth_seq_id 
AA1 1 2 N TYR A 18 ? N TYR A 18 O THR A 26 ? O THR A 26 
AA1 2 3 N ILE A 27 ? N ILE A 27 O HIS A 31 ? O HIS A 31 
# 
loop_
_struct_site.id 
_struct_site.pdbx_evidence_code 
_struct_site.pdbx_auth_asym_id 
_struct_site.pdbx_auth_comp_id 
_struct_site.pdbx_auth_seq_id 
_struct_site.pdbx_auth_ins_code 
_struct_site.pdbx_num_residues 
_struct_site.details 
AC1 Software A EPE 201 ? 8 'binding site for residue EPE A 201' 
AC2 Software A Y8M 202 ? 7 'binding site for residue Y8M A 202' 
# 
loop_
_struct_site_gen.id 
_struct_site_gen.site_id 
_struct_site_gen.pdbx_num_res 
_struct_site_gen.label_comp_id 
_struct_site_gen.label_asym_id 
_struct_site_gen.label_seq_id 
_struct_site_gen.pdbx_auth_ins_code 
_struct_site_gen.auth_comp_id 
_struct_site_gen.auth_asym_id 
_struct_site_gen.auth_seq_id 
_struct_site_gen.label_atom_id 
_struct_site_gen.label_alt_id 
_struct_site_gen.symmetry 
_struct_site_gen.details 
1  AC1 8 GLY A 30  ? GLY A 30  . ? 1_555 ? 
2  AC1 8 HIS A 31  ? HIS A 31  . ? 1_555 ? 
3  AC1 8 LEU A 32  ? LEU A 32  . ? 1_555 ? 
4  AC1 8 LYS A 35  ? LYS A 35  . ? 1_555 ? 
5  AC1 8 ASP A 70  ? ASP A 70  . ? 1_555 ? 
6  AC1 8 PHE A 104 ? PHE A 104 . ? 1_555 ? 
7  AC1 8 THR A 109 ? THR A 109 . ? 1_555 ? 
8  AC1 8 HOH D .   ? HOH A 315 . ? 1_555 ? 
9  AC2 7 ALA A 99  ? ALA A 99  . ? 1_555 ? 
10 AC2 7 MET A 102 ? MET A 102 . ? 1_555 ? 
11 AC2 7 MET A 106 ? MET A 106 . ? 1_555 ? 
12 AC2 7 GLY A 107 ? GLY A 107 . ? 1_555 ? 
13 AC2 7 GLY A 110 ? GLY A 110 . ? 1_555 ? 
14 AC2 7 PHE A 114 ? PHE A 114 . ? 1_555 ? 
15 AC2 7 LEU A 118 ? LEU A 118 . ? 1_555 ? 
# 
_atom_sites.entry_id                    7LOJ 
_atom_sites.Cartn_transf_matrix[1][1]   ? 
_atom_sites.Cartn_transf_matrix[1][2]   ? 
_atom_sites.Cartn_transf_matrix[1][3]   ? 
_atom_sites.Cartn_transf_matrix[2][1]   ? 
_atom_sites.Cartn_transf_matrix[2][2]   ? 
_atom_sites.Cartn_transf_matrix[2][3]   ? 
_atom_sites.Cartn_transf_matrix[3][1]   ? 
_atom_sites.Cartn_transf_matrix[3][2]   ? 
_atom_sites.Cartn_transf_matrix[3][3]   ? 
_atom_sites.Cartn_transf_vector[1]      ? 
_atom_sites.Cartn_transf_vector[2]      ? 
_atom_sites.Cartn_transf_vector[3]      ? 
_atom_sites.fract_transf_matrix[1][1]   -0.00653430 
_atom_sites.fract_transf_matrix[1][2]   -0.01591659 
_atom_sites.fract_transf_matrix[1][3]   0.00833197 
_atom_sites.fract_transf_matrix[2][1]   -0.01093592 
_atom_sites.fract_transf_matrix[2][2]   0.00119404 
_atom_sites.fract_transf_matrix[2][3]   0.01563456 
_atom_sites.fract_transf_matrix[3][1]   -0.00853007 
_atom_sites.fract_transf_matrix[3][2]   0.00036398 
_atom_sites.fract_transf_matrix[3][3]   -0.00599433 
_atom_sites.fract_transf_vector[1]      -0.462404 
_atom_sites.fract_transf_vector[2]      0.315452 
_atom_sites.fract_transf_vector[3]      -0.065218 
_atom_sites.solution_primary            ? 
_atom_sites.solution_secondary          ? 
_atom_sites.solution_hydrogens          ? 
_atom_sites.special_details             ? 
# 
loop_
_atom_type.symbol 
C 
N 
O 
S 
# 
loop_
_atom_site.group_PDB 
_atom_site.id 
_atom_site.type_symbol 
_atom_site.label_atom_id 
_atom_site.label_alt_id 
_atom_site.label_comp_id 
_atom_site.label_asym_id 
_atom_site.label_entity_id 
_atom_site.label_seq_id 
_atom_site.pdbx_PDB_ins_code 
_atom_site.Cartn_x 
_atom_site.Cartn_y 
_atom_site.Cartn_z 
_atom_site.occupancy 
_atom_site.B_iso_or_equiv 
_atom_site.pdbx_formal_charge 
_atom_site.auth_seq_id 
_atom_site.auth_comp_id 
_atom_site.auth_asym_id 
_atom_site.auth_atom_id 
_atom_site.pdbx_PDB_model_num 
ATOM   1    N N   . MET A 1 1   ? 2.190   17.206  -0.588  1.00 24.04 ?  1   MET A N   1 
ATOM   2    C CA  A MET A 1 1   ? 2.120   15.751  -0.625  0.61 20.74 ?  1   MET A CA  1 
ATOM   3    C CA  B MET A 1 1   ? 2.168   15.744  -0.536  0.39 20.72 ?  1   MET A CA  1 
ATOM   4    C C   . MET A 1 1   ? 0.920   15.218  0.168   1.00 19.49 ?  1   MET A C   1 
ATOM   5    O O   . MET A 1 1   ? 0.499   15.776  1.170   1.00 21.17 ?  1   MET A O   1 
ATOM   6    C CB  A MET A 1 1   ? 3.436   15.154  -0.112  0.61 20.64 ?  1   MET A CB  1 
ATOM   7    C CB  B MET A 1 1   ? 3.424   15.220  0.170   0.39 20.31 ?  1   MET A CB  1 
ATOM   8    C CG  A MET A 1 1   ? 3.536   13.643  -0.224  0.61 17.86 ?  1   MET A CG  1 
ATOM   9    C CG  B MET A 1 1   ? 4.685   15.299  -0.671  0.39 20.61 ?  1   MET A CG  1 
ATOM   10   S SD  A MET A 1 1   ? 3.822   12.943  -1.860  0.61 20.86 ?  1   MET A SD  1 
ATOM   11   S SD  B MET A 1 1   ? 4.707   14.090  -2.012  0.39 25.53 ?  1   MET A SD  1 
ATOM   12   C CE  A MET A 1 1   ? 5.206   13.917  -2.438  0.61 24.04 ?  1   MET A CE  1 
ATOM   13   C CE  B MET A 1 1   ? 4.180   12.617  -1.139  0.39 18.82 ?  1   MET A CE  1 
ATOM   14   N N   . ASN A 1 2   ? 0.346   14.132  -0.344  1.00 16.34 ?  2   ASN A N   1 
ATOM   15   C CA  . ASN A 1 2   ? -0.804  13.471  0.255   1.00 14.31 ?  2   ASN A CA  1 
ATOM   16   C C   . ASN A 1 2   ? -0.686  11.993  -0.095  1.00 13.50 ?  2   ASN A C   1 
ATOM   17   O O   . ASN A 1 2   ? 0.234   11.588  -0.810  1.00 12.67 ?  2   ASN A O   1 
ATOM   18   C CB  . ASN A 1 2   ? -2.123  14.086  -0.239  1.00 15.63 ?  2   ASN A CB  1 
ATOM   19   C CG  . ASN A 1 2   ? -2.260  14.045  -1.752  1.00 17.37 ?  2   ASN A CG  1 
ATOM   20   O OD1 . ASN A 1 2   ? -2.198  12.978  -2.368  1.00 13.95 ?  2   ASN A OD1 1 
ATOM   21   N ND2 . ASN A 1 2   ? -2.463  15.206  -2.358  1.00 15.56 ?  2   ASN A ND2 1 
ATOM   22   N N   . ILE A 1 3   ? -1.643  11.190  0.384   1.00 13.15 ?  3   ILE A N   1 
ATOM   23   C CA  . ILE A 1 3   ? -1.548  9.738   0.214   1.00 11.89 ?  3   ILE A CA  1 
ATOM   24   C C   . ILE A 1 3   ? -1.590  9.341   -1.260  1.00 12.06 ?  3   ILE A C   1 
ATOM   25   O O   . ILE A 1 3   ? -0.952  8.356   -1.663  1.00 11.73 ?  3   ILE A O   1 
ATOM   26   C CB  . ILE A 1 3   ? -2.657  9.029   1.023   1.00 12.93 ?  3   ILE A CB  1 
ATOM   27   C CG1 . ILE A 1 3   ? -2.525  7.514   0.937   1.00 12.28 ?  3   ILE A CG1 1 
ATOM   28   C CG2 . ILE A 1 3   ? -4.049  9.473   0.571   1.00 13.66 ?  3   ILE A CG2 1 
ATOM   29   C CD1 . ILE A 1 3   ? -1.174  6.979   1.419   1.00 12.72 ?  3   ILE A CD1 1 
ATOM   30   N N   . PHE A 1 4   ? -2.337  10.079  -2.085  1.00 10.75 ?  4   PHE A N   1 
ATOM   31   C CA  . PHE A 1 4   ? -2.381  9.741   -3.504  1.00 10.48 ?  4   PHE A CA  1 
ATOM   32   C C   . PHE A 1 4   ? -1.048  10.011  -4.179  1.00 11.91 ?  4   PHE A C   1 
ATOM   33   O O   . PHE A 1 4   ? -0.558  9.172   -4.943  1.00 12.21 ?  4   PHE A O   1 
ATOM   34   C CB  . PHE A 1 4   ? -3.519  10.492  -4.187  1.00 10.84 ?  4   PHE A CB  1 
ATOM   35   C CG  . PHE A 1 4   ? -4.862  10.067  -3.696  1.00 11.72 ?  4   PHE A CG  1 
ATOM   36   C CD1 . PHE A 1 4   ? -5.488  8.965   -4.245  1.00 15.42 ?  4   PHE A CD1 1 
ATOM   37   C CD2 . PHE A 1 4   ? -5.473  10.733  -2.647  1.00 15.44 ?  4   PHE A CD2 1 
ATOM   38   C CE1 . PHE A 1 4   ? -6.719  8.557   -3.769  1.00 16.93 ?  4   PHE A CE1 1 
ATOM   39   C CE2 . PHE A 1 4   ? -6.698  10.317  -2.170  1.00 17.29 ?  4   PHE A CE2 1 
ATOM   40   C CZ  . PHE A 1 4   ? -7.316  9.236   -2.737  1.00 14.73 ?  4   PHE A CZ  1 
ATOM   41   N N   . GLU A 1 5   ? -0.436  11.171  -3.911  1.00 11.29 ?  5   GLU A N   1 
ATOM   42   C CA  . GLU A 1 5   ? 0.864   11.451  -4.517  1.00 11.34 ?  5   GLU A CA  1 
ATOM   43   C C   . GLU A 1 5   ? 1.931   10.483  -4.010  1.00 10.98 ?  5   GLU A C   1 
ATOM   44   O O   . GLU A 1 5   ? 2.796   10.043  -4.778  1.00 12.64 ?  5   GLU A O   1 
ATOM   45   C CB  . GLU A 1 5   ? 1.276   12.901  -4.241  1.00 12.22 ?  5   GLU A CB  1 
ATOM   46   C CG  . GLU A 1 5   ? 0.365   13.928  -4.887  1.00 13.96 ?  5   GLU A CG  1 
ATOM   47   C CD  . GLU A 1 5   ? 0.761   15.359  -4.571  1.00 20.44 ?  5   GLU A CD  1 
ATOM   48   O OE1 . GLU A 1 5   ? 1.704   15.565  -3.784  1.00 27.01 ?  5   GLU A OE1 1 
ATOM   49   O OE2 . GLU A 1 5   ? 0.145   16.284  -5.134  1.00 22.01 ?  5   GLU A OE2 1 
ATOM   50   N N   . MET A 1 6   ? 1.851   10.119  -2.729  1.00 10.52 ?  6   MET A N   1 
ATOM   51   C CA  . MET A 1 6   ? 2.802   9.184   -2.126  1.00 10.52 ?  6   MET A CA  1 
ATOM   52   C C   . MET A 1 6   ? 2.740   7.811   -2.793  1.00 11.14 ?  6   MET A C   1 
ATOM   53   O O   . MET A 1 6   ? 3.770   7.247   -3.185  1.00 10.78 ?  6   MET A O   1 
ATOM   54   C CB  . MET A 1 6   ? 2.501   9.072   -0.634  1.00 9.44  ?  6   MET A CB  1 
ATOM   55   C CG  . MET A 1 6   ? 3.459   8.181   0.146   1.00 10.83 ?  6   MET A CG  1 
ATOM   56   S SD  . MET A 1 6   ? 2.682   7.715   1.708   1.00 10.56 ?  6   MET A SD  1 
ATOM   57   C CE  . MET A 1 6   ? 4.099   7.355   2.743   1.00 12.23 ?  6   MET A CE  1 
ATOM   58   N N   . LEU A 1 7   ? 1.537   7.242   -2.903  1.00 10.35 ?  7   LEU A N   1 
ATOM   59   C CA  . LEU A 1 7   ? 1.399   5.919   -3.502  1.00 9.74  ?  7   LEU A CA  1 
ATOM   60   C C   . LEU A 1 7   ? 1.630   5.951   -5.008  1.00 11.11 ?  7   LEU A C   1 
ATOM   61   O O   . LEU A 1 7   ? 2.086   4.957   -5.581  1.00 13.00 ?  7   LEU A O   1 
ATOM   62   C CB  . LEU A 1 7   ? 0.022   5.330   -3.186  1.00 10.03 ?  7   LEU A CB  1 
ATOM   63   C CG  . LEU A 1 7   ? -0.051  4.660   -1.815  1.00 9.55  ?  7   LEU A CG  1 
ATOM   64   C CD1 . LEU A 1 7   ? -1.494  4.358   -1.391  1.00 11.66 ?  7   LEU A CD1 1 
ATOM   65   C CD2 . LEU A 1 7   ? 0.783   3.383   -1.809  1.00 9.60  ?  7   LEU A CD2 1 
ATOM   66   N N   . ARG A 1 8   ? 1.344   7.074   -5.668  1.00 12.14 ?  8   ARG A N   1 
ATOM   67   C CA  . ARG A 1 8   ? 1.680   7.178   -7.084  1.00 12.13 ?  8   ARG A CA  1 
ATOM   68   C C   . ARG A 1 8   ? 3.191   7.088   -7.304  1.00 13.12 ?  8   ARG A C   1 
ATOM   69   O O   . ARG A 1 8   ? 3.646   6.481   -8.280  1.00 14.31 ?  8   ARG A O   1 
ATOM   70   C CB  . ARG A 1 8   ? 1.111   8.480   -7.653  1.00 14.36 ?  8   ARG A CB  1 
ATOM   71   C CG  . ARG A 1 8   ? 1.534   8.792   -9.071  1.00 16.72 ?  8   ARG A CG  1 
ATOM   72   C CD  . ARG A 1 8   ? 0.949   7.818   -10.088 1.00 17.19 ?  8   ARG A CD  1 
ATOM   73   N NE  . ARG A 1 8   ? 1.374   8.205   -11.434 1.00 20.81 ?  8   ARG A NE  1 
ATOM   74   C CZ  . ARG A 1 8   ? 2.594   7.997   -11.920 1.00 21.35 ?  8   ARG A CZ  1 
ATOM   75   N NH1 . ARG A 1 8   ? 3.512   7.383   -11.190 1.00 22.46 ?  8   ARG A NH1 1 
ATOM   76   N NH2 . ARG A 1 8   ? 2.892   8.397   -13.152 1.00 26.01 ?  8   ARG A NH2 1 
ATOM   77   N N   . ILE A 1 9   ? 3.982   7.692   -6.407  1.00 12.45 ?  9   ILE A N   1 
ATOM   78   C CA  . ILE A 1 9   ? 5.438   7.552   -6.453  1.00 12.44 ?  9   ILE A CA  1 
ATOM   79   C C   . ILE A 1 9   ? 5.846   6.100   -6.230  1.00 12.47 ?  9   ILE A C   1 
ATOM   80   O O   . ILE A 1 9   ? 6.681   5.552   -6.956  1.00 15.24 ?  9   ILE A O   1 
ATOM   81   C CB  . ILE A 1 9   ? 6.096   8.493   -5.422  1.00 12.26 ?  9   ILE A CB  1 
ATOM   82   C CG1 . ILE A 1 9   ? 6.004   9.940   -5.911  1.00 13.80 ?  9   ILE A CG1 1 
ATOM   83   C CG2 . ILE A 1 9   ? 7.561   8.090   -5.130  1.00 12.80 ?  9   ILE A CG2 1 
ATOM   84   C CD1 . ILE A 1 9   ? 6.236   10.958  -4.801  1.00 14.71 ?  9   ILE A CD1 1 
ATOM   85   N N   . ASP A 1 10  ? 5.259   5.452   -5.219  1.00 10.87 ?  10  ASP A N   1 
ATOM   86   C CA  . ASP A 1 10  ? 5.706   4.111   -4.853  1.00 11.49 ?  10  ASP A CA  1 
ATOM   87   C C   . ASP A 1 10  ? 5.227   3.045   -5.831  1.00 12.59 ?  10  ASP A C   1 
ATOM   88   O O   . ASP A 1 10  ? 5.919   2.035   -6.026  1.00 14.52 ?  10  ASP A O   1 
ATOM   89   C CB  . ASP A 1 10  ? 5.232   3.774   -3.438  1.00 10.81 ?  10  ASP A CB  1 
ATOM   90   C CG  . ASP A 1 10  ? 6.031   4.489   -2.370  1.00 11.94 ?  10  ASP A CG  1 
ATOM   91   O OD1 . ASP A 1 10  ? 7.199   4.846   -2.630  1.00 11.98 ?  10  ASP A OD1 1 
ATOM   92   O OD2 . ASP A 1 10  ? 5.498   4.704   -1.265  1.00 11.31 ?  10  ASP A OD2 1 
ATOM   93   N N   . GLU A 1 11  ? 4.057   3.231   -6.445  1.00 11.08 ?  11  GLU A N   1 
ATOM   94   C CA  . GLU A 1 11  ? 3.501   2.202   -7.324  1.00 11.34 ?  11  GLU A CA  1 
ATOM   95   C C   . GLU A 1 11  ? 3.640   2.497   -8.808  1.00 12.74 ?  11  GLU A C   1 
ATOM   96   O O   . GLU A 1 11  ? 3.527   1.562   -9.612  1.00 16.67 ?  11  GLU A O   1 
ATOM   97   C CB  . GLU A 1 11  ? 2.014   1.988   -7.024  1.00 12.52 ?  11  GLU A CB  1 
ATOM   98   C CG  . GLU A 1 11  ? 1.721   1.623   -5.587  1.00 14.00 ?  11  GLU A CG  1 
ATOM   99   C CD  . GLU A 1 11  ? 2.072   0.189   -5.256  1.00 15.10 ?  11  GLU A CD  1 
ATOM   100  O OE1 . GLU A 1 11  ? 2.466   -0.575  -6.167  1.00 16.81 ?  11  GLU A OE1 1 
ATOM   101  O OE2 . GLU A 1 11  ? 1.938   -0.190  -4.078  1.00 17.04 ?  11  GLU A OE2 1 
ATOM   102  N N   . GLY A 1 12  ? 3.852   3.747   -9.203  1.00 12.00 ?  12  GLY A N   1 
ATOM   103  C CA  . GLY A 1 12  ? 3.902   4.045   -10.625 1.00 12.73 ?  12  GLY A CA  1 
ATOM   104  C C   . GLY A 1 12  ? 2.523   4.018   -11.272 1.00 12.79 ?  12  GLY A C   1 
ATOM   105  O O   . GLY A 1 12  ? 1.486   3.920   -10.617 1.00 14.48 ?  12  GLY A O   1 
ATOM   106  N N   . LEU A 1 13  ? 2.540   4.100   -12.604 1.00 14.50 ?  13  LEU A N   1 
ATOM   107  C CA  . LEU A 1 13  ? 1.324   4.018   -13.414 1.00 14.34 ?  13  LEU A CA  1 
ATOM   108  C C   . LEU A 1 13  ? 1.634   3.250   -14.688 1.00 15.20 ?  13  LEU A C   1 
ATOM   109  O O   . LEU A 1 13  ? 2.484   3.670   -15.479 1.00 17.99 ?  13  LEU A O   1 
ATOM   110  C CB  . LEU A 1 13  ? 0.779   5.411   -13.752 1.00 16.31 ?  13  LEU A CB  1 
ATOM   111  C CG  . LEU A 1 13  ? -0.366  5.446   -14.772 1.00 16.86 ?  13  LEU A CG  1 
ATOM   112  C CD1 . LEU A 1 13  ? -1.622  4.823   -14.191 1.00 14.92 ?  13  LEU A CD1 1 
ATOM   113  C CD2 . LEU A 1 13  ? -0.652  6.871   -15.211 1.00 22.42 ?  13  LEU A CD2 1 
ATOM   114  N N   . ARG A 1 14  ? 0.950   2.125   -14.890 1.00 13.30 ?  14  ARG A N   1 
ATOM   115  C CA  . ARG A 1 14  ? 1.062   1.351   -16.117 1.00 15.47 ?  14  ARG A CA  1 
ATOM   116  C C   . ARG A 1 14  ? -0.343  1.000   -16.582 1.00 15.46 ?  14  ARG A C   1 
ATOM   117  O O   . ARG A 1 14  ? -1.174  0.563   -15.779 1.00 14.78 ?  14  ARG A O   1 
ATOM   118  C CB  . ARG A 1 14  ? 1.908   0.096   -15.902 1.00 15.69 ?  14  ARG A CB  1 
ATOM   119  C CG  . ARG A 1 14  ? 3.367   0.428   -15.582 1.00 19.52 ?  14  ARG A CG  1 
ATOM   120  C CD  . ARG A 1 14  ? 4.221   -0.803  -15.273 1.00 22.22 ?  14  ARG A CD  1 
ATOM   121  N NE  . ARG A 1 14  ? 4.684   -1.445  -16.499 1.00 29.79 ?  14  ARG A NE  1 
ATOM   122  C CZ  . ARG A 1 14  ? 5.493   -2.500  -16.536 1.00 29.49 ?  14  ARG A CZ  1 
ATOM   123  N NH1 . ARG A 1 14  ? 5.937   -3.041  -15.409 1.00 26.66 ?  14  ARG A NH1 1 
ATOM   124  N NH2 . ARG A 1 14  ? 5.856   -3.013  -17.705 1.00 35.30 ?  14  ARG A NH2 1 
ATOM   125  N N   . LEU A 1 15  ? -0.610  1.204   -17.873 1.00 14.93 ?  15  LEU A N   1 
ATOM   126  C CA  . LEU A 1 15  ? -1.960  1.059   -18.403 1.00 14.67 ?  15  LEU A CA  1 
ATOM   127  C C   . LEU A 1 15  ? -2.241  -0.324  -18.972 1.00 14.14 ?  15  LEU A C   1 
ATOM   128  O O   . LEU A 1 15  ? -3.397  -0.613  -19.313 1.00 16.01 ?  15  LEU A O   1 
ATOM   129  C CB  . LEU A 1 15  ? -2.211  2.131   -19.473 1.00 16.00 ?  15  LEU A CB  1 
ATOM   130  C CG  . LEU A 1 15  ? -2.150  3.585   -18.994 1.00 17.17 ?  15  LEU A CG  1 
ATOM   131  C CD1 . LEU A 1 15  ? -2.559  4.529   -20.117 1.00 19.65 ?  15  LEU A CD1 1 
ATOM   132  C CD2 . LEU A 1 15  ? -3.019  3.804   -17.757 1.00 19.29 ?  15  LEU A CD2 1 
ATOM   133  N N   . LYS A 1 16  ? -1.236  -1.186  -19.066 1.00 14.39 ?  16  LYS A N   1 
ATOM   134  C CA  . LYS A 1 16  ? -1.405  -2.565  -19.496 1.00 13.67 ?  16  LYS A CA  1 
ATOM   135  C C   . LYS A 1 16  ? -1.018  -3.490  -18.352 1.00 13.60 ?  16  LYS A C   1 
ATOM   136  O O   . LYS A 1 16  ? -0.200  -3.124  -17.497 1.00 14.59 ?  16  LYS A O   1 
ATOM   137  C CB  . LYS A 1 16  ? -0.543  -2.871  -20.736 1.00 17.99 ?  16  LYS A CB  1 
ATOM   138  C CG  . LYS A 1 16  ? -0.866  -1.969  -21.923 1.00 23.98 ?  16  LYS A CG  1 
ATOM   139  C CD  . LYS A 1 16  ? 0.013   -2.260  -23.132 1.00 28.64 ?  16  LYS A CD  1 
ATOM   140  C CE  . LYS A 1 16  ? -0.555  -1.588  -24.376 1.00 32.78 ?  16  LYS A CE  1 
ATOM   141  N NZ  . LYS A 1 16  ? 0.212   -1.927  -25.605 1.00 39.02 ?  16  LYS A NZ  1 
ATOM   142  N N   . ILE A 1 17  ? -1.602  -4.693  -18.339 1.00 12.55 ?  17  ILE A N   1 
ATOM   143  C CA  . ILE A 1 17  ? -1.300  -5.659  -17.289 1.00 11.53 ?  17  ILE A CA  1 
ATOM   144  C C   . ILE A 1 17  ? 0.202   -5.858  -17.204 1.00 13.30 ?  17  ILE A C   1 
ATOM   145  O O   . ILE A 1 17  ? 0.885   -6.027  -18.220 1.00 14.66 ?  17  ILE A O   1 
ATOM   146  C CB  . ILE A 1 17  ? -2.039  -6.985  -17.541 1.00 12.95 ?  17  ILE A CB  1 
ATOM   147  C CG1 . ILE A 1 17  ? -3.538  -6.791  -17.304 1.00 13.60 ?  17  ILE A CG1 1 
ATOM   148  C CG2 . ILE A 1 17  ? -1.478  -8.095  -16.645 1.00 13.99 ?  17  ILE A CG2 1 
ATOM   149  C CD1 . ILE A 1 17  ? -4.372  -8.043  -17.543 1.00 13.03 ?  17  ILE A CD1 1 
ATOM   150  N N   . TYR A 1 18  ? 0.721   -5.801  -15.978 1.00 12.00 ?  18  TYR A N   1 
ATOM   151  C CA  . TYR A 1 18  ? 2.129   -6.031  -15.685 1.00 12.12 ?  18  TYR A CA  1 
ATOM   152  C C   . TYR A 1 18  ? 2.234   -6.932  -14.461 1.00 12.90 ?  18  TYR A C   1 
ATOM   153  O O   . TYR A 1 18  ? 1.251   -7.191  -13.763 1.00 13.17 ?  18  TYR A O   1 
ATOM   154  C CB  . TYR A 1 18  ? 2.873   -4.705  -15.447 1.00 14.84 ?  18  TYR A CB  1 
ATOM   155  C CG  . TYR A 1 18  ? 2.428   -3.888  -14.239 1.00 14.28 ?  18  TYR A CG  1 
ATOM   156  C CD1 . TYR A 1 18  ? 1.348   -3.026  -14.313 1.00 14.04 ?  18  TYR A CD1 1 
ATOM   157  C CD2 . TYR A 1 18  ? 3.117   -3.958  -13.028 1.00 15.98 ?  18  TYR A CD2 1 
ATOM   158  C CE1 . TYR A 1 18  ? 0.948   -2.255  -13.215 1.00 13.97 ?  18  TYR A CE1 1 
ATOM   159  C CE2 . TYR A 1 18  ? 2.720   -3.194  -11.922 1.00 13.77 ?  18  TYR A CE2 1 
ATOM   160  C CZ  . TYR A 1 18  ? 1.633   -2.344  -12.025 1.00 15.56 ?  18  TYR A CZ  1 
ATOM   161  O OH  . TYR A 1 18  ? 1.235   -1.575  -10.942 1.00 15.77 ?  18  TYR A OH  1 
ATOM   162  N N   . LYS A 1 19  ? 3.440   -7.419  -14.191 1.00 14.30 ?  19  LYS A N   1 
ATOM   163  C CA  . LYS A 1 19  ? 3.692   -8.192  -12.982 1.00 13.53 ?  19  LYS A CA  1 
ATOM   164  C C   . LYS A 1 19  ? 4.307   -7.283  -11.927 1.00 13.50 ?  19  LYS A C   1 
ATOM   165  O O   . LYS A 1 19  ? 5.227   -6.515  -12.229 1.00 15.49 ?  19  LYS A O   1 
ATOM   166  C CB  . LYS A 1 19  ? 4.616   -9.375  -13.252 1.00 14.13 ?  19  LYS A CB  1 
ATOM   167  C CG  . LYS A 1 19  ? 3.924   -10.515 -13.989 1.00 13.49 ?  19  LYS A CG  1 
ATOM   168  C CD  . LYS A 1 19  ? 4.856   -11.710 -14.133 1.00 16.17 ?  19  LYS A CD  1 
ATOM   169  C CE  . LYS A 1 19  ? 4.231   -12.794 -14.980 1.00 18.32 ?  19  LYS A CE  1 
ATOM   170  N NZ  . LYS A 1 19  ? 5.203   -13.921 -15.118 1.00 20.23 ?  19  LYS A NZ  1 
ATOM   171  N N   . ASP A 1 20  ? 3.799   -7.380  -10.702 1.00 13.34 ?  20  ASP A N   1 
ATOM   172  C CA  . ASP A 1 20  ? 4.308   -6.572  -9.602  1.00 11.77 ?  20  ASP A CA  1 
ATOM   173  C C   . ASP A 1 20  ? 5.625   -7.163  -9.100  1.00 13.31 ?  20  ASP A C   1 
ATOM   174  O O   . ASP A 1 20  ? 6.181   -8.102  -9.681  1.00 12.98 ?  20  ASP A O   1 
ATOM   175  C CB  . ASP A 1 20  ? 3.248   -6.428  -8.505  1.00 12.61 ?  20  ASP A CB  1 
ATOM   176  C CG  . ASP A 1 20  ? 2.983   -7.722  -7.712  1.00 13.74 ?  20  ASP A CG  1 
ATOM   177  O OD1 . ASP A 1 20  ? 3.663   -8.749  -7.897  1.00 11.98 ?  20  ASP A OD1 1 
ATOM   178  O OD2 . ASP A 1 20  ? 2.043   -7.730  -6.885  1.00 18.01 ?  20  ASP A OD2 1 
ATOM   179  N N   . THR A 1 21  ? 6.135   -6.611  -7.993  1.00 12.27 ?  21  THR A N   1 
ATOM   180  C CA  . THR A 1 21  ? 7.441   -7.023  -7.485  1.00 12.79 ?  21  THR A CA  1 
ATOM   181  C C   . THR A 1 21  ? 7.441   -8.474  -7.031  1.00 13.32 ?  21  THR A C   1 
ATOM   182  O O   . THR A 1 21  ? 8.515   -9.078  -6.948  1.00 13.46 ?  21  THR A O   1 
ATOM   183  C CB  . THR A 1 21  ? 7.890   -6.117  -6.324  1.00 13.98 ?  21  THR A CB  1 
ATOM   184  O OG1 . THR A 1 21  ? 7.060   -6.322  -5.176  1.00 18.60 ?  21  THR A OG1 1 
ATOM   185  C CG2 . THR A 1 21  ? 7.839   -4.641  -6.703  1.00 16.26 ?  21  THR A CG2 1 
ATOM   186  N N   . GLU A 1 22  ? 6.273   -9.042  -6.735  1.00 11.43 ?  22  GLU A N   1 
ATOM   187  C CA  . GLU A 1 22  ? 6.147   -10.443 -6.355  1.00 11.38 ?  22  GLU A CA  1 
ATOM   188  C C   . GLU A 1 22  ? 5.840   -11.355 -7.536  1.00 12.72 ?  22  GLU A C   1 
ATOM   189  O O   . GLU A 1 22  ? 5.690   -12.564 -7.336  1.00 14.73 ?  22  GLU A O   1 
ATOM   190  C CB  . GLU A 1 22  ? 5.051   -10.611 -5.292  1.00 13.30 ?  22  GLU A CB  1 
ATOM   191  C CG  . GLU A 1 22  ? 5.308   -9.851  -4.004  1.00 14.69 ?  22  GLU A CG  1 
ATOM   192  C CD  . GLU A 1 22  ? 6.447   -10.439 -3.185  1.00 19.05 ?  22  GLU A CD  1 
ATOM   193  O OE1 . GLU A 1 22  ? 6.801   -11.626 -3.380  1.00 20.94 ?  22  GLU A OE1 1 
ATOM   194  O OE2 . GLU A 1 22  ? 7.005   -9.695  -2.351  1.00 25.31 ?  22  GLU A OE2 1 
ATOM   195  N N   . GLY A 1 23  ? 5.740   -10.812 -8.751  1.00 12.14 ?  23  GLY A N   1 
ATOM   196  C CA  . GLY A 1 23  ? 5.377   -11.603 -9.912  1.00 11.73 ?  23  GLY A CA  1 
ATOM   197  C C   . GLY A 1 23  ? 3.887   -11.754 -10.169 1.00 12.54 ?  23  GLY A C   1 
ATOM   198  O O   . GLY A 1 23  ? 3.502   -12.587 -11.000 1.00 15.69 ?  23  GLY A O   1 
ATOM   199  N N   . TYR A 1 24  ? 3.038   -10.964 -9.510  1.00 11.51 ?  24  TYR A N   1 
ATOM   200  C CA  . TYR A 1 24  ? 1.588   -11.099 -9.620  1.00 13.02 ?  24  TYR A CA  1 
ATOM   201  C C   . TYR A 1 24  ? 1.013   -10.091 -10.602 1.00 11.59 ?  24  TYR A C   1 
ATOM   202  O O   . TYR A 1 24  ? 1.389   -8.917  -10.593 1.00 10.67 ?  24  TYR A O   1 
ATOM   203  C CB  . TYR A 1 24  ? 0.913   -10.886 -8.266  1.00 12.11 ?  24  TYR A CB  1 
ATOM   204  C CG  . TYR A 1 24  ? 1.286   -11.867 -7.189  1.00 15.61 ?  24  TYR A CG  1 
ATOM   205  C CD1 . TYR A 1 24  ? 1.385   -13.222 -7.459  1.00 19.01 ?  24  TYR A CD1 1 
ATOM   206  C CD2 . TYR A 1 24  ? 1.516   -11.430 -5.888  1.00 16.35 ?  24  TYR A CD2 1 
ATOM   207  C CE1 . TYR A 1 24  ? 1.721   -14.125 -6.451  1.00 22.29 ?  24  TYR A CE1 1 
ATOM   208  C CE2 . TYR A 1 24  ? 1.848   -12.320 -4.881  1.00 18.07 ?  24  TYR A CE2 1 
ATOM   209  C CZ  . TYR A 1 24  ? 1.953   -13.661 -5.173  1.00 20.42 ?  24  TYR A CZ  1 
ATOM   210  O OH  . TYR A 1 24  ? 2.281   -14.549 -4.168  1.00 27.62 ?  24  TYR A OH  1 
ATOM   211  N N   . TYR A 1 25  ? 0.048   -10.543 -11.405 1.00 11.07 ?  25  TYR A N   1 
ATOM   212  C CA  . TYR A 1 25  ? -0.589  -9.667  -12.387 1.00 10.02 ?  25  TYR A CA  1 
ATOM   213  C C   . TYR A 1 25  ? -1.307  -8.500  -11.721 1.00 9.83  ?  25  TYR A C   1 
ATOM   214  O O   . TYR A 1 25  ? -2.113  -8.681  -10.799 1.00 10.51 ?  25  TYR A O   1 
ATOM   215  C CB  . TYR A 1 25  ? -1.565  -10.472 -13.241 1.00 10.85 ?  25  TYR A CB  1 
ATOM   216  C CG  . TYR A 1 25  ? -0.884  -11.460 -14.176 1.00 11.73 ?  25  TYR A CG  1 
ATOM   217  C CD1 . TYR A 1 25  ? 0.034   -11.026 -15.128 1.00 15.20 ?  25  TYR A CD1 1 
ATOM   218  C CD2 . TYR A 1 25  ? -1.158  -12.815 -14.103 1.00 13.06 ?  25  TYR A CD2 1 
ATOM   219  C CE1 . TYR A 1 25  ? 0.656   -11.932 -15.994 1.00 14.89 ?  25  TYR A CE1 1 
ATOM   220  C CE2 . TYR A 1 25  ? -0.536  -13.723 -14.963 1.00 16.23 ?  25  TYR A CE2 1 
ATOM   221  C CZ  . TYR A 1 25  ? 0.358   -13.273 -15.899 1.00 17.30 ?  25  TYR A CZ  1 
ATOM   222  O OH  . TYR A 1 25  ? 0.977   -14.169 -16.757 1.00 20.86 ?  25  TYR A OH  1 
ATOM   223  N N   . THR A 1 26  ? -1.029  -7.306  -12.240 1.00 10.24 ?  26  THR A N   1 
ATOM   224  C CA  . THR A 1 26  ? -1.376  -6.017  -11.662 1.00 11.62 ?  26  THR A CA  1 
ATOM   225  C C   . THR A 1 26  ? -1.652  -5.054  -12.814 1.00 10.84 ?  26  THR A C   1 
ATOM   226  O O   . THR A 1 26  ? -1.248  -5.303  -13.950 1.00 12.07 ?  26  THR A O   1 
ATOM   227  C CB  . THR A 1 26  ? -0.213  -5.534  -10.777 1.00 11.26 ?  26  THR A CB  1 
ATOM   228  O OG1 . THR A 1 26  ? 0.046   -6.528  -9.784  1.00 11.31 ?  26  THR A OG1 1 
ATOM   229  C CG2 . THR A 1 26  ? -0.499  -4.208  -10.082 1.00 11.73 ?  26  THR A CG2 1 
ATOM   230  N N   . ILE A 1 27  ? -2.370  -3.958  -12.539 1.00 10.03 ?  27  ILE A N   1 
ATOM   231  C CA  . ILE A 1 27  ? -2.554  -2.914  -13.543 1.00 10.43 ?  27  ILE A CA  1 
ATOM   232  C C   . ILE A 1 27  ? -2.694  -1.567  -12.850 1.00 11.55 ?  27  ILE A C   1 
ATOM   233  O O   . ILE A 1 27  ? -2.947  -1.489  -11.645 1.00 10.85 ?  27  ILE A O   1 
ATOM   234  C CB  . ILE A 1 27  ? -3.776  -3.219  -14.446 1.00 13.30 ?  27  ILE A CB  1 
ATOM   235  C CG1 . ILE A 1 27  ? -3.707  -2.421  -15.755 1.00 12.91 ?  27  ILE A CG1 1 
ATOM   236  C CG2 . ILE A 1 27  ? -5.074  -2.951  -13.695 1.00 13.37 ?  27  ILE A CG2 1 
ATOM   237  C CD1 . ILE A 1 27  ? -4.687  -2.902  -16.797 1.00 15.43 ?  27  ILE A CD1 1 
ATOM   238  N N   . GLY A 1 28  ? -2.507  -0.500  -13.620 1.00 12.16 ?  28  GLY A N   1 
ATOM   239  C CA  . GLY A 1 28  ? -2.807  0.827   -13.107 1.00 12.39 ?  28  GLY A CA  1 
ATOM   240  C C   . GLY A 1 28  ? -1.761  1.276   -12.101 1.00 12.57 ?  28  GLY A C   1 
ATOM   241  O O   . GLY A 1 28  ? -0.548  1.163   -12.329 1.00 12.90 ?  28  GLY A O   1 
ATOM   242  N N   . ILE A 1 29  ? -2.242  1.796   -10.975 1.00 9.75  ?  29  ILE A N   1 
ATOM   243  C CA  . ILE A 1 29  ? -1.392  2.272   -9.889  1.00 10.68 ?  29  ILE A CA  1 
ATOM   244  C C   . ILE A 1 29  ? -1.376  1.200   -8.805  1.00 10.03 ?  29  ILE A C   1 
ATOM   245  O O   . ILE A 1 29  ? -2.006  1.338   -7.750  1.00 11.24 ?  29  ILE A O   1 
ATOM   246  C CB  . ILE A 1 29  ? -1.885  3.638   -9.376  1.00 11.34 ?  29  ILE A CB  1 
ATOM   247  C CG1 . ILE A 1 29  ? -2.020  4.611   -10.558 1.00 12.21 ?  29  ILE A CG1 1 
ATOM   248  C CG2 . ILE A 1 29  ? -0.929  4.211   -8.315  1.00 12.38 ?  29  ILE A CG2 1 
ATOM   249  C CD1 . ILE A 1 29  ? -2.774  5.903   -10.252 1.00 16.39 ?  29  ILE A CD1 1 
ATOM   250  N N   . GLY A 1 30  ? -0.684  0.094   -9.076  1.00 11.54 ?  30  GLY A N   1 
ATOM   251  C CA  . GLY A 1 30  ? -0.613  -0.956  -8.084  1.00 10.52 ?  30  GLY A CA  1 
ATOM   252  C C   . GLY A 1 30  ? -1.903  -1.695  -7.797  1.00 10.02 ?  30  GLY A C   1 
ATOM   253  O O   . GLY A 1 30  ? -2.072  -2.200  -6.688  1.00 11.56 ?  30  GLY A O   1 
ATOM   254  N N   . HIS A 1 31  ? -2.824  -1.785  -8.760  1.00 10.76 ?  31  HIS A N   1 
ATOM   255  C CA  . HIS A 1 31  ? -4.053  -2.554  -8.541  1.00 9.43  ?  31  HIS A CA  1 
ATOM   256  C C   . HIS A 1 31  ? -3.798  -4.034  -8.817  1.00 11.16 ?  31  HIS A C   1 
ATOM   257  O O   . HIS A 1 31  ? -3.733  -4.456  -9.973  1.00 11.40 ?  31  HIS A O   1 
ATOM   258  C CB  . HIS A 1 31  ? -5.200  -2.056  -9.414  1.00 10.67 ?  31  HIS A CB  1 
ATOM   259  C CG  . HIS A 1 31  ? -6.473  -2.795  -9.161  1.00 11.12 ?  31  HIS A CG  1 
ATOM   260  N ND1 . HIS A 1 31  ? -7.305  -2.482  -8.109  1.00 12.07 ?  31  HIS A ND1 1 
ATOM   261  C CD2 . HIS A 1 31  ? -7.026  -3.869  -9.773  1.00 13.02 ?  31  HIS A CD2 1 
ATOM   262  C CE1 . HIS A 1 31  ? -8.326  -3.320  -8.093  1.00 12.13 ?  31  HIS A CE1 1 
ATOM   263  N NE2 . HIS A 1 31  ? -8.178  -4.177  -9.088  1.00 13.60 ?  31  HIS A NE2 1 
ATOM   264  N N   . LEU A 1 32  ? -3.695  -4.828  -7.754  1.00 10.59 ?  32  LEU A N   1 
ATOM   265  C CA  . LEU A 1 32  ? -3.508  -6.269  -7.891  1.00 10.35 ?  32  LEU A CA  1 
ATOM   266  C C   . LEU A 1 32  ? -4.737  -6.913  -8.524  1.00 11.99 ?  32  LEU A C   1 
ATOM   267  O O   . LEU A 1 32  ? -5.869  -6.695  -8.080  1.00 12.98 ?  32  LEU A O   1 
ATOM   268  C CB  . LEU A 1 32  ? -3.223  -6.888  -6.525  1.00 12.14 ?  32  LEU A CB  1 
ATOM   269  C CG  . LEU A 1 32  ? -3.135  -8.413  -6.465  1.00 12.79 ?  32  LEU A CG  1 
ATOM   270  C CD1 . LEU A 1 32  ? -1.942  -8.943  -7.244  1.00 15.72 ?  32  LEU A CD1 1 
ATOM   271  C CD2 . LEU A 1 32  ? -3.060  -8.890  -5.015  1.00 14.84 ?  32  LEU A CD2 1 
ATOM   272  N N   . LEU A 1 33  ? -4.515  -7.709  -9.567  1.00 9.96  ?  33  LEU A N   1 
ATOM   273  C CA  . LEU A 1 33  ? -5.624  -8.402  -10.217 1.00 10.93 ?  33  LEU A CA  1 
ATOM   274  C C   . LEU A 1 33  ? -5.822  -9.812  -9.672  1.00 14.17 ?  33  LEU A C   1 
ATOM   275  O O   . LEU A 1 33  ? -6.951  -10.197 -9.352  1.00 15.42 ?  33  LEU A O   1 
ATOM   276  C CB  . LEU A 1 33  ? -5.396  -8.440  -11.730 1.00 12.74 ?  33  LEU A CB  1 
ATOM   277  C CG  . LEU A 1 33  ? -5.507  -7.080  -12.420 1.00 11.89 ?  33  LEU A CG  1 
ATOM   278  C CD1 . LEU A 1 33  ? -4.960  -7.166  -13.844 1.00 12.43 ?  33  LEU A CD1 1 
ATOM   279  C CD2 . LEU A 1 33  ? -6.961  -6.600  -12.414 1.00 12.65 ?  33  LEU A CD2 1 
ATOM   280  N N   . THR A 1 34  ? -4.743  -10.584 -9.555  1.00 13.38 ?  34  THR A N   1 
ATOM   281  C CA  . THR A 1 34  ? -4.829  -11.950 -9.062  1.00 13.63 ?  34  THR A CA  1 
ATOM   282  C C   . THR A 1 34  ? -3.432  -12.430 -8.723  1.00 14.62 ?  34  THR A C   1 
ATOM   283  O O   . THR A 1 34  ? -2.435  -11.925 -9.251  1.00 15.67 ?  34  THR A O   1 
ATOM   284  C CB  . THR A 1 34  ? -5.470  -12.890 -10.095 1.00 16.22 ?  34  THR A CB  1 
ATOM   285  O OG1 . THR A 1 34  ? -5.549  -14.212 -9.547  1.00 17.08 ?  34  THR A OG1 1 
ATOM   286  C CG2 . THR A 1 34  ? -4.643  -12.918 -11.375 1.00 14.85 ?  34  THR A CG2 1 
ATOM   287  N N   . LYS A 1 35  ? -3.376  -13.435 -7.860  1.00 17.70 ?  35  LYS A N   1 
ATOM   288  C CA  . LYS A 1 35  ? -2.130  -14.138 -7.604  1.00 17.57 ?  35  LYS A CA  1 
ATOM   289  C C   . LYS A 1 35  ? -1.996  -15.402 -8.438  1.00 18.46 ?  35  LYS A C   1 
ATOM   290  O O   . LYS A 1 35  ? -0.953  -16.066 -8.374  1.00 21.26 ?  35  LYS A O   1 
ATOM   291  C CB  . LYS A 1 35  ? -2.015  -14.458 -6.115  1.00 20.08 ?  35  LYS A CB  1 
ATOM   292  C CG  . LYS A 1 35  ? -1.890  -13.216 -5.259  1.00 18.13 ?  35  LYS A CG  1 
ATOM   293  C CD  . LYS A 1 35  ? -1.663  -13.579 -3.800  1.00 24.84 ?  35  LYS A CD  1 
ATOM   294  C CE  . LYS A 1 35  ? -1.444  -12.338 -2.961  1.00 24.95 ?  35  LYS A CE  1 
ATOM   295  N NZ  . LYS A 1 35  ? -1.155  -12.677 -1.539  1.00 32.40 ?  35  LYS A NZ  1 
ATOM   296  N N   . SER A 1 36  ? -3.009  -15.734 -9.234  1.00 19.47 ?  36  SER A N   1 
ATOM   297  C CA  . SER A 1 36  ? -2.928  -16.888 -10.115 1.00 20.91 ?  36  SER A CA  1 
ATOM   298  C C   . SER A 1 36  ? -1.925  -16.633 -11.240 1.00 18.88 ?  36  SER A C   1 
ATOM   299  O O   . SER A 1 36  ? -1.779  -15.504 -11.705 1.00 17.16 ?  36  SER A O   1 
ATOM   300  C CB  . SER A 1 36  ? -4.300  -17.190 -10.703 1.00 22.00 ?  36  SER A CB  1 
ATOM   301  O OG  . SER A 1 36  ? -4.197  -17.939 -11.903 1.00 24.65 ?  36  SER A OG  1 
ATOM   302  N N   . PRO A 1 37  ? -1.214  -17.672 -11.696 1.00 20.06 ?  37  PRO A N   1 
ATOM   303  C CA  . PRO A 1 37  ? -0.281  -17.495 -12.821 1.00 17.97 ?  37  PRO A CA  1 
ATOM   304  C C   . PRO A 1 37  ? -0.961  -17.365 -14.174 1.00 19.60 ?  37  PRO A C   1 
ATOM   305  O O   . PRO A 1 37  ? -0.274  -17.141 -15.181 1.00 22.26 ?  37  PRO A O   1 
ATOM   306  C CB  . PRO A 1 37  ? 0.577   -18.770 -12.756 1.00 20.33 ?  37  PRO A CB  1 
ATOM   307  C CG  . PRO A 1 37  ? -0.311  -19.776 -12.129 1.00 22.01 ?  37  PRO A CG  1 
ATOM   308  C CD  . PRO A 1 37  ? -1.141  -19.025 -11.119 1.00 22.68 ?  37  PRO A CD  1 
ATOM   309  N N   . SER A 1 38  ? -2.288  -17.459 -14.224 1.00 19.46 ?  38  SER A N   1 
ATOM   310  C CA  . SER A 1 38  ? -3.021  -17.419 -15.482 1.00 20.19 ?  38  SER A CA  1 
ATOM   311  C C   . SER A 1 38  ? -3.297  -15.975 -15.891 1.00 17.45 ?  38  SER A C   1 
ATOM   312  O O   . SER A 1 38  ? -4.015  -15.254 -15.189 1.00 17.59 ?  38  SER A O   1 
ATOM   313  C CB  . SER A 1 38  ? -4.330  -18.192 -15.340 1.00 20.63 ?  38  SER A CB  1 
ATOM   314  O OG  . SER A 1 38  ? -5.193  -17.916 -16.423 1.00 22.93 ?  38  SER A OG  1 
ATOM   315  N N   . LEU A 1 39  ? -2.738  -15.554 -17.028 1.00 17.40 ?  39  LEU A N   1 
ATOM   316  C CA  . LEU A 1 39  ? -3.064  -14.233 -17.561 1.00 14.10 ?  39  LEU A CA  1 
ATOM   317  C C   . LEU A 1 39  ? -4.556  -14.108 -17.856 1.00 15.89 ?  39  LEU A C   1 
ATOM   318  O O   . LEU A 1 39  ? -5.139  -13.026 -17.699 1.00 15.81 ?  39  LEU A O   1 
ATOM   319  C CB  . LEU A 1 39  ? -2.248  -13.953 -18.827 1.00 15.69 ?  39  LEU A CB  1 
ATOM   320  C CG  . LEU A 1 39  ? -2.501  -12.629 -19.546 1.00 17.65 ?  39  LEU A CG  1 
ATOM   321  C CD1 . LEU A 1 39  ? -2.152  -11.448 -18.643 1.00 18.28 ?  39  LEU A CD1 1 
ATOM   322  C CD2 . LEU A 1 39  ? -1.696  -12.580 -20.833 1.00 20.67 ?  39  LEU A CD2 1 
ATOM   323  N N   . ASN A 1 40  ? -5.194  -15.202 -18.280 1.00 16.73 ?  40  ASN A N   1 
ATOM   324  C CA  . ASN A 1 40  ? -6.629  -15.164 -18.540 1.00 17.96 ?  40  ASN A CA  1 
ATOM   325  C C   . ASN A 1 40  ? -7.405  -14.840 -17.272 1.00 17.21 ?  40  ASN A C   1 
ATOM   326  O O   . ASN A 1 40  ? -8.344  -14.035 -17.301 1.00 16.53 ?  40  ASN A O   1 
ATOM   327  C CB  . ASN A 1 40  ? -7.099  -16.496 -19.128 1.00 21.15 ?  40  ASN A CB  1 
ATOM   328  C CG  . ASN A 1 40  ? -6.788  -16.623 -20.606 1.00 24.06 ?  40  ASN A CG  1 
ATOM   329  O OD1 . ASN A 1 40  ? -6.605  -15.630 -21.308 1.00 26.95 ?  40  ASN A OD1 1 
ATOM   330  N ND2 . ASN A 1 40  ? -6.730  -17.860 -21.087 1.00 29.30 ?  40  ASN A ND2 1 
ATOM   331  N N   . ALA A 1 41  ? -7.022  -15.454 -16.146 1.00 14.57 ?  41  ALA A N   1 
ATOM   332  C CA  . ALA A 1 41  ? -7.673  -15.139 -14.877 1.00 14.54 ?  41  ALA A CA  1 
ATOM   333  C C   . ALA A 1 41  ? -7.501  -13.669 -14.524 1.00 16.17 ?  41  ALA A C   1 
ATOM   334  O O   . ALA A 1 41  ? -8.443  -13.028 -14.037 1.00 14.94 ?  41  ALA A O   1 
ATOM   335  C CB  . ALA A 1 41  ? -7.119  -16.024 -13.764 1.00 15.97 ?  41  ALA A CB  1 
ATOM   336  N N   . ALA A 1 42  ? -6.313  -13.113 -14.779 1.00 14.75 ?  42  ALA A N   1 
ATOM   337  C CA  . ALA A 1 42  ? -6.085  -11.695 -14.520 1.00 11.77 ?  42  ALA A CA  1 
ATOM   338  C C   . ALA A 1 42  ? -6.958  -10.820 -15.406 1.00 12.34 ?  42  ALA A C   1 
ATOM   339  O O   . ALA A 1 42  ? -7.508  -9.807  -14.946 1.00 12.76 ?  42  ALA A O   1 
ATOM   340  C CB  . ALA A 1 42  ? -4.613  -11.351 -14.736 1.00 12.29 ?  42  ALA A CB  1 
ATOM   341  N N   . LYS A 1 43  ? -7.090  -11.185 -16.689 1.00 12.78 ?  43  LYS A N   1 
ATOM   342  C CA  . LYS A 1 43  ? -7.922  -10.405 -17.602 1.00 12.44 ?  43  LYS A CA  1 
ATOM   343  C C   . LYS A 1 43  ? -9.389  -10.449 -17.190 1.00 11.30 ?  43  LYS A C   1 
ATOM   344  O O   . LYS A 1 43  ? -10.101 -9.444  -17.306 1.00 12.41 ?  43  LYS A O   1 
ATOM   345  C CB  . LYS A 1 43  ? -7.760  -10.911 -19.039 1.00 14.19 ?  43  LYS A CB  1 
ATOM   346  C CG  . LYS A 1 43  ? -6.438  -10.515 -19.682 1.00 14.74 ?  43  LYS A CG  1 
ATOM   347  C CD  . LYS A 1 43  ? -6.277  -11.197 -21.040 1.00 17.46 ?  43  LYS A CD  1 
ATOM   348  C CE  . LYS A 1 43  ? -5.146  -10.572 -21.824 1.00 19.90 ?  43  LYS A CE  1 
ATOM   349  N NZ  . LYS A 1 43  ? -5.077  -11.136 -23.207 1.00 22.97 ?  43  LYS A NZ  1 
ATOM   350  N N   . SER A 1 44  ? -9.849  -11.596 -16.686 1.00 12.91 ?  44  SER A N   1 
ATOM   351  C CA  . SER A 1 44  ? -11.211 -11.675 -16.157 1.00 11.77 ?  44  SER A CA  1 
ATOM   352  C C   . SER A 1 44  ? -11.387 -10.735 -14.977 1.00 11.94 ?  44  SER A C   1 
ATOM   353  O O   . SER A 1 44  ? -12.351 -9.964  -14.920 1.00 12.68 ?  44  SER A O   1 
ATOM   354  C CB  . SER A 1 44  ? -11.547 -13.104 -15.733 1.00 15.41 ?  44  SER A CB  1 
ATOM   355  O OG  . SER A 1 44  ? -11.612 -13.961 -16.860 1.00 18.70 ?  44  SER A OG  1 
ATOM   356  N N   . GLU A 1 45  ? -10.448 -10.769 -14.030 1.00 12.49 ?  45  GLU A N   1 
ATOM   357  C CA  . GLU A 1 45  ? -10.537 -9.862  -12.889 1.00 11.87 ?  45  GLU A CA  1 
ATOM   358  C C   . GLU A 1 45  ? -10.544 -8.405  -13.334 1.00 11.40 ?  45  GLU A C   1 
ATOM   359  O O   . GLU A 1 45  ? -11.269 -7.583  -12.764 1.00 13.37 ?  45  GLU A O   1 
ATOM   360  C CB  . GLU A 1 45  ? -9.390  -10.123 -11.916 1.00 12.44 ?  45  GLU A CB  1 
ATOM   361  C CG  . GLU A 1 45  ? -9.484  -11.474 -11.225 1.00 11.89 ?  45  GLU A CG  1 
ATOM   362  C CD  . GLU A 1 45  ? -10.716 -11.600 -10.349 1.00 14.86 ?  45  GLU A CD  1 
ATOM   363  O OE1 . GLU A 1 45  ? -11.002 -10.678 -9.560  1.00 15.38 ?  45  GLU A OE1 1 
ATOM   364  O OE2 . GLU A 1 45  ? -11.401 -12.636 -10.438 1.00 15.98 ?  45  GLU A OE2 1 
ATOM   365  N N   . LEU A 1 46  ? -9.743  -8.059  -14.351 1.00 9.82  ?  46  LEU A N   1 
ATOM   366  C CA  . LEU A 1 46  ? -9.743  -6.686  -14.837 1.00 10.46 ?  46  LEU A CA  1 
ATOM   367  C C   . LEU A 1 46  ? -11.108 -6.293  -15.390 1.00 10.92 ?  46  LEU A C   1 
ATOM   368  O O   . LEU A 1 46  ? -11.631 -5.214  -15.080 1.00 12.31 ?  46  LEU A O   1 
ATOM   369  C CB  . LEU A 1 46  ? -8.661  -6.503  -15.904 1.00 10.90 ?  46  LEU A CB  1 
ATOM   370  C CG  . LEU A 1 46  ? -8.619  -5.104  -16.516 1.00 10.33 ?  46  LEU A CG  1 
ATOM   371  C CD1 . LEU A 1 46  ? -8.345  -4.048  -15.446 1.00 11.94 ?  46  LEU A CD1 1 
ATOM   372  C CD2 . LEU A 1 46  ? -7.566  -5.028  -17.614 1.00 12.22 ?  46  LEU A CD2 1 
ATOM   373  N N   . ASP A 1 47  ? -11.698 -7.156  -16.226 1.00 12.53 ?  47  ASP A N   1 
ATOM   374  C CA  . ASP A 1 47  ? -12.992 -6.835  -16.819 1.00 12.41 ?  47  ASP A CA  1 
ATOM   375  C C   . ASP A 1 47  ? -14.060 -6.673  -15.747 1.00 10.76 ?  47  ASP A C   1 
ATOM   376  O O   . ASP A 1 47  ? -14.938 -5.807  -15.851 1.00 12.28 ?  47  ASP A O   1 
ATOM   377  C CB  . ASP A 1 47  ? -13.408 -7.928  -17.805 1.00 12.55 ?  47  ASP A CB  1 
ATOM   378  C CG  . ASP A 1 47  ? -12.564 -7.941  -19.064 1.00 16.49 ?  47  ASP A CG  1 
ATOM   379  O OD1 . ASP A 1 47  ? -11.736 -7.026  -19.253 1.00 14.56 ?  47  ASP A OD1 1 
ATOM   380  O OD2 . ASP A 1 47  ? -12.755 -8.876  -19.876 1.00 17.49 ?  47  ASP A OD2 1 
ATOM   381  N N   . LYS A 1 48  ? -14.003 -7.514  -14.715 1.00 12.29 ?  48  LYS A N   1 
ATOM   382  C CA  . LYS A 1 48  ? -14.924 -7.404  -13.592 1.00 11.89 ?  48  LYS A CA  1 
ATOM   383  C C   . LYS A 1 48  ? -14.732 -6.080  -12.861 1.00 10.97 ?  48  LYS A C   1 
ATOM   384  O O   . LYS A 1 48  ? -15.709 -5.425  -12.473 1.00 10.26 ?  48  LYS A O   1 
ATOM   385  C CB  . LYS A 1 48  ? -14.702 -8.599  -12.661 1.00 11.84 ?  48  LYS A CB  1 
ATOM   386  C CG  . LYS A 1 48  ? -15.504 -8.577  -11.369 1.00 12.62 ?  48  LYS A CG  1 
ATOM   387  C CD  . LYS A 1 48  ? -15.624 -9.968  -10.737 1.00 13.68 ?  48  LYS A CD  1 
ATOM   388  C CE  . LYS A 1 48  ? -14.268 -10.567 -10.414 1.00 14.99 ?  48  LYS A CE  1 
ATOM   389  N NZ  . LYS A 1 48  ? -13.681 -10.081 -9.135  1.00 14.80 ?  48  LYS A NZ  1 
ATOM   390  N N   . ALA A 1 49  ? -13.478 -5.655  -12.691 1.00 10.57 ?  49  ALA A N   1 
ATOM   391  C CA  . ALA A 1 49  ? -13.199 -4.418  -11.959 1.00 10.40 ?  49  ALA A CA  1 
ATOM   392  C C   . ALA A 1 49  ? -13.646 -3.183  -12.733 1.00 10.71 ?  49  ALA A C   1 
ATOM   393  O O   . ALA A 1 49  ? -14.121 -2.209  -12.138 1.00 12.27 ?  49  ALA A O   1 
ATOM   394  C CB  . ALA A 1 49  ? -11.701 -4.313  -11.661 1.00 11.37 ?  49  ALA A CB  1 
ATOM   395  N N   . ILE A 1 50  ? -13.475 -3.196  -14.055 1.00 11.33 ?  50  ILE A N   1 
ATOM   396  C CA  . ILE A 1 50  ? -13.814 -2.053  -14.892 1.00 12.45 ?  50  ILE A CA  1 
ATOM   397  C C   . ILE A 1 50  ? -15.278 -2.080  -15.327 1.00 12.30 ?  50  ILE A C   1 
ATOM   398  O O   . ILE A 1 50  ? -15.862 -1.025  -15.613 1.00 15.53 ?  50  ILE A O   1 
ATOM   399  C CB  . ILE A 1 50  ? -12.877 -2.022  -16.116 1.00 13.56 ?  50  ILE A CB  1 
ATOM   400  C CG1 . ILE A 1 50  ? -11.419 -2.010  -15.675 1.00 14.45 ?  50  ILE A CG1 1 
ATOM   401  C CG2 . ILE A 1 50  ? -13.152 -0.805  -16.977 1.00 14.77 ?  50  ILE A CG2 1 
ATOM   402  C CD1 . ILE A 1 50  ? -11.049 -0.768  -14.856 1.00 15.53 ?  50  ILE A CD1 1 
ATOM   403  N N   . GLY A 1 51  ? -15.883 -3.265  -15.385 1.00 13.14 ?  51  GLY A N   1 
ATOM   404  C CA  . GLY A 1 51  ? -17.234 -3.394  -15.902 1.00 14.44 ?  51  GLY A CA  1 
ATOM   405  C C   . GLY A 1 51  ? -17.347 -3.377  -17.407 1.00 16.83 ?  51  GLY A C   1 
ATOM   406  O O   . GLY A 1 51  ? -18.416 -3.042  -17.939 1.00 18.96 ?  51  GLY A O   1 
ATOM   407  N N   . ARG A 1 52  ? -16.273 -3.709  -18.114 1.00 15.05 ?  52  ARG A N   1 
ATOM   408  C CA  . ARG A 1 52  ? -16.286 -3.738  -19.567 1.00 18.01 ?  52  ARG A CA  1 
ATOM   409  C C   . ARG A 1 52  ? -15.200 -4.697  -20.025 1.00 17.31 ?  52  ARG A C   1 
ATOM   410  O O   . ARG A 1 52  ? -14.437 -5.228  -19.222 1.00 16.63 ?  52  ARG A O   1 
ATOM   411  C CB  . ARG A 1 52  ? -16.111 -2.340  -20.176 1.00 22.68 ?  52  ARG A CB  1 
ATOM   412  C CG  . ARG A 1 52  ? -14.819 -1.637  -19.896 1.00 25.43 ?  52  ARG A CG  1 
ATOM   413  C CD  . ARG A 1 52  ? -14.626 -0.448  -20.866 1.00 29.63 ?  52  ARG A CD  1 
ATOM   414  N NE  . ARG A 1 52  ? -13.347 0.257   -20.714 1.00 33.09 ?  52  ARG A NE  1 
ATOM   415  C CZ  . ARG A 1 52  ? -12.161 -0.312  -20.912 1.00 28.06 ?  52  ARG A CZ  1 
ATOM   416  N NH1 . ARG A 1 52  ? -12.111 -1.590  -21.224 1.00 14.48 ?  52  ARG A NH1 1 
ATOM   417  N NH2 . ARG A 1 52  ? -11.030 0.370   -20.760 1.00 25.36 ?  52  ARG A NH2 1 
ATOM   418  N N   . ASN A 1 53  ? -15.177 -4.938  -21.334 1.00 16.63 ?  53  ASN A N   1 
ATOM   419  C CA  . ASN A 1 53  ? -14.271 -5.881  -21.987 1.00 18.75 ?  53  ASN A CA  1 
ATOM   420  C C   . ASN A 1 53  ? -12.994 -5.127  -22.350 1.00 15.68 ?  53  ASN A C   1 
ATOM   421  O O   . ASN A 1 53  ? -12.959 -4.380  -23.332 1.00 18.98 ?  53  ASN A O   1 
ATOM   422  C CB  . ASN A 1 53  ? -14.963 -6.456  -23.221 1.00 20.89 ?  53  ASN A CB  1 
ATOM   423  C CG  . ASN A 1 53  ? -14.352 -7.750  -23.706 1.00 30.46 ?  53  ASN A CG  1 
ATOM   424  O OD1 . ASN A 1 53  ? -15.060 -8.644  -24.184 1.00 37.10 ?  53  ASN A OD1 1 
ATOM   425  N ND2 . ASN A 1 53  ? -13.041 -7.852  -23.621 1.00 25.91 ?  53  ASN A ND2 1 
ATOM   426  N N   . CYS A 1 54  ? -11.927 -5.328  -21.567 1.00 13.98 ?  54  CYS A N   1 
ATOM   427  C CA  . CYS A 1 54  ? -10.722 -4.510  -21.678 1.00 15.48 ?  54  CYS A CA  1 
ATOM   428  C C   . CYS A 1 54  ? -9.538  -5.205  -22.335 1.00 14.56 ?  54  CYS A C   1 
ATOM   429  O O   . CYS A 1 54  ? -8.606  -4.515  -22.762 1.00 14.91 ?  54  CYS A O   1 
ATOM   430  C CB  . CYS A 1 54  ? -10.266 -4.049  -20.288 1.00 14.62 ?  54  CYS A CB  1 
ATOM   431  S SG  . CYS A 1 54  ? -11.454 -3.021  -19.400 1.00 19.57 ?  54  CYS A SG  1 
ATOM   432  N N   . ASN A 1 55  ? -9.532  -6.536  -22.364 1.00 15.08 ?  55  ASN A N   1 
ATOM   433  C CA  . ASN A 1 55  ? -8.402  -7.347  -22.828 1.00 15.66 ?  55  ASN A CA  1 
ATOM   434  C C   . ASN A 1 55  ? -7.057  -6.801  -22.351 1.00 17.34 ?  55  ASN A C   1 
ATOM   435  O O   . ASN A 1 55  ? -6.097  -6.655  -23.115 1.00 18.08 ?  55  ASN A O   1 
ATOM   436  C CB  . ASN A 1 55  ? -8.416  -7.475  -24.342 1.00 15.96 ?  55  ASN A CB  1 
ATOM   437  C CG  . ASN A 1 55  ? -7.572  -8.637  -24.822 1.00 18.84 ?  55  ASN A CG  1 
ATOM   438  O OD1 . ASN A 1 55  ? -7.598  -9.724  -24.238 1.00 20.83 ?  55  ASN A OD1 1 
ATOM   439  N ND2 . ASN A 1 55  ? -6.796  -8.404  -25.870 1.00 19.54 ?  55  ASN A ND2 1 
ATOM   440  N N   . GLY A 1 56  ? -6.993  -6.492  -21.064 1.00 13.38 ?  56  GLY A N   1 
ATOM   441  C CA  . GLY A 1 56  ? -5.718  -6.207  -20.438 1.00 14.43 ?  56  GLY A CA  1 
ATOM   442  C C   . GLY A 1 56  ? -5.199  -4.792  -20.570 1.00 13.40 ?  56  GLY A C   1 
ATOM   443  O O   . GLY A 1 56  ? -4.029  -4.554  -20.242 1.00 14.87 ?  56  GLY A O   1 
ATOM   444  N N   . VAL A 1 57  ? -6.015  -3.847  -21.026 1.00 12.76 ?  57  VAL A N   1 
ATOM   445  C CA  . VAL A 1 57  ? -5.590  -2.468  -21.247 1.00 12.58 ?  57  VAL A CA  1 
ATOM   446  C C   . VAL A 1 57  ? -6.658  -1.543  -20.678 1.00 15.85 ?  57  VAL A C   1 
ATOM   447  O O   . VAL A 1 57  ? -7.853  -1.755  -20.911 1.00 16.92 ?  57  VAL A O   1 
ATOM   448  C CB  . VAL A 1 57  ? -5.375  -2.178  -22.745 1.00 17.69 ?  57  VAL A CB  1 
ATOM   449  C CG1 . VAL A 1 57  ? -4.856  -0.765  -22.938 1.00 19.18 ?  57  VAL A CG1 1 
ATOM   450  C CG2 . VAL A 1 57  ? -4.423  -3.194  -23.360 1.00 20.24 ?  57  VAL A CG2 1 
ATOM   451  N N   . ILE A 1 58  ? -6.241  -0.517  -19.933 1.00 14.34 ?  58  ILE A N   1 
ATOM   452  C CA  . ILE A 1 58  ? -7.177  0.488   -19.437 1.00 14.57 ?  58  ILE A CA  1 
ATOM   453  C C   . ILE A 1 58  ? -6.628  1.882   -19.722 1.00 14.58 ?  58  ILE A C   1 
ATOM   454  O O   . ILE A 1 58  ? -5.479  2.055   -20.131 1.00 17.56 ?  58  ILE A O   1 
ATOM   455  C CB  . ILE A 1 58  ? -7.487  0.327   -17.933 1.00 16.07 ?  58  ILE A CB  1 
ATOM   456  C CG1 . ILE A 1 58  ? -6.219  0.537   -17.097 1.00 16.84 ?  58  ILE A CG1 1 
ATOM   457  C CG2 . ILE A 1 58  ? -8.166  -1.025  -17.657 1.00 15.76 ?  58  ILE A CG2 1 
ATOM   458  C CD1 . ILE A 1 58  ? -6.455  0.434   -15.597 1.00 14.88 ?  58  ILE A CD1 1 
ATOM   459  N N   . THR A 1 59  ? -7.483  2.884   -19.511 1.00 15.30 ?  59  THR A N   1 
ATOM   460  C CA  . THR A 1 59  ? -7.084  4.280   -19.632 1.00 15.88 ?  59  THR A CA  1 
ATOM   461  C C   . THR A 1 59  ? -6.602  4.831   -18.293 1.00 17.28 ?  59  THR A C   1 
ATOM   462  O O   . THR A 1 59  ? -6.819  4.247   -17.230 1.00 15.34 ?  59  THR A O   1 
ATOM   463  C CB  . THR A 1 59  ? -8.240  5.145   -20.122 1.00 17.58 ?  59  THR A CB  1 
ATOM   464  O OG1 . THR A 1 59  ? -9.293  5.110   -19.152 1.00 18.50 ?  59  THR A OG1 1 
ATOM   465  C CG2 . THR A 1 59  ? -8.755  4.660   -21.472 1.00 20.93 ?  59  THR A CG2 1 
ATOM   466  N N   . LYS A 1 60  ? -5.964  6.000   -18.351 1.00 16.19 ?  60  LYS A N   1 
ATOM   467  C CA  . LYS A 1 60  ? -5.509  6.648   -17.125 1.00 14.65 ?  60  LYS A CA  1 
ATOM   468  C C   . LYS A 1 60  ? -6.681  6.983   -16.210 1.00 15.87 ?  60  LYS A C   1 
ATOM   469  O O   . LYS A 1 60  ? -6.599  6.789   -14.989 1.00 14.75 ?  60  LYS A O   1 
ATOM   470  C CB  . LYS A 1 60  ? -4.712  7.910   -17.460 1.00 17.90 ?  60  LYS A CB  1 
ATOM   471  C CG  . LYS A 1 60  ? -4.210  8.660   -16.231 1.00 20.37 ?  60  LYS A CG  1 
ATOM   472  C CD  . LYS A 1 60  ? -3.196  9.734   -16.615 1.00 24.19 ?  60  LYS A CD  1 
ATOM   473  C CE  . LYS A 1 60  ? -2.751  10.533  -15.401 1.00 31.14 ?  60  LYS A CE  1 
ATOM   474  N NZ  . LYS A 1 60  ? -1.800  11.615  -15.766 1.00 41.34 ?  60  LYS A NZ  1 
ATOM   475  N N   . ASP A 1 61  ? -7.785  7.478   -16.778 1.00 17.30 ?  61  ASP A N   1 
ATOM   476  C CA  . ASP A 1 61  ? -8.965  7.762   -15.966 1.00 16.72 ?  61  ASP A CA  1 
ATOM   477  C C   . ASP A 1 61  ? -9.445  6.514   -15.233 1.00 12.93 ?  61  ASP A C   1 
ATOM   478  O O   . ASP A 1 61  ? -9.810  6.577   -14.050 1.00 14.31 ?  61  ASP A O   1 
ATOM   479  C CB  . ASP A 1 61  ? -10.090 8.319   -16.842 1.00 19.57 ?  61  ASP A CB  1 
ATOM   480  C CG  . ASP A 1 61  ? -9.947  9.804   -17.123 1.00 28.75 ?  61  ASP A CG  1 
ATOM   481  O OD1 . ASP A 1 61  ? -8.875  10.384  -16.840 1.00 26.84 ?  61  ASP A OD1 1 
ATOM   482  O OD2 . ASP A 1 61  ? -10.920 10.387  -17.651 1.00 32.84 ?  61  ASP A OD2 1 
ATOM   483  N N   . GLU A 1 62  ? -9.463  5.368   -15.921 1.00 15.56 ?  62  GLU A N   1 
ATOM   484  C CA  . GLU A 1 62  ? -9.913  4.134   -15.285 1.00 13.61 ?  62  GLU A CA  1 
ATOM   485  C C   . GLU A 1 62  ? -8.924  3.667   -14.220 1.00 12.81 ?  62  GLU A C   1 
ATOM   486  O O   . GLU A 1 62  ? -9.335  3.194   -13.152 1.00 12.43 ?  62  GLU A O   1 
ATOM   487  C CB  . GLU A 1 62  ? -10.133 3.052   -16.346 1.00 13.43 ?  62  GLU A CB  1 
ATOM   488  C CG  . GLU A 1 62  ? -11.311 3.360   -17.265 1.00 15.11 ?  62  GLU A CG  1 
ATOM   489  C CD  . GLU A 1 62  ? -11.377 2.448   -18.483 1.00 24.34 ?  62  GLU A CD  1 
ATOM   490  O OE1 . GLU A 1 62  ? -10.321 1.954   -18.951 1.00 23.49 ?  62  GLU A OE1 1 
ATOM   491  O OE2 . GLU A 1 62  ? -12.500 2.237   -18.990 1.00 27.89 ?  62  GLU A OE2 1 
ATOM   492  N N   . ALA A 1 63  ? -7.616  3.805   -14.485 1.00 12.70 ?  63  ALA A N   1 
ATOM   493  C CA  . ALA A 1 63  ? -6.618  3.477   -13.466 1.00 12.42 ?  63  ALA A CA  1 
ATOM   494  C C   . ALA A 1 63  ? -6.795  4.341   -12.221 1.00 11.32 ?  63  ALA A C   1 
ATOM   495  O O   . ALA A 1 63  ? -6.668  3.854   -11.087 1.00 12.15 ?  63  ALA A O   1 
ATOM   496  C CB  . ALA A 1 63  ? -5.213  3.654   -14.034 1.00 13.81 ?  63  ALA A CB  1 
ATOM   497  N N   . GLU A 1 64  ? -7.085  5.627   -12.412 1.00 12.13 ?  64  GLU A N   1 
ATOM   498  C CA  . GLU A 1 64  ? -7.253  6.510   -11.263 1.00 12.63 ?  64  GLU A CA  1 
ATOM   499  C C   . GLU A 1 64  ? -8.533  6.195   -10.500 1.00 11.27 ?  64  GLU A C   1 
ATOM   500  O O   . GLU A 1 64  ? -8.582  6.351   -9.276  1.00 12.02 ?  64  GLU A O   1 
ATOM   501  C CB  . GLU A 1 64  ? -7.234  7.965   -11.720 1.00 13.72 ?  64  GLU A CB  1 
ATOM   502  C CG  . GLU A 1 64  ? -5.846  8.391   -12.162 1.00 15.71 ?  64  GLU A CG  1 
ATOM   503  C CD  . GLU A 1 64  ? -5.803  9.760   -12.802 1.00 22.75 ?  64  GLU A CD  1 
ATOM   504  O OE1 . GLU A 1 64  ? -6.865  10.268  -13.219 1.00 24.03 ?  64  GLU A OE1 1 
ATOM   505  O OE2 . GLU A 1 64  ? -4.693  10.325  -12.886 1.00 26.02 ?  64  GLU A OE2 1 
ATOM   506  N N   . LYS A 1 65  ? -9.563  5.713   -11.195 1.00 11.13 ?  65  LYS A N   1 
ATOM   507  C CA  . LYS A 1 65  ? -10.781 5.300   -10.510 1.00 12.62 ?  65  LYS A CA  1 
ATOM   508  C C   . LYS A 1 65  ? -10.518 4.095   -9.614  1.00 11.35 ?  65  LYS A C   1 
ATOM   509  O O   . LYS A 1 65  ? -10.928 4.075   -8.443  1.00 12.19 ?  65  LYS A O   1 
ATOM   510  C CB  . LYS A 1 65  ? -11.877 5.003   -11.535 1.00 12.06 ?  65  LYS A CB  1 
ATOM   511  C CG  . LYS A 1 65  ? -13.208 4.681   -10.905 1.00 15.46 ?  65  LYS A CG  1 
ATOM   512  C CD  . LYS A 1 65  ? -14.307 4.580   -11.958 1.00 19.05 ?  65  LYS A CD  1 
ATOM   513  C CE  . LYS A 1 65  ? -15.677 4.484   -11.304 1.00 24.75 ?  65  LYS A CE  1 
ATOM   514  N NZ  . LYS A 1 65  ? -16.752 4.511   -12.334 1.00 26.13 ?  65  LYS A NZ  1 
ATOM   515  N N   . LEU A 1 66  ? -9.800  3.095   -10.133 1.00 10.79 ?  66  LEU A N   1 
ATOM   516  C CA  . LEU A 1 66  ? -9.422  1.955   -9.304  1.00 11.43 ?  66  LEU A CA  1 
ATOM   517  C C   . LEU A 1 66  ? -8.551  2.396   -8.136  1.00 10.53 ?  66  LEU A C   1 
ATOM   518  O O   . LEU A 1 66  ? -8.690  1.887   -7.020  1.00 11.01 ?  66  LEU A O   1 
ATOM   519  C CB  . LEU A 1 66  ? -8.685  0.907   -10.147 1.00 11.23 ?  66  LEU A CB  1 
ATOM   520  C CG  . LEU A 1 66  ? -9.475  0.208   -11.251 1.00 12.91 ?  66  LEU A CG  1 
ATOM   521  C CD1 . LEU A 1 66  ? -8.618  -0.875  -11.872 1.00 15.64 ?  66  LEU A CD1 1 
ATOM   522  C CD2 . LEU A 1 66  ? -10.771 -0.362  -10.700 1.00 17.62 ?  66  LEU A CD2 1 
ATOM   523  N N   . PHE A 1 67  ? -7.658  3.355   -8.380  1.00 9.85  ?  67  PHE A N   1 
ATOM   524  C CA  . PHE A 1 67  ? -6.764  3.849   -7.333  1.00 11.07 ?  67  PHE A CA  1 
ATOM   525  C C   . PHE A 1 67  ? -7.541  4.507   -6.194  1.00 10.88 ?  67  PHE A C   1 
ATOM   526  O O   . PHE A 1 67  ? -7.301  4.217   -5.016  1.00 12.13 ?  67  PHE A O   1 
ATOM   527  C CB  . PHE A 1 67  ? -5.775  4.818   -7.972  1.00 11.59 ?  67  PHE A CB  1 
ATOM   528  C CG  . PHE A 1 67  ? -4.672  5.305   -7.058  1.00 10.89 ?  67  PHE A CG  1 
ATOM   529  C CD1 . PHE A 1 67  ? -4.069  4.470   -6.122  1.00 12.04 ?  67  PHE A CD1 1 
ATOM   530  C CD2 . PHE A 1 67  ? -4.202  6.597   -7.198  1.00 12.11 ?  67  PHE A CD2 1 
ATOM   531  C CE1 . PHE A 1 67  ? -3.032  4.946   -5.322  1.00 13.75 ?  67  PHE A CE1 1 
ATOM   532  C CE2 . PHE A 1 67  ? -3.165  7.076   -6.408  1.00 13.97 ?  67  PHE A CE2 1 
ATOM   533  C CZ  . PHE A 1 67  ? -2.587  6.245   -5.466  1.00 12.93 ?  67  PHE A CZ  1 
ATOM   534  N N   . ASN A 1 68  ? -8.505  5.376   -6.528  1.00 10.95 ?  68  ASN A N   1 
ATOM   535  C CA  . ASN A 1 68  ? -9.353  5.980   -5.500  1.00 12.49 ?  68  ASN A CA  1 
ATOM   536  C C   . ASN A 1 68  ? -10.067 4.908   -4.692  1.00 12.88 ?  68  ASN A C   1 
ATOM   537  O O   . ASN A 1 68  ? -10.134 4.973   -3.457  1.00 12.96 ?  68  ASN A O   1 
ATOM   538  C CB  . ASN A 1 68  ? -10.384 6.919   -6.135  1.00 14.91 ?  68  ASN A CB  1 
ATOM   539  C CG  . ASN A 1 68  ? -9.819  8.274   -6.494  1.00 21.01 ?  68  ASN A CG  1 
ATOM   540  O OD1 . ASN A 1 68  ? -8.994  8.826   -5.770  1.00 24.96 ?  68  ASN A OD1 1 
ATOM   541  N ND2 . ASN A 1 68  ? -10.297 8.845   -7.603  1.00 23.32 ?  68  ASN A ND2 1 
ATOM   542  N N   . GLN A 1 69  ? -10.621 3.910   -5.381  1.00 11.22 ?  69  GLN A N   1 
ATOM   543  C CA  . GLN A 1 69  ? -11.298 2.822   -4.687  1.00 11.64 ?  69  GLN A CA  1 
ATOM   544  C C   . GLN A 1 69  ? -10.342 2.053   -3.791  1.00 12.18 ?  69  GLN A C   1 
ATOM   545  O O   . GLN A 1 69  ? -10.700 1.661   -2.676  1.00 12.38 ?  69  GLN A O   1 
ATOM   546  C CB  . GLN A 1 69  ? -11.941 1.875   -5.699  1.00 12.64 ?  69  GLN A CB  1 
ATOM   547  C CG  . GLN A 1 69  ? -13.082 2.505   -6.434  1.00 11.93 ?  69  GLN A CG  1 
ATOM   548  C CD  . GLN A 1 69  ? -13.666 1.600   -7.479  1.00 12.88 ?  69  GLN A CD  1 
ATOM   549  O OE1 . GLN A 1 69  ? -13.092 0.563   -7.841  1.00 15.57 ?  69  GLN A OE1 1 
ATOM   550  N NE2 . GLN A 1 69  ? -14.827 1.978   -7.965  1.00 11.67 ?  69  GLN A NE2 1 
ATOM   551  N N   . ASP A 1 70  ? -9.114  1.836   -4.262  1.00 11.12 ?  70  ASP A N   1 
ATOM   552  C CA  . ASP A 1 70  ? -8.170  1.029   -3.500  1.00 12.50 ?  70  ASP A CA  1 
ATOM   553  C C   . ASP A 1 70  ? -7.655  1.770   -2.265  1.00 11.60 ?  70  ASP A C   1 
ATOM   554  O O   . ASP A 1 70  ? -7.468  1.158   -1.205  1.00 11.42 ?  70  ASP A O   1 
ATOM   555  C CB  . ASP A 1 70  ? -7.007  0.615   -4.398  1.00 11.62 ?  70  ASP A CB  1 
ATOM   556  C CG  . ASP A 1 70  ? -7.412  -0.388  -5.476  1.00 12.32 ?  70  ASP A CG  1 
ATOM   557  O OD1 . ASP A 1 70  ? -8.467  -1.053  -5.363  1.00 12.87 ?  70  ASP A OD1 1 
ATOM   558  O OD2 . ASP A 1 70  ? -6.643  -0.500  -6.456  1.00 13.59 ?  70  ASP A OD2 1 
ATOM   559  N N   . VAL A 1 71  ? -7.424  3.081   -2.374  1.00 10.46 ?  71  VAL A N   1 
ATOM   560  C CA  . VAL A 1 71  ? -7.037  3.850   -1.190  1.00 11.73 ?  71  VAL A CA  1 
ATOM   561  C C   . VAL A 1 71  ? -8.174  3.857   -0.178  1.00 13.83 ?  71  VAL A C   1 
ATOM   562  O O   . VAL A 1 71  ? -7.970  3.629   1.022   1.00 13.05 ?  71  VAL A O   1 
ATOM   563  C CB  . VAL A 1 71  ? -6.620  5.280   -1.587  1.00 11.72 ?  71  VAL A CB  1 
ATOM   564  C CG1 . VAL A 1 71  ? -6.430  6.141   -0.327  1.00 12.90 ?  71  VAL A CG1 1 
ATOM   565  C CG2 . VAL A 1 71  ? -5.321  5.259   -2.418  1.00 13.31 ?  71  VAL A CG2 1 
ATOM   566  N N   . ASP A 1 72  ? -9.393  4.121   -0.655  1.00 13.89 ?  72  ASP A N   1 
ATOM   567  C CA  . ASP A 1 72  ? -10.575 4.091   0.195   1.00 14.93 ?  72  ASP A CA  1 
ATOM   568  C C   . ASP A 1 72  ? -10.690 2.749   0.914   1.00 14.91 ?  72  ASP A C   1 
ATOM   569  O O   . ASP A 1 72  ? -10.880 2.692   2.138   1.00 16.16 ?  72  ASP A O   1 
ATOM   570  C CB  . ASP A 1 72  ? -11.797 4.370   -0.683  1.00 14.47 ?  72  ASP A CB  1 
ATOM   571  C CG  . ASP A 1 72  ? -12.979 4.924   0.080   1.00 20.70 ?  72  ASP A CG  1 
ATOM   572  O OD1 . ASP A 1 72  ? -12.799 5.587   1.122   1.00 26.15 ?  72  ASP A OD1 1 
ATOM   573  O OD2 . ASP A 1 72  ? -14.107 4.709   -0.401  1.00 24.13 ?  72  ASP A OD2 1 
ATOM   574  N N   . ALA A 1 73  ? -10.511 1.651   0.173   1.00 14.51 ?  73  ALA A N   1 
ATOM   575  C CA  . ALA A 1 73  ? -10.583 0.317   0.764   1.00 15.77 ?  73  ALA A CA  1 
ATOM   576  C C   . ALA A 1 73  ? -9.503  0.097   1.821   1.00 16.19 ?  73  ALA A C   1 
ATOM   577  O O   . ALA A 1 73  ? -9.752  -0.558  2.840   1.00 17.38 ?  73  ALA A O   1 
ATOM   578  C CB  . ALA A 1 73  ? -10.485 -0.743  -0.335  1.00 17.88 ?  73  ALA A CB  1 
ATOM   579  N N   . ALA A 1 74  ? -8.297  0.620   1.596   1.00 13.58 ?  74  ALA A N   1 
ATOM   580  C CA  . ALA A 1 74  ? -7.239  0.469   2.591   1.00 13.34 ?  74  ALA A CA  1 
ATOM   581  C C   . ALA A 1 74  ? -7.602  1.184   3.890   1.00 14.03 ?  74  ALA A C   1 
ATOM   582  O O   . ALA A 1 74  ? -7.433  0.627   4.984   1.00 13.63 ?  74  ALA A O   1 
ATOM   583  C CB  . ALA A 1 74  ? -5.917  0.994   2.027   1.00 12.65 ?  74  ALA A CB  1 
ATOM   584  N N   . VAL A 1 75  ? -8.100  2.420   3.781   1.00 12.69 ?  75  VAL A N   1 
ATOM   585  C CA  . VAL A 1 75  ? -8.524  3.174   4.963   1.00 13.17 ?  75  VAL A CA  1 
ATOM   586  C C   . VAL A 1 75  ? -9.639  2.439   5.694   1.00 15.86 ?  75  VAL A C   1 
ATOM   587  O O   . VAL A 1 75  ? -9.581  2.236   6.915   1.00 15.13 ?  75  VAL A O   1 
ATOM   588  C CB  . VAL A 1 75  ? -8.969  4.587   4.560   1.00 13.92 ?  75  VAL A CB  1 
ATOM   589  C CG1 . VAL A 1 75  ? -9.565  5.311   5.778   1.00 17.80 ?  75  VAL A CG1 1 
ATOM   590  C CG2 . VAL A 1 75  ? -7.810  5.349   3.969   1.00 16.15 ?  75  VAL A CG2 1 
ATOM   591  N N   . ARG A 1 76  ? -10.681 2.048   4.959   1.00 17.17 ?  76  ARG A N   1 
ATOM   592  C CA  . ARG A 1 76  ? -11.818 1.394   5.593   1.00 17.93 ?  76  ARG A CA  1 
ATOM   593  C C   . ARG A 1 76  ? -11.403 0.089   6.263   1.00 20.03 ?  76  ARG A C   1 
ATOM   594  O O   . ARG A 1 76  ? -11.918 -0.250  7.336   1.00 21.98 ?  76  ARG A O   1 
ATOM   595  C CB  . ARG A 1 76  ? -12.940 1.201   4.559   1.00 20.54 ?  76  ARG A CB  1 
ATOM   596  C CG  . ARG A 1 76  ? -13.545 2.545   4.097   1.00 24.34 ?  76  ARG A CG  1 
ATOM   597  C CD  . ARG A 1 76  ? -14.394 2.442   2.821   1.00 27.81 ?  76  ARG A CD  1 
ATOM   598  N NE  . ARG A 1 76  ? -15.729 1.914   3.092   1.00 27.65 ?  76  ARG A NE  1 
ATOM   599  C CZ  . ARG A 1 76  ? -16.793 2.658   3.390   1.00 27.00 ?  76  ARG A CZ  1 
ATOM   600  N NH1 . ARG A 1 76  ? -16.701 3.979   3.454   1.00 25.07 ?  76  ARG A NH1 1 
ATOM   601  N NH2 . ARG A 1 76  ? -17.962 2.074   3.617   1.00 28.05 ?  76  ARG A NH2 1 
ATOM   602  N N   . GLY A 1 77  ? -10.426 -0.621  5.695   1.00 18.64 ?  77  GLY A N   1 
ATOM   603  C CA  . GLY A 1 77  ? -9.926  -1.822  6.344   1.00 20.14 ?  77  GLY A CA  1 
ATOM   604  C C   . GLY A 1 77  ? -9.204  -1.532  7.648   1.00 19.95 ?  77  GLY A C   1 
ATOM   605  O O   . GLY A 1 77  ? -9.364  -2.262  8.629   1.00 23.34 ?  77  GLY A O   1 
ATOM   606  N N   . ILE A 1 78  ? -8.381  -0.479  7.669   1.00 16.05 ?  78  ILE A N   1 
ATOM   607  C CA  . ILE A 1 78  ? -7.731  -0.060  8.909   1.00 14.92 ?  78  ILE A CA  1 
ATOM   608  C C   . ILE A 1 78  ? -8.775  0.237   9.977   1.00 16.44 ?  78  ILE A C   1 
ATOM   609  O O   . ILE A 1 78  ? -8.659  -0.203  11.127  1.00 15.58 ?  78  ILE A O   1 
ATOM   610  C CB  . ILE A 1 78  ? -6.829  1.163   8.652   1.00 13.28 ?  78  ILE A CB  1 
ATOM   611  C CG1 . ILE A 1 78  ? -5.549  0.744   7.931   1.00 14.21 ?  78  ILE A CG1 1 
ATOM   612  C CG2 . ILE A 1 78  ? -6.461  1.866   9.966   1.00 14.14 ?  78  ILE A CG2 1 
ATOM   613  C CD1 . ILE A 1 78  ? -4.727  1.917   7.410   1.00 16.07 ?  78  ILE A CD1 1 
ATOM   614  N N   . LEU A 1 79  ? -9.811  0.987   9.605   1.00 14.94 ?  79  LEU A N   1 
ATOM   615  C CA  . LEU A 1 79  ? -10.802 1.414   10.590  1.00 17.91 ?  79  LEU A CA  1 
ATOM   616  C C   . LEU A 1 79  ? -11.653 0.264   11.105  1.00 21.55 ?  79  LEU A C   1 
ATOM   617  O O   . LEU A 1 79  ? -12.174 0.357   12.223  1.00 22.47 ?  79  LEU A O   1 
ATOM   618  C CB  . LEU A 1 79  ? -11.686 2.505   9.995   1.00 17.74 ?  79  LEU A CB  1 
ATOM   619  C CG  . LEU A 1 79  ? -10.969 3.806   9.626   1.00 17.07 ?  79  LEU A CG  1 
ATOM   620  C CD1 . LEU A 1 79  ? -11.897 4.763   8.887   1.00 21.79 ?  79  LEU A CD1 1 
ATOM   621  C CD2 . LEU A 1 79  ? -10.397 4.459   10.871  1.00 19.74 ?  79  LEU A CD2 1 
ATOM   622  N N   . ARG A 1 80  ? -11.795 -0.814  10.334  1.00 18.89 ?  80  ARG A N   1 
ATOM   623  C CA  . ARG A 1 80  ? -12.545 -1.988  10.770  1.00 21.54 ?  80  ARG A CA  1 
ATOM   624  C C   . ARG A 1 80  ? -11.701 -2.975  11.567  1.00 23.18 ?  80  ARG A C   1 
ATOM   625  O O   . ARG A 1 80  ? -12.251 -3.931  12.127  1.00 24.72 ?  80  ARG A O   1 
ATOM   626  C CB  . ARG A 1 80  ? -13.148 -2.706  9.554   1.00 22.74 ?  80  ARG A CB  1 
ATOM   627  C CG  . ARG A 1 80  ? -14.586 -2.325  9.246   1.00 32.04 ?  80  ARG A CG  1 
ATOM   628  C CD  . ARG A 1 80  ? -15.252 -3.409  8.414   1.00 34.21 ?  80  ARG A CD  1 
ATOM   629  N NE  . ARG A 1 80  ? -14.526 -3.630  7.167   1.00 39.05 ?  80  ARG A NE  1 
ATOM   630  C CZ  . ARG A 1 80  ? -14.518 -2.784  6.139   1.00 37.84 ?  80  ARG A CZ  1 
ATOM   631  N NH1 . ARG A 1 80  ? -15.225 -1.661  6.188   1.00 38.68 ?  80  ARG A NH1 1 
ATOM   632  N NH2 . ARG A 1 80  ? -13.814 -3.068  5.051   1.00 36.80 ?  80  ARG A NH2 1 
ATOM   633  N N   . ASN A 1 81  ? -10.391 -2.776  11.633  1.00 19.00 ?  81  ASN A N   1 
ATOM   634  C CA  . ASN A 1 81  ? -9.482  -3.738  12.241  1.00 17.93 ?  81  ASN A CA  1 
ATOM   635  C C   . ASN A 1 81  ? -9.221  -3.337  13.689  1.00 16.73 ?  81  ASN A C   1 
ATOM   636  O O   . ASN A 1 81  ? -8.718  -2.240  13.946  1.00 16.52 ?  81  ASN A O   1 
ATOM   637  C CB  . ASN A 1 81  ? -8.177  -3.801  11.447  1.00 17.30 ?  81  ASN A CB  1 
ATOM   638  C CG  . ASN A 1 81  ? -7.265  -4.906  11.919  1.00 20.46 ?  81  ASN A CG  1 
ATOM   639  O OD1 . ASN A 1 81  ? -6.753  -4.871  13.039  1.00 21.52 ?  81  ASN A OD1 1 
ATOM   640  N ND2 . ASN A 1 81  ? -7.037  -5.897  11.059  1.00 23.21 ?  81  ASN A ND2 1 
ATOM   641  N N   . ALA A 1 82  ? -9.551  -4.227  14.629  1.00 16.81 ?  82  ALA A N   1 
ATOM   642  C CA  . ALA A 1 82  ? -9.502  -3.861  16.044  1.00 18.30 ?  82  ALA A CA  1 
ATOM   643  C C   . ALA A 1 82  ? -8.082  -3.603  16.527  1.00 17.88 ?  82  ALA A C   1 
ATOM   644  O O   . ALA A 1 82  ? -7.883  -2.868  17.503  1.00 20.10 ?  82  ALA A O   1 
ATOM   645  C CB  . ALA A 1 82  ? -10.157 -4.950  16.895  1.00 21.57 ?  82  ALA A CB  1 
ATOM   646  N N   . LYS A 1 83  ? -7.083  -4.194  15.876  1.00 17.20 ?  83  LYS A N   1 
ATOM   647  C CA  . LYS A 1 83  ? -5.708  -3.915  16.259  1.00 17.26 ?  83  LYS A CA  1 
ATOM   648  C C   . LYS A 1 83  ? -5.179  -2.654  15.592  1.00 15.96 ?  83  LYS A C   1 
ATOM   649  O O   . LYS A 1 83  ? -4.402  -1.913  16.204  1.00 18.73 ?  83  LYS A O   1 
ATOM   650  C CB  . LYS A 1 83  ? -4.799  -5.097  15.910  1.00 18.56 ?  83  LYS A CB  1 
ATOM   651  C CG  . LYS A 1 83  ? -5.135  -6.393  16.627  1.00 24.48 ?  83  LYS A CG  1 
ATOM   652  C CD  . LYS A 1 83  ? -4.004  -7.392  16.433  1.00 31.88 ?  83  LYS A CD  1 
ATOM   653  C CE  . LYS A 1 83  ? -2.667  -6.779  16.854  1.00 33.67 ?  83  LYS A CE  1 
ATOM   654  N NZ  . LYS A 1 83  ? -1.474  -7.599  16.469  1.00 32.96 ?  83  LYS A NZ  1 
ATOM   655  N N   . LEU A 1 84  ? -5.605  -2.377  14.360  1.00 14.60 ?  84  LEU A N   1 
ATOM   656  C CA  . LEU A 1 84  ? -5.011  -1.267  13.626  1.00 12.25 ?  84  LEU A CA  1 
ATOM   657  C C   . LEU A 1 84  ? -5.666  0.066   13.962  1.00 11.11 ?  84  LEU A C   1 
ATOM   658  O O   . LEU A 1 84  ? -4.976  1.090   14.032  1.00 12.53 ?  84  LEU A O   1 
ATOM   659  C CB  . LEU A 1 84  ? -5.101  -1.510  12.120  1.00 13.11 ?  84  LEU A CB  1 
ATOM   660  C CG  . LEU A 1 84  ? -4.376  -2.750  11.603  1.00 12.21 ?  84  LEU A CG  1 
ATOM   661  C CD1 . LEU A 1 84  ? -4.524  -2.788  10.093  1.00 13.91 ?  84  LEU A CD1 1 
ATOM   662  C CD2 . LEU A 1 84  ? -2.906  -2.713  11.978  1.00 15.31 ?  84  LEU A CD2 1 
ATOM   663  N N   . LYS A 1 85  ? -6.984  0.075   14.183  1.00 12.44 ?  85  LYS A N   1 
ATOM   664  C CA  . LYS A 1 85  ? -7.680  1.344   14.401  1.00 12.09 ?  85  LYS A CA  1 
ATOM   665  C C   . LYS A 1 85  ? -7.119  2.154   15.566  1.00 12.03 ?  85  LYS A C   1 
ATOM   666  O O   . LYS A 1 85  ? -6.876  3.358   15.381  1.00 12.29 ?  85  LYS A O   1 
ATOM   667  C CB  . LYS A 1 85  ? -9.184  1.100   14.570  1.00 14.62 ?  85  LYS A CB  1 
ATOM   668  C CG  . LYS A 1 85  ? -9.966  2.401   14.744  1.00 17.50 ?  85  LYS A CG  1 
ATOM   669  C CD  . LYS A 1 85  ? -11.461 2.156   14.869  1.00 18.83 ?  85  LYS A CD  1 
ATOM   670  C CE  . LYS A 1 85  ? -12.251 3.424   14.579  1.00 26.62 ?  85  LYS A CE  1 
ATOM   671  N NZ  . LYS A 1 85  ? -11.879 4.550   15.457  1.00 27.51 ?  85  LYS A NZ  1 
ATOM   672  N N   . PRO A 1 86  ? -6.893  1.601   16.767  1.00 13.15 ?  86  PRO A N   1 
ATOM   673  C CA  . PRO A 1 86  ? -6.369  2.461   17.844  1.00 12.13 ?  86  PRO A CA  1 
ATOM   674  C C   . PRO A 1 86  ? -5.011  3.057   17.516  1.00 12.57 ?  86  PRO A C   1 
ATOM   675  O O   . PRO A 1 86  ? -4.741  4.222   17.849  1.00 13.35 ?  86  PRO A O   1 
ATOM   676  C CB  . PRO A 1 86  ? -6.314  1.523   19.061  1.00 14.60 ?  86  PRO A CB  1 
ATOM   677  C CG  . PRO A 1 86  ? -6.426  0.129   18.508  1.00 17.98 ?  86  PRO A CG  1 
ATOM   678  C CD  . PRO A 1 86  ? -7.222  0.245   17.250  1.00 13.86 ?  86  PRO A CD  1 
ATOM   679  N N   . VAL A 1 87  ? -4.142  2.297   16.853  1.00 11.84 ?  87  VAL A N   1 
ATOM   680  C CA  . VAL A 1 87  ? -2.840  2.856   16.496  1.00 11.81 ?  87  VAL A CA  1 
ATOM   681  C C   . VAL A 1 87  ? -2.999  3.950   15.450  1.00 10.77 ?  87  VAL A C   1 
ATOM   682  O O   . VAL A 1 87  ? -2.424  5.036   15.572  1.00 11.04 ?  87  VAL A O   1 
ATOM   683  C CB  . VAL A 1 87  ? -1.885  1.751   16.018  1.00 12.46 ?  87  VAL A CB  1 
ATOM   684  C CG1 . VAL A 1 87  ? -0.505  2.353   15.752  1.00 12.42 ?  87  VAL A CG1 1 
ATOM   685  C CG2 . VAL A 1 87  ? -1.805  0.646   17.048  1.00 13.93 ?  87  VAL A CG2 1 
ATOM   686  N N   . TYR A 1 88  ? -3.785  3.680   14.407  1.00 10.52 ?  88  TYR A N   1 
ATOM   687  C CA  . TYR A 1 88  ? -4.054  4.683   13.391  1.00 10.50 ?  88  TYR A CA  1 
ATOM   688  C C   . TYR A 1 88  ? -4.623  5.963   14.005  1.00 10.82 ?  88  TYR A C   1 
ATOM   689  O O   . TYR A 1 88  ? -4.158  7.071   13.705  1.00 12.17 ?  88  TYR A O   1 
ATOM   690  C CB  . TYR A 1 88  ? -5.012  4.079   12.362  1.00 12.12 ?  88  TYR A CB  1 
ATOM   691  C CG  . TYR A 1 88  ? -5.348  4.980   11.209  1.00 11.17 ?  88  TYR A CG  1 
ATOM   692  C CD1 . TYR A 1 88  ? -4.505  5.073   10.109  1.00 12.37 ?  88  TYR A CD1 1 
ATOM   693  C CD2 . TYR A 1 88  ? -6.512  5.732   11.215  1.00 12.93 ?  88  TYR A CD2 1 
ATOM   694  C CE1 . TYR A 1 88  ? -4.802  5.903   9.045   1.00 12.19 ?  88  TYR A CE1 1 
ATOM   695  C CE2 . TYR A 1 88  ? -6.830  6.553   10.148  1.00 14.39 ?  88  TYR A CE2 1 
ATOM   696  C CZ  . TYR A 1 88  ? -5.962  6.637   9.071   1.00 14.02 ?  88  TYR A CZ  1 
ATOM   697  O OH  . TYR A 1 88  ? -6.270  7.463   8.013   1.00 17.45 ?  88  TYR A OH  1 
ATOM   698  N N   . ASP A 1 89  ? -5.622  5.830   14.889  1.00 11.25 ?  89  ASP A N   1 
ATOM   699  C CA  . ASP A 1 89  ? -6.223  7.015   15.499  1.00 15.37 ?  89  ASP A CA  1 
ATOM   700  C C   . ASP A 1 89  ? -5.222  7.785   16.346  1.00 12.24 ?  89  ASP A C   1 
ATOM   701  O O   . ASP A 1 89  ? -5.347  9.004   16.498  1.00 14.21 ?  89  ASP A O   1 
ATOM   702  C CB  . ASP A 1 89  ? -7.419  6.621   16.363  1.00 13.37 ?  89  ASP A CB  1 
ATOM   703  C CG  . ASP A 1 89  ? -8.636  6.241   15.551  1.00 17.97 ?  89  ASP A CG  1 
ATOM   704  O OD1 . ASP A 1 89  ? -8.703  6.579   14.349  1.00 18.90 ?  89  ASP A OD1 1 
ATOM   705  O OD2 . ASP A 1 89  ? -9.531  5.593   16.132  1.00 22.84 ?  89  ASP A OD2 1 
ATOM   706  N N   . SER A 1 90  ? -4.228  7.092   16.911  1.00 10.03 ?  90  SER A N   1 
ATOM   707  C CA  . SER A 1 90  ? -3.231  7.744   17.753  1.00 10.75 ?  90  SER A CA  1 
ATOM   708  C C   . SER A 1 90  ? -2.241  8.586   16.955  1.00 11.06 ?  90  SER A C   1 
ATOM   709  O O   . SER A 1 90  ? -1.552  9.425   17.541  1.00 11.84 ?  90  SER A O   1 
ATOM   710  C CB  . SER A 1 90  ? -2.481  6.690   18.579  1.00 12.78 ?  90  SER A CB  1 
ATOM   711  O OG  . SER A 1 90  ? -1.429  6.064   17.847  1.00 10.99 ?  90  SER A OG  1 
ATOM   712  N N   . LEU A 1 91  ? -2.148  8.381   15.643  1.00 11.03 ?  91  LEU A N   1 
ATOM   713  C CA  . LEU A 1 91  ? -1.127  9.011   14.820  1.00 10.50 ?  91  LEU A CA  1 
ATOM   714  C C   . LEU A 1 91  ? -1.566  10.383  14.313  1.00 9.45  ?  91  LEU A C   1 
ATOM   715  O O   . LEU A 1 91  ? -2.758  10.697  14.217  1.00 11.44 ?  91  LEU A O   1 
ATOM   716  C CB  . LEU A 1 91  ? -0.794  8.128   13.615  1.00 10.91 ?  91  LEU A CB  1 
ATOM   717  C CG  . LEU A 1 91  ? -0.197  6.751   13.897  1.00 11.12 ?  91  LEU A CG  1 
ATOM   718  C CD1 . LEU A 1 91  ? -0.201  5.992   12.575  1.00 12.05 ?  91  LEU A CD1 1 
ATOM   719  C CD2 . LEU A 1 91  ? 1.208   6.852   14.459  1.00 11.44 ?  91  LEU A CD2 1 
ATOM   720  N N   . ASP A 1 92  ? -0.564  11.191  13.987  1.00 9.80  ?  92  ASP A N   1 
ATOM   721  C CA  . ASP A 1 92  ? -0.732  12.406  13.206  1.00 11.11 ?  92  ASP A CA  1 
ATOM   722  C C   . ASP A 1 92  ? -1.012  12.069  11.736  1.00 13.52 ?  92  ASP A C   1 
ATOM   723  O O   . ASP A 1 92  ? -0.818  10.940  11.272  1.00 12.85 ?  92  ASP A O   1 
ATOM   724  C CB  . ASP A 1 92  ? 0.527   13.248  13.301  1.00 11.55 ?  92  ASP A CB  1 
ATOM   725  C CG  . ASP A 1 92  ? 1.724   12.497  12.796  1.00 13.55 ?  92  ASP A CG  1 
ATOM   726  O OD1 . ASP A 1 92  ? 2.286   11.701  13.587  1.00 14.26 ?  92  ASP A OD1 1 
ATOM   727  O OD2 . ASP A 1 92  ? 2.044   12.658  11.593  1.00 13.88 ?  92  ASP A OD2 1 
ATOM   728  N N   . ALA A 1 93  ? -1.438  13.087  10.984  1.00 13.78 ?  93  ALA A N   1 
ATOM   729  C CA  . ALA A 1 93  ? -1.899  12.855  9.615   1.00 13.63 ?  93  ALA A CA  1 
ATOM   730  C C   . ALA A 1 93  ? -0.804  12.303  8.704   1.00 14.08 ?  93  ALA A C   1 
ATOM   731  O O   . ALA A 1 93  ? -1.073  11.416  7.883   1.00 15.43 ?  93  ALA A O   1 
ATOM   732  C CB  . ALA A 1 93  ? -2.469  14.150  9.032   1.00 17.87 ?  93  ALA A CB  1 
ATOM   733  N N   . VAL A 1 94  ? 0.425   12.814  8.804   1.00 12.28 ?  94  VAL A N   1 
ATOM   734  C CA  . VAL A 1 94  ? 1.483   12.317  7.919   1.00 11.97 ?  94  VAL A CA  1 
ATOM   735  C C   . VAL A 1 94  ? 1.773   10.849  8.207   1.00 11.97 ?  94  VAL A C   1 
ATOM   736  O O   . VAL A 1 94  ? 1.891   10.028  7.284   1.00 11.66 ?  94  VAL A O   1 
ATOM   737  C CB  . VAL A 1 94  ? 2.750   13.188  8.033   1.00 12.42 ?  94  VAL A CB  1 
ATOM   738  C CG1 . VAL A 1 94  ? 3.880   12.611  7.165   1.00 13.63 ?  94  VAL A CG1 1 
ATOM   739  C CG2 . VAL A 1 94  ? 2.433   14.631  7.614   1.00 15.41 ?  94  VAL A CG2 1 
ATOM   740  N N   . ARG A 1 95  ? 1.878   10.479  9.482   1.00 11.09 ?  95  ARG A N   1 
ATOM   741  C CA  . ARG A 1 95  ? 2.142   9.081   9.796   1.00 10.98 ?  95  ARG A CA  1 
ATOM   742  C C   . ARG A 1 95  ? 0.951   8.192   9.447   1.00 10.02 ?  95  ARG A C   1 
ATOM   743  O O   . ARG A 1 95  ? 1.141   7.020   9.094   1.00 10.42 ?  95  ARG A O   1 
ATOM   744  C CB  . ARG A 1 95  ? 2.540   8.951   11.268  1.00 10.10 ?  95  ARG A CB  1 
ATOM   745  C CG  . ARG A 1 95  ? 3.866   9.646   11.554  1.00 9.31  ?  95  ARG A CG  1 
ATOM   746  C CD  . ARG A 1 95  ? 4.339   9.318   12.962  1.00 10.35 ?  95  ARG A CD  1 
ATOM   747  N NE  . ARG A 1 95  ? 5.697   9.753   13.259  1.00 10.23 ?  95  ARG A NE  1 
ATOM   748  C CZ  . ARG A 1 95  ? 6.004   10.928  13.798  1.00 12.62 ?  95  ARG A CZ  1 
ATOM   749  N NH1 . ARG A 1 95  ? 5.051   11.822  14.045  1.00 12.35 ?  95  ARG A NH1 1 
ATOM   750  N NH2 . ARG A 1 95  ? 7.273   11.211  14.047  1.00 12.45 ?  95  ARG A NH2 1 
ATOM   751  N N   . ARG A 1 96  ? -0.277  8.726   9.487   1.00 10.72 ?  96  ARG A N   1 
ATOM   752  C CA  . ARG A 1 96  ? -1.423  7.951   9.007   1.00 10.61 ?  96  ARG A CA  1 
ATOM   753  C C   . ARG A 1 96  ? -1.254  7.561   7.542   1.00 9.23  ?  96  ARG A C   1 
ATOM   754  O O   . ARG A 1 96  ? -1.674  6.467   7.136   1.00 10.32 ?  96  ARG A O   1 
ATOM   755  C CB  . ARG A 1 96  ? -2.723  8.740   9.198   1.00 12.24 ?  96  ARG A CB  1 
ATOM   756  C CG  . ARG A 1 96  ? -3.202  8.739   10.636  1.00 11.06 ?  96  ARG A CG  1 
ATOM   757  C CD  . ARG A 1 96  ? -4.476  9.553   10.806  1.00 12.95 ?  96  ARG A CD  1 
ATOM   758  N NE  . ARG A 1 96  ? -4.883  9.575   12.210  1.00 12.94 ?  96  ARG A NE  1 
ATOM   759  C CZ  . ARG A 1 96  ? -5.755  10.433  12.725  1.00 13.19 ?  96  ARG A CZ  1 
ATOM   760  N NH1 . ARG A 1 96  ? -6.331  11.348  11.952  1.00 16.64 ?  96  ARG A NH1 1 
ATOM   761  N NH2 . ARG A 1 96  ? -6.044  10.381  14.021  1.00 11.86 ?  96  ARG A NH2 1 
ATOM   762  N N   . CYS A 1 97  ? -0.649  8.442   6.741   1.00 10.75 ?  97  CYS A N   1 
ATOM   763  C CA  . CYS A 1 97  ? -0.381  8.119   5.343   1.00 10.79 ?  97  CYS A CA  1 
ATOM   764  C C   . CYS A 1 97  ? 0.582   6.950   5.223   1.00 10.95 ?  97  CYS A C   1 
ATOM   765  O O   . CYS A 1 97  ? 0.408   6.083   4.359   1.00 10.95 ?  97  CYS A O   1 
ATOM   766  C CB  . CYS A 1 97  ? 0.177   9.337   4.616   1.00 9.60  ?  97  CYS A CB  1 
ATOM   767  S SG  . CYS A 1 97  ? -1.037  10.636  4.331   1.00 15.29 ?  97  CYS A SG  1 
ATOM   768  N N   . ALA A 1 98  ? 1.614   6.919   6.070   1.00 9.30  ?  98  ALA A N   1 
ATOM   769  C CA  . ALA A 1 98  ? 2.533   5.785   6.069   1.00 9.52  ?  98  ALA A CA  1 
ATOM   770  C C   . ALA A 1 98  ? 1.804   4.486   6.385   1.00 10.70 ?  98  ALA A C   1 
ATOM   771  O O   . ALA A 1 98  ? 2.069   3.447   5.763   1.00 9.70  ?  98  ALA A O   1 
ATOM   772  C CB  . ALA A 1 98  ? 3.667   6.032   7.067   1.00 10.19 ?  98  ALA A CB  1 
ATOM   773  N N   . ALA A 1 99  ? 0.846   4.536   7.314   1.00 8.75  ?  99  ALA A N   1 
ATOM   774  C CA  . ALA A 1 99  ? 0.068   3.350   7.646   1.00 8.55  ?  99  ALA A CA  1 
ATOM   775  C C   . ALA A 1 99  ? -0.781  2.890   6.469   1.00 9.97  ?  99  ALA A C   1 
ATOM   776  O O   . ALA A 1 99  ? -0.843  1.687   6.167   1.00 11.49 ?  99  ALA A O   1 
ATOM   777  C CB  . ALA A 1 99  ? -0.812  3.641   8.864   1.00 10.82 ?  99  ALA A CB  1 
ATOM   778  N N   . ILE A 1 100 ? -1.468  3.830   5.811   1.00 9.91  ?  100 ILE A N   1 
ATOM   779  C CA  . ILE A 1 100 ? -2.270  3.480   4.640   1.00 10.45 ?  100 ILE A CA  1 
ATOM   780  C C   . ILE A 1 100 ? -1.387  2.880   3.554   1.00 10.98 ?  100 ILE A C   1 
ATOM   781  O O   . ILE A 1 100 ? -1.777  1.920   2.880   1.00 10.74 ?  100 ILE A O   1 
ATOM   782  C CB  . ILE A 1 100 ? -3.040  4.711   4.127   1.00 10.55 ?  100 ILE A CB  1 
ATOM   783  C CG1 . ILE A 1 100 ? -4.036  5.198   5.177   1.00 12.30 ?  100 ILE A CG1 1 
ATOM   784  C CG2 . ILE A 1 100 ? -3.740  4.388   2.793   1.00 11.67 ?  100 ILE A CG2 1 
ATOM   785  C CD1 . ILE A 1 100 ? -4.551  6.622   4.916   1.00 12.75 ?  100 ILE A CD1 1 
ATOM   786  N N   . ASN A 1 101 ? -0.188  3.437   3.364   1.00 9.14  ?  101 ASN A N   1 
ATOM   787  C CA  . ASN A 1 101 ? 0.733   2.915   2.356   1.00 10.14 ?  101 ASN A CA  1 
ATOM   788  C C   . ASN A 1 101 ? 1.023   1.435   2.588   1.00 11.05 ?  101 ASN A C   1 
ATOM   789  O O   . ASN A 1 101 ? 0.915   0.624   1.662   1.00 10.15 ?  101 ASN A O   1 
ATOM   790  C CB  . ASN A 1 101 ? 2.017   3.751   2.377   1.00 9.28  ?  101 ASN A CB  1 
ATOM   791  C CG  . ASN A 1 101 ? 2.910   3.515   1.167   1.00 10.07 ?  101 ASN A CG  1 
ATOM   792  O OD1 . ASN A 1 101 ? 3.303   2.387   0.882   1.00 10.29 ?  101 ASN A OD1 1 
ATOM   793  N ND2 . ASN A 1 101 ? 3.266   4.590   0.473   1.00 11.18 ?  101 ASN A ND2 1 
ATOM   794  N N   . MET A 1 102 ? 1.347   1.060   3.830   1.00 10.00 ?  102 MET A N   1 
ATOM   795  C CA  . MET A 1 102 ? 1.660   -0.334  4.126   1.00 9.79  ?  102 MET A CA  1 
ATOM   796  C C   . MET A 1 102 ? 0.459   -1.237  3.889   1.00 9.61  ?  102 MET A C   1 
ATOM   797  O O   . MET A 1 102 ? 0.608   -2.345  3.361   1.00 11.17 ?  102 MET A O   1 
ATOM   798  C CB  . MET A 1 102 ? 2.147   -0.464  5.568   1.00 9.75  ?  102 MET A CB  1 
ATOM   799  C CG  . MET A 1 102 ? 3.511   0.174   5.793   1.00 9.74  ?  102 MET A CG  1 
ATOM   800  S SD  . MET A 1 102 ? 4.186   -0.201  7.417   1.00 11.58 ?  102 MET A SD  1 
ATOM   801  C CE  . MET A 1 102 ? 4.651   -1.925  7.233   1.00 12.36 ?  102 MET A CE  1 
ATOM   802  N N   . VAL A 1 103 ? -0.743  -0.784  4.262   1.00 9.82  ?  103 VAL A N   1 
ATOM   803  C CA  . VAL A 1 103 ? -1.925  -1.624  4.089   1.00 10.94 ?  103 VAL A CA  1 
ATOM   804  C C   . VAL A 1 103 ? -2.292  -1.714  2.614   1.00 11.39 ?  103 VAL A C   1 
ATOM   805  O O   . VAL A 1 103 ? -2.772  -2.759  2.147   1.00 12.28 ?  103 VAL A O   1 
ATOM   806  C CB  . VAL A 1 103 ? -3.086  -1.101  4.959   1.00 13.42 ?  103 VAL A CB  1 
ATOM   807  C CG1 . VAL A 1 103 ? -4.379  -1.831  4.624   1.00 14.29 ?  103 VAL A CG1 1 
ATOM   808  C CG2 . VAL A 1 103 ? -2.750  -1.292  6.437   1.00 13.58 ?  103 VAL A CG2 1 
ATOM   809  N N   . PHE A 1 104 ? -2.045  -0.649  1.850   1.00 10.08 ?  104 PHE A N   1 
ATOM   810  C CA  . PHE A 1 104 ? -2.213  -0.720  0.398   1.00 10.03 ?  104 PHE A CA  1 
ATOM   811  C C   . PHE A 1 104 ? -1.297  -1.785  -0.196  1.00 12.28 ?  104 PHE A C   1 
ATOM   812  O O   . PHE A 1 104 ? -1.725  -2.610  -1.012  1.00 13.54 ?  104 PHE A O   1 
ATOM   813  C CB  . PHE A 1 104 ? -1.929  0.659   -0.209  1.00 10.19 ?  104 PHE A CB  1 
ATOM   814  C CG  . PHE A 1 104 ? -2.246  0.773   -1.683  1.00 10.87 ?  104 PHE A CG  1 
ATOM   815  C CD1 . PHE A 1 104 ? -1.347  0.318   -2.638  1.00 14.32 ?  104 PHE A CD1 1 
ATOM   816  C CD2 . PHE A 1 104 ? -3.424  1.377   -2.109  1.00 11.89 ?  104 PHE A CD2 1 
ATOM   817  C CE1 . PHE A 1 104 ? -1.632  0.437   -3.999  1.00 14.54 ?  104 PHE A CE1 1 
ATOM   818  C CE2 . PHE A 1 104 ? -3.706  1.507   -3.467  1.00 13.79 ?  104 PHE A CE2 1 
ATOM   819  C CZ  . PHE A 1 104 ? -2.808  1.026   -4.409  1.00 14.15 ?  104 PHE A CZ  1 
ATOM   820  N N   . GLN A 1 105 ? -0.034  -1.810  0.235   1.00 11.05 ?  105 GLN A N   1 
ATOM   821  C CA  . GLN A 1 105 ? 0.921   -2.743  -0.356  1.00 10.74 ?  105 GLN A CA  1 
ATOM   822  C C   . GLN A 1 105 ? 0.670   -4.178  0.094   1.00 14.81 ?  105 GLN A C   1 
ATOM   823  O O   . GLN A 1 105 ? 0.801   -5.112  -0.706  1.00 14.67 ?  105 GLN A O   1 
ATOM   824  C CB  . GLN A 1 105 ? 2.348   -2.312  -0.003  1.00 11.35 ?  105 GLN A CB  1 
ATOM   825  C CG  . GLN A 1 105 ? 3.419   -3.166  -0.670  1.00 11.76 ?  105 GLN A CG  1 
ATOM   826  C CD  . GLN A 1 105 ? 4.834   -2.805  -0.263  1.00 11.05 ?  105 GLN A CD  1 
ATOM   827  O OE1 . GLN A 1 105 ? 5.073   -1.876  0.501   1.00 11.65 ?  105 GLN A OE1 1 
ATOM   828  N NE2 . GLN A 1 105 ? 5.800   -3.567  -0.774  1.00 14.22 ?  105 GLN A NE2 1 
ATOM   829  N N   . MET A 1 106 ? 0.306   -4.395  1.358   1.00 13.08 ?  106 MET A N   1 
ATOM   830  C CA  A MET A 1 106 ? 0.288   -5.769  1.851   0.24 14.02 ?  106 MET A CA  1 
ATOM   831  C CA  B MET A 1 106 ? 0.311   -5.728  1.940   0.76 13.98 ?  106 MET A CA  1 
ATOM   832  C C   . MET A 1 106 ? -1.026  -6.180  2.505   1.00 15.46 ?  106 MET A C   1 
ATOM   833  O O   . MET A 1 106 ? -1.091  -7.270  3.091   1.00 18.40 ?  106 MET A O   1 
ATOM   834  C CB  A MET A 1 106 ? 1.459   -6.011  2.815   0.24 14.58 ?  106 MET A CB  1 
ATOM   835  C CB  B MET A 1 106 ? 1.371   -5.805  3.042   0.76 14.26 ?  106 MET A CB  1 
ATOM   836  C CG  A MET A 1 106 ? 1.484   -5.111  4.021   0.24 14.85 ?  106 MET A CG  1 
ATOM   837  C CG  B MET A 1 106 ? 2.765   -5.591  2.510   0.76 14.59 ?  106 MET A CG  1 
ATOM   838  S SD  A MET A 1 106 ? 3.014   -5.173  4.972   0.24 20.88 ?  106 MET A SD  1 
ATOM   839  S SD  B MET A 1 106 ? 4.018   -5.791  3.767   0.76 14.34 ?  106 MET A SD  1 
ATOM   840  C CE  A MET A 1 106 ? 3.886   -3.799  4.222   0.24 13.90 ?  106 MET A CE  1 
ATOM   841  C CE  B MET A 1 106 ? 3.888   -4.229  4.641   0.76 16.76 ?  106 MET A CE  1 
ATOM   842  N N   . GLY A 1 107 ? -2.086  -5.391  2.364   1.00 14.08 ?  107 GLY A N   1 
ATOM   843  C CA  . GLY A 1 107 ? -3.348  -5.810  2.943   1.00 15.94 ?  107 GLY A CA  1 
ATOM   844  C C   . GLY A 1 107 ? -3.273  -5.825  4.460   1.00 17.04 ?  107 GLY A C   1 
ATOM   845  O O   . GLY A 1 107 ? -2.523  -5.072  5.079   1.00 17.03 ?  107 GLY A O   1 
ATOM   846  N N   . GLU A 1 108 ? -4.043  -6.722  5.069   1.00 18.67 ?  108 GLU A N   1 
ATOM   847  C CA  . GLU A 1 108 ? -4.043  -6.856  6.518   1.00 21.13 ?  108 GLU A CA  1 
ATOM   848  C C   . GLU A 1 108 ? -3.405  -8.160  6.979   1.00 24.07 ?  108 GLU A C   1 
ATOM   849  O O   . GLU A 1 108 ? -3.459  -8.485  8.170   1.00 24.56 ?  108 GLU A O   1 
ATOM   850  C CB  . GLU A 1 108 ? -5.470  -6.726  7.053   1.00 23.93 ?  108 GLU A CB  1 
ATOM   851  C CG  . GLU A 1 108 ? -5.913  -5.277  7.157   1.00 27.17 ?  108 GLU A CG  1 
ATOM   852  C CD  . GLU A 1 108 ? -7.413  -5.117  7.291   1.00 29.81 ?  108 GLU A CD  1 
ATOM   853  O OE1 . GLU A 1 108 ? -8.014  -5.808  8.142   1.00 30.72 ?  108 GLU A OE1 1 
ATOM   854  O OE2 . GLU A 1 108 ? -7.982  -4.281  6.559   1.00 35.13 ?  108 GLU A OE2 1 
ATOM   855  N N   . THR A 1 109 ? -2.764  -8.898  6.072   1.00 28.24 ?  109 THR A N   1 
ATOM   856  C CA  . THR A 1 109 ? -2.206  -10.201 6.415   1.00 34.37 ?  109 THR A CA  1 
ATOM   857  C C   . THR A 1 109 ? -0.997  -10.112 7.342   1.00 31.13 ?  109 THR A C   1 
ATOM   858  O O   . THR A 1 109 ? -0.614  -11.130 7.931   1.00 32.93 ?  109 THR A O   1 
ATOM   859  C CB  . THR A 1 109 ? -1.836  -10.951 5.131   1.00 34.62 ?  109 THR A CB  1 
ATOM   860  O OG1 . THR A 1 109 ? -0.714  -10.308 4.512   1.00 39.97 ?  109 THR A OG1 1 
ATOM   861  C CG2 . THR A 1 109 ? -3.009  -10.944 4.162   1.00 42.16 ?  109 THR A CG2 1 
ATOM   862  N N   . GLY A 1 110 ? -0.400  -8.935  7.503   1.00 22.18 ?  110 GLY A N   1 
ATOM   863  C CA  . GLY A 1 110 ? 0.767   -8.807  8.350   1.00 25.15 ?  110 GLY A CA  1 
ATOM   864  C C   . GLY A 1 110 ? 0.529   -8.051  9.637   1.00 27.22 ?  110 GLY A C   1 
ATOM   865  O O   . GLY A 1 110 ? 1.439   -7.386  10.130  1.00 31.68 ?  110 GLY A O   1 
ATOM   866  N N   . VAL A 1 111 ? -0.675  -8.135  10.201  1.00 19.97 ?  111 VAL A N   1 
ATOM   867  C CA  . VAL A 1 111 ? -0.958  -7.402  11.433  1.00 20.92 ?  111 VAL A CA  1 
ATOM   868  C C   . VAL A 1 111 ? -0.374  -8.107  12.656  1.00 23.91 ?  111 VAL A C   1 
ATOM   869  O O   . VAL A 1 111 ? 0.157   -7.456  13.569  1.00 21.60 ?  111 VAL A O   1 
ATOM   870  C CB  . VAL A 1 111 ? -2.474  -7.189  11.576  1.00 17.23 ?  111 VAL A CB  1 
ATOM   871  C CG1 . VAL A 1 111 ? -2.807  -6.639  12.948  1.00 23.06 ?  111 VAL A CG1 1 
ATOM   872  C CG2 . VAL A 1 111 ? -2.987  -6.263  10.468  1.00 20.27 ?  111 VAL A CG2 1 
ATOM   873  N N   . ALA A 1 112 ? -0.429  -9.444  12.693  1.00 18.89 ?  112 ALA A N   1 
ATOM   874  C CA  . ALA A 1 112 ? 0.081   -10.170 13.858  1.00 22.19 ?  112 ALA A CA  1 
ATOM   875  C C   . ALA A 1 112 ? 1.599   -10.063 13.959  1.00 21.84 ?  112 ALA A C   1 
ATOM   876  O O   . ALA A 1 112 ? 2.137   -9.726  15.020  1.00 18.77 ?  112 ALA A O   1 
ATOM   877  C CB  . ALA A 1 112 ? -0.356  -11.631 13.804  1.00 21.08 ?  112 ALA A CB  1 
ATOM   878  N N   . GLY A 1 113 ? 2.318   -10.365 12.882  1.00 19.56 ?  113 GLY A N   1 
ATOM   879  C CA  . GLY A 1 113 ? 3.620   -9.754  12.727  1.00 16.62 ?  113 GLY A CA  1 
ATOM   880  C C   . GLY A 1 113 ? 3.407   -8.255  12.711  1.00 19.77 ?  113 GLY A C   1 
ATOM   881  O O   . GLY A 1 113 ? 2.337   -7.791  12.357  1.00 30.93 ?  113 GLY A O   1 
ATOM   882  N N   . PHE A 1 114 ? 4.389   -7.498  13.134  1.00 31.62 ?  114 PHE A N   1 
ATOM   883  C CA  . PHE A 1 114 ? 4.242   -6.062  13.303  1.00 18.43 ?  114 PHE A CA  1 
ATOM   884  C C   . PHE A 1 114 ? 3.446   -5.715  14.565  1.00 13.37 ?  114 PHE A C   1 
ATOM   885  O O   . PHE A 1 114 ? 3.298   -4.534  14.826  1.00 13.22 ?  114 PHE A O   1 
ATOM   886  C CB  . PHE A 1 114 ? 3.618   -5.347  12.085  1.00 14.55 ?  114 PHE A CB  1 
ATOM   887  C CG  . PHE A 1 114 ? 4.461   -5.437  10.834  1.00 14.00 ?  114 PHE A CG  1 
ATOM   888  C CD1 . PHE A 1 114 ? 5.474   -4.520  10.605  1.00 13.07 ?  114 PHE A CD1 1 
ATOM   889  C CD2 . PHE A 1 114 ? 4.260   -6.449  9.909   1.00 13.73 ?  114 PHE A CD2 1 
ATOM   890  C CE1 . PHE A 1 114 ? 6.271   -4.602  9.466   1.00 13.45 ?  114 PHE A CE1 1 
ATOM   891  C CE2 . PHE A 1 114 ? 5.046   -6.537  8.765   1.00 15.26 ?  114 PHE A CE2 1 
ATOM   892  C CZ  . PHE A 1 114 ? 6.050   -5.617  8.542   1.00 14.28 ?  114 PHE A CZ  1 
ATOM   893  N N   . THR A 1 115 ? 3.022   -6.687  15.392  1.00 12.48 ?  115 THR A N   1 
ATOM   894  C CA  . THR A 1 115 ? 2.485   -6.363  16.716  1.00 13.84 ?  115 THR A CA  1 
ATOM   895  C C   . THR A 1 115 ? 3.432   -5.449  17.487  1.00 12.02 ?  115 THR A C   1 
ATOM   896  O O   . THR A 1 115 ? 3.011   -4.449  18.084  1.00 13.01 ?  115 THR A O   1 
ATOM   897  C CB  . THR A 1 115 ? 2.238   -7.644  17.520  1.00 16.22 ?  115 THR A CB  1 
ATOM   898  O OG1 . THR A 1 115 ? 1.193   -8.397  16.904  1.00 17.71 ?  115 THR A OG1 1 
ATOM   899  C CG2 . THR A 1 115 ? 1.838   -7.314  18.968  1.00 16.08 ?  115 THR A CG2 1 
ATOM   900  N N   . ASN A 1 116 ? 4.719   -5.783  17.502  1.00 12.81 ?  116 ASN A N   1 
ATOM   901  C CA  . ASN A 1 116 ? 5.653   -4.977  18.271  1.00 12.47 ?  116 ASN A CA  1 
ATOM   902  C C   . ASN A 1 116 ? 5.856   -3.602  17.638  1.00 12.90 ?  116 ASN A C   1 
ATOM   903  O O   . ASN A 1 116 ? 5.929   -2.590  18.350  1.00 13.54 ?  116 ASN A O   1 
ATOM   904  C CB  . ASN A 1 116 ? 6.959   -5.750  18.428  1.00 14.09 ?  116 ASN A CB  1 
ATOM   905  C CG  . ASN A 1 116 ? 6.734   -7.099  19.099  1.00 19.82 ?  116 ASN A CG  1 
ATOM   906  O OD1 . ASN A 1 116 ? 6.027   -7.184  20.111  1.00 21.98 ?  116 ASN A OD1 1 
ATOM   907  N ND2 . ASN A 1 116 ? 7.307   -8.163  18.529  1.00 17.98 ?  116 ASN A ND2 1 
ATOM   908  N N   . SER A 1 117 ? 5.913   -3.538  16.305  1.00 12.13 ?  117 SER A N   1 
ATOM   909  C CA  . SER A 1 117 ? 6.003   -2.243  15.638  1.00 11.27 ?  117 SER A CA  1 
ATOM   910  C C   . SER A 1 117 ? 4.789   -1.387  15.950  1.00 11.34 ?  117 SER A C   1 
ATOM   911  O O   . SER A 1 117 ? 4.919   -0.185  16.207  1.00 10.97 ?  117 SER A O   1 
ATOM   912  C CB  . SER A 1 117 ? 6.120   -2.425  14.124  1.00 12.00 ?  117 SER A CB  1 
ATOM   913  O OG  . SER A 1 117 ? 7.471   -2.605  13.717  1.00 16.95 ?  117 SER A OG  1 
ATOM   914  N N   . LEU A 1 118 ? 3.601   -1.993  15.935  1.00 11.43 ?  118 LEU A N   1 
ATOM   915  C CA  . LEU A 1 118 ? 2.375   -1.256  16.231  1.00 10.07 ?  118 LEU A CA  1 
ATOM   916  C C   . LEU A 1 118 ? 2.395   -0.683  17.641  1.00 11.54 ?  118 LEU A C   1 
ATOM   917  O O   . LEU A 1 118 ? 1.998   0.470   17.854  1.00 11.71 ?  118 LEU A O   1 
ATOM   918  C CB  . LEU A 1 118 ? 1.161   -2.167  16.044  1.00 10.81 ?  118 LEU A CB  1 
ATOM   919  C CG  . LEU A 1 118 ? 0.799   -2.421  14.583  1.00 11.29 ?  118 LEU A CG  1 
ATOM   920  C CD1 . LEU A 1 118 ? -0.106  -3.634  14.457  1.00 14.07 ?  118 LEU A CD1 1 
ATOM   921  C CD2 . LEU A 1 118 ? 0.121   -1.193  13.971  1.00 12.88 ?  118 LEU A CD2 1 
ATOM   922  N N   . ARG A 1 119 ? 2.860   -1.469  18.618  1.00 10.92 ?  119 ARG A N   1 
ATOM   923  C CA  . ARG A 1 119 ? 2.970   -0.959  19.982  1.00 11.61 ?  119 ARG A CA  1 
ATOM   924  C C   . ARG A 1 119 ? 3.926   0.224   20.051  1.00 12.82 ?  119 ARG A C   1 
ATOM   925  O O   . ARG A 1 119 ? 3.616   1.247   20.672  1.00 12.51 ?  119 ARG A O   1 
ATOM   926  C CB  . ARG A 1 119 ? 3.427   -2.076  20.920  1.00 13.92 ?  119 ARG A CB  1 
ATOM   927  C CG  . ARG A 1 119 ? 3.522   -1.641  22.380  1.00 15.81 ?  119 ARG A CG  1 
ATOM   928  C CD  . ARG A 1 119 ? 3.984   -2.789  23.264  1.00 19.43 ?  119 ARG A CD  1 
ATOM   929  N NE  . ARG A 1 119 ? 5.372   -3.163  22.997  1.00 24.94 ?  119 ARG A NE  1 
ATOM   930  C CZ  . ARG A 1 119 ? 5.751   -4.264  22.344  1.00 24.30 ?  119 ARG A CZ  1 
ATOM   931  N NH1 . ARG A 1 119 ? 4.851   -5.134  21.886  1.00 22.83 ?  119 ARG A NH1 1 
ATOM   932  N NH2 . ARG A 1 119 ? 7.043   -4.496  22.155  1.00 29.52 ?  119 ARG A NH2 1 
ATOM   933  N N   . MET A 1 120 ? 5.090   0.119   19.402  1.00 11.60 ?  120 MET A N   1 
ATOM   934  C CA  . MET A 1 120 ? 6.042   1.225   19.433  1.00 12.35 ?  120 MET A CA  1 
ATOM   935  C C   . MET A 1 120 ? 5.477   2.471   18.768  1.00 10.88 ?  120 MET A C   1 
ATOM   936  O O   . MET A 1 120 ? 5.730   3.594   19.218  1.00 11.46 ?  120 MET A O   1 
ATOM   937  C CB  . MET A 1 120 ? 7.347   0.806   18.766  1.00 13.93 ?  120 MET A CB  1 
ATOM   938  C CG  . MET A 1 120 ? 8.015   -0.329  19.501  1.00 15.61 ?  120 MET A CG  1 
ATOM   939  S SD  . MET A 1 120 ? 9.468   -0.909  18.647  1.00 18.75 ?  120 MET A SD  1 
ATOM   940  C CE  . MET A 1 120 ? 9.676   -2.552  19.328  1.00 21.14 ?  120 MET A CE  1 
ATOM   941  N N   . LEU A 1 121 ? 4.726   2.302   17.677  1.00 10.90 ?  121 LEU A N   1 
ATOM   942  C CA  . LEU A 1 121 ? 4.105   3.459   17.040  1.00 10.67 ?  121 LEU A CA  1 
ATOM   943  C C   . LEU A 1 121 ? 3.059   4.100   17.948  1.00 11.33 ?  121 LEU A C   1 
ATOM   944  O O   . LEU A 1 121 ? 3.017   5.330   18.072  1.00 10.44 ?  121 LEU A O   1 
ATOM   945  C CB  . LEU A 1 121 ? 3.489   3.041   15.701  1.00 10.22 ?  121 LEU A CB  1 
ATOM   946  C CG  . LEU A 1 121 ? 4.480   2.696   14.583  1.00 8.48  ?  121 LEU A CG  1 
ATOM   947  C CD1 . LEU A 1 121 ? 3.703   2.052   13.425  1.00 11.83 ?  121 LEU A CD1 1 
ATOM   948  C CD2 . LEU A 1 121 ? 5.245   3.909   14.095  1.00 10.37 ?  121 LEU A CD2 1 
ATOM   949  N N   . GLN A 1 122 ? 2.213   3.291   18.597  1.00 11.28 ?  122 GLN A N   1 
ATOM   950  C CA  . GLN A 1 122 ? 1.237   3.853   19.532  1.00 11.59 ?  122 GLN A CA  1 
ATOM   951  C C   . GLN A 1 122 ? 1.917   4.604   20.676  1.00 12.66 ?  122 GLN A C   1 
ATOM   952  O O   . GLN A 1 122 ? 1.407   5.638   21.130  1.00 14.42 ?  122 GLN A O   1 
ATOM   953  C CB  . GLN A 1 122 ? 0.328   2.749   20.070  1.00 15.53 ?  122 GLN A CB  1 
ATOM   954  C CG  . GLN A 1 122 ? -0.588  3.231   21.192  1.00 21.90 ?  122 GLN A CG  1 
ATOM   955  C CD  . GLN A 1 122 ? -2.056  3.035   20.902  1.00 23.52 ?  122 GLN A CD  1 
ATOM   956  O OE1 . GLN A 1 122 ? -2.433  2.292   19.993  1.00 25.87 ?  122 GLN A OE1 1 
ATOM   957  N NE2 . GLN A 1 122 ? -2.905  3.708   21.679  1.00 28.27 ?  122 GLN A NE2 1 
ATOM   958  N N   . GLN A 1 123 ? 3.071   4.122   21.132  1.00 12.11 ?  123 GLN A N   1 
ATOM   959  C CA  . GLN A 1 123 ? 3.840   4.766   22.192  1.00 11.59 ?  123 GLN A CA  1 
ATOM   960  C C   . GLN A 1 123 ? 4.647   5.959   21.701  1.00 12.05 ?  123 GLN A C   1 
ATOM   961  O O   . GLN A 1 123 ? 5.275   6.644   22.523  1.00 14.81 ?  123 GLN A O   1 
ATOM   962  C CB  . GLN A 1 123 ? 4.788   3.751   22.834  1.00 13.27 ?  123 GLN A CB  1 
ATOM   963  C CG  . GLN A 1 123 ? 4.116   2.610   23.572  1.00 17.69 ?  123 GLN A CG  1 
ATOM   964  C CD  . GLN A 1 123 ? 5.118   1.541   24.001  1.00 20.87 ?  123 GLN A CD  1 
ATOM   965  O OE1 . GLN A 1 123 ? 6.039   1.193   23.252  1.00 24.02 ?  123 GLN A OE1 1 
ATOM   966  N NE2 . GLN A 1 123 ? 4.941   1.014   25.201  1.00 31.06 ?  123 GLN A NE2 1 
ATOM   967  N N   . LYS A 1 124 ? 4.644   6.226   20.393  1.00 11.74 ?  124 LYS A N   1 
ATOM   968  C CA  . LYS A 1 124 ? 5.407   7.320   19.788  1.00 11.67 ?  124 LYS A CA  1 
ATOM   969  C C   . LYS A 1 124 ? 6.905   7.164   20.045  1.00 10.45 ?  124 LYS A C   1 
ATOM   970  O O   . LYS A 1 124 ? 7.641   8.142   20.160  1.00 12.38 ?  124 LYS A O   1 
ATOM   971  C CB  . LYS A 1 124 ? 4.883   8.684   20.263  1.00 11.20 ?  124 LYS A CB  1 
ATOM   972  C CG  . LYS A 1 124 ? 3.395   8.843   19.937  1.00 11.58 ?  124 LYS A CG  1 
ATOM   973  C CD  . LYS A 1 124 ? 2.934   10.293  20.006  1.00 12.31 ?  124 LYS A CD  1 
ATOM   974  C CE  . LYS A 1 124 ? 1.451   10.423  19.665  1.00 12.90 ?  124 LYS A CE  1 
ATOM   975  N NZ  . LYS A 1 124 ? 1.152   9.909   18.293  1.00 11.29 ?  124 LYS A NZ  1 
ATOM   976  N N   . ARG A 1 125 ? 7.368   5.917   20.063  1.00 11.53 ?  125 ARG A N   1 
ATOM   977  C CA  . ARG A 1 125 ? 8.791   5.606   20.145  1.00 11.66 ?  125 ARG A CA  1 
ATOM   978  C C   . ARG A 1 125 ? 9.282   5.428   18.715  1.00 10.54 ?  125 ARG A C   1 
ATOM   979  O O   . ARG A 1 125 ? 9.452   4.316   18.216  1.00 12.84 ?  125 ARG A O   1 
ATOM   980  C CB  . ARG A 1 125 ? 9.023   4.359   20.989  1.00 14.53 ?  125 ARG A CB  1 
ATOM   981  C CG  . ARG A 1 125 ? 8.512   4.534   22.421  1.00 16.25 ?  125 ARG A CG  1 
ATOM   982  C CD  . ARG A 1 125 ? 8.743   3.311   23.283  1.00 21.69 ?  125 ARG A CD  1 
ATOM   983  N NE  . ARG A 1 125 ? 8.381   3.613   24.663  1.00 27.03 ?  125 ARG A NE  1 
ATOM   984  C CZ  . ARG A 1 125 ? 8.634   2.821   25.698  1.00 28.80 ?  125 ARG A CZ  1 
ATOM   985  N NH1 . ARG A 1 125 ? 9.257   1.667   25.514  1.00 32.65 ?  125 ARG A NH1 1 
ATOM   986  N NH2 . ARG A 1 125 ? 8.263   3.191   26.916  1.00 31.36 ?  125 ARG A NH2 1 
ATOM   987  N N   . TRP A 1 126 ? 9.513   6.558   18.046  1.00 11.31 ?  126 TRP A N   1 
ATOM   988  C CA  . TRP A 1 126 ? 9.633   6.542   16.588  1.00 10.55 ?  126 TRP A CA  1 
ATOM   989  C C   . TRP A 1 126 ? 10.907  5.847   16.113  1.00 11.91 ?  126 TRP A C   1 
ATOM   990  O O   . TRP A 1 126 ? 10.867  5.075   15.147  1.00 12.81 ?  126 TRP A O   1 
ATOM   991  C CB  . TRP A 1 126 ? 9.571   7.966   16.046  1.00 11.64 ?  126 TRP A CB  1 
ATOM   992  C CG  . TRP A 1 126 ? 8.375   8.774   16.470  1.00 10.76 ?  126 TRP A CG  1 
ATOM   993  C CD1 . TRP A 1 126 ? 8.393   10.011  17.068  1.00 12.62 ?  126 TRP A CD1 1 
ATOM   994  C CD2 . TRP A 1 126 ? 6.993   8.439   16.301  1.00 10.12 ?  126 TRP A CD2 1 
ATOM   995  N NE1 . TRP A 1 126 ? 7.124   10.447  17.294  1.00 11.80 ?  126 TRP A NE1 1 
ATOM   996  C CE2 . TRP A 1 126 ? 6.237   9.509   16.829  1.00 10.83 ?  126 TRP A CE2 1 
ATOM   997  C CE3 . TRP A 1 126 ? 6.314   7.337   15.766  1.00 10.78 ?  126 TRP A CE3 1 
ATOM   998  C CZ2 . TRP A 1 126 ? 4.840   9.520   16.821  1.00 11.10 ?  126 TRP A CZ2 1 
ATOM   999  C CZ3 . TRP A 1 126 ? 4.928   7.339   15.776  1.00 10.95 ?  126 TRP A CZ3 1 
ATOM   1000 C CH2 . TRP A 1 126 ? 4.201   8.431   16.299  1.00 11.24 ?  126 TRP A CH2 1 
ATOM   1001 N N   . ASP A 1 127 ? 12.056  6.129   16.737  1.00 12.90 ?  127 ASP A N   1 
ATOM   1002 C CA  . ASP A 1 127 ? 13.291  5.487   16.286  1.00 13.35 ?  127 ASP A CA  1 
ATOM   1003 C C   . ASP A 1 127 ? 13.239  3.984   16.533  1.00 12.82 ?  127 ASP A C   1 
ATOM   1004 O O   . ASP A 1 127 ? 13.676  3.190   15.687  1.00 12.61 ?  127 ASP A O   1 
ATOM   1005 C CB  . ASP A 1 127 ? 14.509  6.098   16.984  1.00 13.85 ?  127 ASP A CB  1 
ATOM   1006 C CG  . ASP A 1 127 ? 14.888  7.469   16.437  1.00 17.55 ?  127 ASP A CG  1 
ATOM   1007 O OD1 . ASP A 1 127 ? 14.046  8.141   15.798  1.00 18.85 ?  127 ASP A OD1 1 
ATOM   1008 O OD2 . ASP A 1 127 ? 16.043  7.885   16.673  1.00 20.10 ?  127 ASP A OD2 1 
ATOM   1009 N N   . GLU A 1 128 ? 12.662  3.575   17.668  1.00 13.11 ?  128 GLU A N   1 
ATOM   1010 C CA  . GLU A 1 128 ? 12.506  2.154   17.968  1.00 12.83 ?  128 GLU A CA  1 
ATOM   1011 C C   . GLU A 1 128 ? 11.559  1.485   16.986  1.00 11.45 ?  128 GLU A C   1 
ATOM   1012 O O   . GLU A 1 128 ? 11.829  0.378   16.505  1.00 13.27 ?  128 GLU A O   1 
ATOM   1013 C CB  . GLU A 1 128 ? 11.996  1.977   19.396  1.00 14.98 ?  128 GLU A CB  1 
ATOM   1014 C CG  . GLU A 1 128 ? 13.056  2.269   20.437  1.00 19.92 ?  128 GLU A CG  1 
ATOM   1015 C CD  . GLU A 1 128 ? 12.476  2.390   21.824  1.00 27.84 ?  128 GLU A CD  1 
ATOM   1016 O OE1 . GLU A 1 128 ? 12.168  1.342   22.428  1.00 34.06 ?  128 GLU A OE1 1 
ATOM   1017 O OE2 . GLU A 1 128 ? 12.329  3.533   22.309  1.00 33.58 ?  128 GLU A OE2 1 
ATOM   1018 N N   . ALA A 1 129 ? 10.447  2.148   16.669  1.00 11.55 ?  129 ALA A N   1 
ATOM   1019 C CA  . ALA A 1 129 ? 9.525   1.598   15.688  1.00 12.13 ?  129 ALA A CA  1 
ATOM   1020 C C   . ALA A 1 129 ? 10.212  1.418   14.343  1.00 11.56 ?  129 ALA A C   1 
ATOM   1021 O O   . ALA A 1 129 ? 10.044  0.385   13.683  1.00 11.54 ?  129 ALA A O   1 
ATOM   1022 C CB  . ALA A 1 129 ? 8.317   2.523   15.553  1.00 12.53 ?  129 ALA A CB  1 
ATOM   1023 N N   . ALA A 1 130 ? 10.995  2.418   13.928  1.00 11.77 ?  130 ALA A N   1 
ATOM   1024 C CA  . ALA A 1 130 ? 11.691  2.349   12.648  1.00 11.23 ?  130 ALA A CA  1 
ATOM   1025 C C   . ALA A 1 130 ? 12.656  1.177   12.606  1.00 12.25 ?  130 ALA A C   1 
ATOM   1026 O O   . ALA A 1 130 ? 12.748  0.481   11.587  1.00 13.31 ?  130 ALA A O   1 
ATOM   1027 C CB  . ALA A 1 130 ? 12.431  3.661   12.398  1.00 12.70 ?  130 ALA A CB  1 
ATOM   1028 N N   . VAL A 1 131 ? 13.400  0.951   13.694  1.00 11.57 ?  131 VAL A N   1 
ATOM   1029 C CA  . VAL A 1 131 ? 14.284  -0.214  13.764  1.00 13.04 ?  131 VAL A CA  1 
ATOM   1030 C C   . VAL A 1 131 ? 13.482  -1.507  13.622  1.00 13.95 ?  131 VAL A C   1 
ATOM   1031 O O   . VAL A 1 131 ? 13.847  -2.406  12.857  1.00 14.57 ?  131 VAL A O   1 
ATOM   1032 C CB  . VAL A 1 131 ? 15.085  -0.195  15.077  1.00 13.10 ?  131 VAL A CB  1 
ATOM   1033 C CG1 . VAL A 1 131 ? 15.783  -1.539  15.301  1.00 15.93 ?  131 VAL A CG1 1 
ATOM   1034 C CG2 . VAL A 1 131 ? 16.102  0.914   15.041  1.00 15.86 ?  131 VAL A CG2 1 
ATOM   1035 N N   . ASN A 1 132 ? 12.371  -1.617  14.352  1.00 12.23 ?  132 ASN A N   1 
ATOM   1036 C CA  . ASN A 1 132 ? 11.597  -2.852  14.312  1.00 12.31 ?  132 ASN A CA  1 
ATOM   1037 C C   . ASN A 1 132 ? 10.974  -3.078  12.939  1.00 12.30 ?  132 ASN A C   1 
ATOM   1038 O O   . ASN A 1 132 ? 10.937  -4.216  12.456  1.00 12.66 ?  132 ASN A O   1 
ATOM   1039 C CB  . ASN A 1 132 ? 10.520  -2.840  15.400  1.00 12.24 ?  132 ASN A CB  1 
ATOM   1040 C CG  . ASN A 1 132 ? 9.824   -4.191  15.545  1.00 13.94 ?  132 ASN A CG  1 
ATOM   1041 O OD1 . ASN A 1 132 ? 8.774   -4.443  14.951  1.00 16.08 ?  132 ASN A OD1 1 
ATOM   1042 N ND2 . ASN A 1 132 ? 10.422  -5.076  16.340  1.00 16.27 ?  132 ASN A ND2 1 
ATOM   1043 N N   . LEU A 1 133 ? 10.461  -2.008  12.301  1.00 10.67 ?  133 LEU A N   1 
ATOM   1044 C CA  . LEU A 1 133 ? 9.798   -2.141  11.005  1.00 9.98  ?  133 LEU A CA  1 
ATOM   1045 C C   . LEU A 1 133 ? 10.731  -2.716  9.950   1.00 11.88 ?  133 LEU A C   1 
ATOM   1046 O O   . LEU A 1 133 ? 10.274  -3.427  9.045   1.00 12.33 ?  133 LEU A O   1 
ATOM   1047 C CB  . LEU A 1 133 ? 9.269   -0.776  10.557  1.00 11.46 ?  133 LEU A CB  1 
ATOM   1048 C CG  . LEU A 1 133 ? 7.982   -0.284  11.235  1.00 11.43 ?  133 LEU A CG  1 
ATOM   1049 C CD1 . LEU A 1 133 ? 7.794   1.217   11.040  1.00 11.49 ?  133 LEU A CD1 1 
ATOM   1050 C CD2 . LEU A 1 133 ? 6.782   -1.059  10.724  1.00 13.79 ?  133 LEU A CD2 1 
ATOM   1051 N N   . ALA A 1 134 ? 12.030  -2.416  10.048  1.00 11.54 ?  134 ALA A N   1 
ATOM   1052 C CA  . ALA A 1 134 ? 13.003  -2.858  9.057   1.00 11.51 ?  134 ALA A CA  1 
ATOM   1053 C C   . ALA A 1 134 ? 13.403  -4.315  9.235   1.00 12.73 ?  134 ALA A C   1 
ATOM   1054 O O   . ALA A 1 134 ? 14.019  -4.890  8.325   1.00 12.96 ?  134 ALA A O   1 
ATOM   1055 C CB  . ALA A 1 134 ? 14.246  -1.956  9.101   1.00 13.43 ?  134 ALA A CB  1 
ATOM   1056 N N   . LYS A 1 135 ? 13.054  -4.930  10.362  1.00 11.57 ?  135 LYS A N   1 
ATOM   1057 C CA  . LYS A 1 135 ? 13.360  -6.346  10.598  1.00 11.43 ?  135 LYS A CA  1 
ATOM   1058 C C   . LYS A 1 135 ? 12.222  -7.188  10.024  1.00 10.89 ?  135 LYS A C   1 
ATOM   1059 O O   . LYS A 1 135 ? 11.422  -7.790  10.741  1.00 11.94 ?  135 LYS A O   1 
ATOM   1060 C CB  . LYS A 1 135 ? 13.559  -6.610  12.087  1.00 13.60 ?  135 LYS A CB  1 
ATOM   1061 C CG  . LYS A 1 135 ? 14.776  -5.913  12.667  1.00 15.87 ?  135 LYS A CG  1 
ATOM   1062 C CD  . LYS A 1 135 ? 14.865  -6.101  14.179  1.00 19.90 ?  135 LYS A CD  1 
ATOM   1063 C CE  . LYS A 1 135 ? 16.064  -5.356  14.744  1.00 24.52 ?  135 LYS A CE  1 
ATOM   1064 N NZ  . LYS A 1 135 ? 16.027  -5.263  16.234  1.00 31.85 ?  135 LYS A NZ  1 
ATOM   1065 N N   . SER A 1 136 ? 12.132  -7.189  8.694   1.00 10.74 ?  136 SER A N   1 
ATOM   1066 C CA  . SER A 1 136 ? 10.939  -7.729  8.049   1.00 10.80 ?  136 SER A CA  1 
ATOM   1067 C C   . SER A 1 136 ? 11.240  -8.197  6.633   1.00 11.33 ?  136 SER A C   1 
ATOM   1068 O O   . SER A 1 136 ? 12.105  -7.643  5.952   1.00 10.55 ?  136 SER A O   1 
ATOM   1069 C CB  . SER A 1 136 ? 9.817   -6.686  8.005   1.00 11.62 ?  136 SER A CB  1 
ATOM   1070 O OG  . SER A 1 136 ? 10.205  -5.539  7.244   1.00 11.84 ?  136 SER A OG  1 
ATOM   1071 N N   . ARG A 1 137 ? 10.483  -9.201  6.186   1.00 9.17  ?  137 ARG A N   1 
ATOM   1072 C CA  . ARG A 1 137 ? 10.510  -9.566  4.775   1.00 8.92  ?  137 ARG A CA  1 
ATOM   1073 C C   . ARG A 1 137 ? 10.177  -8.366  3.910   1.00 11.89 ?  137 ARG A C   1 
ATOM   1074 O O   . ARG A 1 137 ? 10.808  -8.149  2.868   1.00 11.78 ?  137 ARG A O   1 
ATOM   1075 C CB  . ARG A 1 137 ? 9.533   -10.713 4.486   1.00 11.02 ?  137 ARG A CB  1 
ATOM   1076 C CG  . ARG A 1 137 ? 9.537   -11.091 2.991   1.00 11.72 ?  137 ARG A CG  1 
ATOM   1077 C CD  . ARG A 1 137 ? 8.520   -12.155 2.608   1.00 14.84 ?  137 ARG A CD  1 
ATOM   1078 N NE  . ARG A 1 137 ? 8.750   -12.577 1.230   1.00 14.42 ?  137 ARG A NE  1 
ATOM   1079 C CZ  . ARG A 1 137 ? 8.265   -11.959 0.158   1.00 16.10 ?  137 ARG A CZ  1 
ATOM   1080 N NH1 . ARG A 1 137 ? 7.486   -10.889 0.281   1.00 17.76 ?  137 ARG A NH1 1 
ATOM   1081 N NH2 . ARG A 1 137 ? 8.560   -12.426 -1.049  1.00 17.48 ?  137 ARG A NH2 1 
ATOM   1082 N N   . TRP A 1 138 ? 9.201   -7.559  4.341   1.00 10.12 ?  138 TRP A N   1 
ATOM   1083 C CA  . TRP A 1 138 ? 8.822   -6.351  3.612   1.00 10.15 ?  138 TRP A CA  1 
ATOM   1084 C C   . TRP A 1 138 ? 10.034  -5.480  3.299   1.00 11.03 ?  138 TRP A C   1 
ATOM   1085 O O   . TRP A 1 138 ? 10.270  -5.108  2.142   1.00 11.55 ?  138 TRP A O   1 
ATOM   1086 C CB  . TRP A 1 138 ? 7.796   -5.589  4.451   1.00 10.95 ?  138 TRP A CB  1 
ATOM   1087 C CG  . TRP A 1 138 ? 7.460   -4.201  3.991   1.00 10.37 ?  138 TRP A CG  1 
ATOM   1088 C CD1 . TRP A 1 138 ? 6.911   -3.839  2.789   1.00 12.30 ?  138 TRP A CD1 1 
ATOM   1089 C CD2 . TRP A 1 138 ? 7.608   -2.991  4.750   1.00 9.43  ?  138 TRP A CD2 1 
ATOM   1090 N NE1 . TRP A 1 138 ? 6.719   -2.472  2.756   1.00 9.98  ?  138 TRP A NE1 1 
ATOM   1091 C CE2 . TRP A 1 138 ? 7.132   -1.932  3.947   1.00 9.55  ?  138 TRP A CE2 1 
ATOM   1092 C CE3 . TRP A 1 138 ? 8.099   -2.705  6.026   1.00 9.31  ?  138 TRP A CE3 1 
ATOM   1093 C CZ2 . TRP A 1 138 ? 7.135   -0.601  4.384   1.00 10.73 ?  138 TRP A CZ2 1 
ATOM   1094 C CZ3 . TRP A 1 138 ? 8.105   -1.383  6.459   1.00 10.25 ?  138 TRP A CZ3 1 
ATOM   1095 C CH2 . TRP A 1 138 ? 7.619   -0.349  5.641   1.00 10.58 ?  138 TRP A CH2 1 
ATOM   1096 N N   . TYR A 1 139 ? 10.813  -5.138  4.323   1.00 10.18 ?  139 TYR A N   1 
ATOM   1097 C CA  . TYR A 1 139 ? 12.000  -4.316  4.110   1.00 10.60 ?  139 TYR A CA  1 
ATOM   1098 C C   . TYR A 1 139 ? 13.010  -5.003  3.195   1.00 13.07 ?  139 TYR A C   1 
ATOM   1099 O O   . TYR A 1 139 ? 13.579  -4.364  2.302   1.00 14.75 ?  139 TYR A O   1 
ATOM   1100 C CB  . TYR A 1 139 ? 12.629  -3.980  5.464   1.00 12.48 ?  139 TYR A CB  1 
ATOM   1101 C CG  . TYR A 1 139 ? 13.902  -3.181  5.409   1.00 16.09 ?  139 TYR A CG  1 
ATOM   1102 C CD1 . TYR A 1 139 ? 15.137  -3.815  5.350   1.00 18.50 ?  139 TYR A CD1 1 
ATOM   1103 C CD2 . TYR A 1 139 ? 13.873  -1.793  5.446   1.00 14.29 ?  139 TYR A CD2 1 
ATOM   1104 C CE1 . TYR A 1 139 ? 16.309  -3.085  5.314   1.00 23.21 ?  139 TYR A CE1 1 
ATOM   1105 C CE2 . TYR A 1 139 ? 15.045  -1.056  5.409   1.00 18.18 ?  139 TYR A CE2 1 
ATOM   1106 C CZ  . TYR A 1 139 ? 16.254  -1.709  5.341   1.00 23.62 ?  139 TYR A CZ  1 
ATOM   1107 O OH  . TYR A 1 139 ? 17.426  -0.985  5.308   1.00 28.93 ?  139 TYR A OH  1 
ATOM   1108 N N   . ASN A 1 140 ? 13.266  -6.295  3.405   1.00 11.39 ?  140 ASN A N   1 
ATOM   1109 C CA  . ASN A 1 140 ? 14.276  -6.972  2.595   1.00 11.66 ?  140 ASN A CA  1 
ATOM   1110 C C   . ASN A 1 140 ? 13.863  -7.074  1.125   1.00 11.78 ?  140 ASN A C   1 
ATOM   1111 O O   . ASN A 1 140 ? 14.721  -6.995  0.236   1.00 12.54 ?  140 ASN A O   1 
ATOM   1112 C CB  . ASN A 1 140 ? 14.556  -8.365  3.162   1.00 11.47 ?  140 ASN A CB  1 
ATOM   1113 C CG  . ASN A 1 140 ? 15.448  -8.323  4.379   1.00 14.07 ?  140 ASN A CG  1 
ATOM   1114 O OD1 . ASN A 1 140 ? 14.983  -8.404  5.527   1.00 16.10 ?  140 ASN A OD1 1 
ATOM   1115 N ND2 . ASN A 1 140 ? 16.742  -8.219  4.144   1.00 14.34 ?  140 ASN A ND2 1 
ATOM   1116 N N   . GLN A 1 141 ? 12.577  -7.249  0.842   1.00 9.30  ?  141 GLN A N   1 
ATOM   1117 C CA  . GLN A 1 141 ? 12.159  -7.443  -0.541  1.00 9.95  ?  141 GLN A CA  1 
ATOM   1118 C C   . GLN A 1 141 ? 11.915  -6.135  -1.286  1.00 12.00 ?  141 GLN A C   1 
ATOM   1119 O O   . GLN A 1 141 ? 12.148  -6.077  -2.499  1.00 12.81 ?  141 GLN A O   1 
ATOM   1120 C CB  . GLN A 1 141 ? 10.908  -8.326  -0.597  1.00 12.44 ?  141 GLN A CB  1 
ATOM   1121 C CG  . GLN A 1 141 ? 11.087  -9.720  0.030   1.00 13.64 ?  141 GLN A CG  1 
ATOM   1122 C CD  . GLN A 1 141 ? 12.220  -10.534 -0.588  1.00 14.12 ?  141 GLN A CD  1 
ATOM   1123 O OE1 . GLN A 1 141 ? 13.044  -11.124 0.131   1.00 16.87 ?  141 GLN A OE1 1 
ATOM   1124 N NE2 . GLN A 1 141 ? 12.271  -10.569 -1.913  1.00 14.35 ?  141 GLN A NE2 1 
ATOM   1125 N N   . THR A 1 142 ? 11.441  -5.083  -0.615  1.00 11.24 ?  142 THR A N   1 
ATOM   1126 C CA  . THR A 1 142 ? 11.288  -3.761  -1.231  1.00 11.83 ?  142 THR A CA  1 
ATOM   1127 C C   . THR A 1 142 ? 11.969  -2.731  -0.332  1.00 10.32 ?  142 THR A C   1 
ATOM   1128 O O   . THR A 1 142 ? 11.304  -1.916  0.321   1.00 11.11 ?  142 THR A O   1 
ATOM   1129 C CB  . THR A 1 142 ? 9.812   -3.412  -1.472  1.00 10.88 ?  142 THR A CB  1 
ATOM   1130 O OG1 . THR A 1 142 ? 9.053   -3.573  -0.263  1.00 12.49 ?  142 THR A OG1 1 
ATOM   1131 C CG2 . THR A 1 142 ? 9.218   -4.305  -2.535  1.00 12.43 ?  142 THR A CG2 1 
ATOM   1132 N N   . PRO A 1 143 ? 13.307  -2.723  -0.290  1.00 10.15 ?  143 PRO A N   1 
ATOM   1133 C CA  . PRO A 1 143 ? 13.994  -1.854  0.684   1.00 9.06  ?  143 PRO A CA  1 
ATOM   1134 C C   . PRO A 1 143 ? 13.884  -0.367  0.386   1.00 10.16 ?  143 PRO A C   1 
ATOM   1135 O O   . PRO A 1 143 ? 13.774  0.423   1.324   1.00 10.56 ?  143 PRO A O   1 
ATOM   1136 C CB  . PRO A 1 143 ? 15.454  -2.350  0.628   1.00 10.62 ?  143 PRO A CB  1 
ATOM   1137 C CG  . PRO A 1 143 ? 15.581  -3.005  -0.705  1.00 9.83  ?  143 PRO A CG  1 
ATOM   1138 C CD  . PRO A 1 143 ? 14.242  -3.617  -0.996  1.00 11.52 ?  143 PRO A CD  1 
ATOM   1139 N N   . ASN A 1 144 ? 13.931  0.059   -0.871  1.00 9.78  ?  144 ASN A N   1 
ATOM   1140 C CA  . ASN A 1 144 ? 13.863  1.495   -1.128  1.00 11.31 ?  144 ASN A CA  1 
ATOM   1141 C C   . ASN A 1 144 ? 12.503  2.056   -0.728  1.00 10.39 ?  144 ASN A C   1 
ATOM   1142 O O   . ASN A 1 144 ? 12.420  3.125   -0.106  1.00 10.99 ?  144 ASN A O   1 
ATOM   1143 C CB  . ASN A 1 144 ? 14.174  1.787   -2.598  1.00 11.40 ?  144 ASN A CB  1 
ATOM   1144 C CG  . ASN A 1 144 ? 15.658  1.666   -2.908  1.00 15.68 ?  144 ASN A CG  1 
ATOM   1145 O OD1 . ASN A 1 144 ? 16.449  1.285   -2.050  1.00 21.62 ?  144 ASN A OD1 1 
ATOM   1146 N ND2 . ASN A 1 144 ? 16.036  2.008   -4.127  1.00 18.15 ?  144 ASN A ND2 1 
ATOM   1147 N N   . ARG A 1 145 ? 11.427  1.340   -1.056  1.00 9.19  ?  145 ARG A N   1 
ATOM   1148 C CA  . ARG A 1 145 ? 10.103  1.787   -0.656  1.00 9.75  ?  145 ARG A CA  1 
ATOM   1149 C C   . ARG A 1 145 ? 9.933   1.700   0.855   1.00 10.76 ?  145 ARG A C   1 
ATOM   1150 O O   . ARG A 1 145 ? 9.401   2.630   1.479   1.00 9.89  ?  145 ARG A O   1 
ATOM   1151 C CB  . ARG A 1 145 ? 9.032   0.960   -1.354  1.00 10.67 ?  145 ARG A CB  1 
ATOM   1152 C CG  . ARG A 1 145 ? 7.642   1.461   -0.996  1.00 14.11 ?  145 ARG A CG  1 
ATOM   1153 C CD  . ARG A 1 145 ? 6.632   0.448   -1.323  1.00 15.06 ?  145 ARG A CD  1 
ATOM   1154 N NE  . ARG A 1 145 ? 5.269   0.924   -1.103  1.00 13.26 ?  145 ARG A NE  1 
ATOM   1155 C CZ  . ARG A 1 145 ? 4.264   0.524   -1.860  1.00 14.03 ?  145 ARG A CZ  1 
ATOM   1156 N NH1 . ARG A 1 145 ? 4.496   -0.323  -2.858  1.00 13.95 ?  145 ARG A NH1 1 
ATOM   1157 N NH2 . ARG A 1 145 ? 3.034   0.945   -1.627  1.00 11.02 ?  145 ARG A NH2 1 
ATOM   1158 N N   . ALA A 1 146 ? 10.365  0.590   1.463   1.00 10.43 ?  146 ALA A N   1 
ATOM   1159 C CA  . ALA A 1 146 ? 10.238  0.472   2.912   1.00 9.64  ?  146 ALA A CA  1 
ATOM   1160 C C   . ALA A 1 146 ? 11.002  1.583   3.617   1.00 12.64 ?  146 ALA A C   1 
ATOM   1161 O O   . ALA A 1 146 ? 10.515  2.143   4.607   1.00 12.58 ?  146 ALA A O   1 
ATOM   1162 C CB  . ALA A 1 146 ? 10.720  -0.902  3.383   1.00 11.80 ?  146 ALA A CB  1 
ATOM   1163 N N   . LYS A 1 147 ? 12.193  1.930   3.113   1.00 10.78 ?  147 LYS A N   1 
ATOM   1164 C CA  . LYS A 1 147 ? 12.951  3.019   3.726   1.00 11.51 ?  147 LYS A CA  1 
ATOM   1165 C C   . LYS A 1 147 ? 12.173  4.330   3.673   1.00 12.05 ?  147 LYS A C   1 
ATOM   1166 O O   . LYS A 1 147 ? 12.200  5.108   4.633   1.00 11.11 ?  147 LYS A O   1 
ATOM   1167 C CB  . LYS A 1 147 ? 14.311  3.178   3.042   1.00 12.42 ?  147 LYS A CB  1 
ATOM   1168 C CG  . LYS A 1 147 ? 15.337  2.123   3.437   1.00 14.80 ?  147 LYS A CG  1 
ATOM   1169 C CD  . LYS A 1 147 ? 16.594  2.210   2.560   1.00 16.92 ?  147 LYS A CD  1 
ATOM   1170 C CE  . LYS A 1 147 ? 17.576  1.091   2.911   1.00 23.72 ?  147 LYS A CE  1 
ATOM   1171 N NZ  . LYS A 1 147 ? 18.719  1.014   1.959   1.00 33.26 ?  147 LYS A NZ  1 
ATOM   1172 N N   . ARG A 1 148 ? 11.482  4.598   2.560   1.00 10.04 ?  148 ARG A N   1 
ATOM   1173 C CA  . ARG A 1 148 ? 10.688  5.822   2.468   1.00 10.05 ?  148 ARG A CA  1 
ATOM   1174 C C   . ARG A 1 148 ? 9.554   5.805   3.476   1.00 10.44 ?  148 ARG A C   1 
ATOM   1175 O O   . ARG A 1 148 ? 9.323   6.786   4.197   1.00 10.57 ?  148 ARG A O   1 
ATOM   1176 C CB  . ARG A 1 148 ? 10.119  5.990   1.058   1.00 10.02 ?  148 ARG A CB  1 
ATOM   1177 C CG  . ARG A 1 148 ? 11.170  6.387   0.020   1.00 10.29 ?  148 ARG A CG  1 
ATOM   1178 C CD  . ARG A 1 148 ? 10.551  6.896   -1.278  1.00 10.74 ?  148 ARG A CD  1 
ATOM   1179 N NE  . ARG A 1 148 ? 9.866   5.850   -2.027  1.00 11.41 ?  148 ARG A NE  1 
ATOM   1180 C CZ  . ARG A 1 148 ? 10.467  5.016   -2.872  1.00 10.85 ?  148 ARG A CZ  1 
ATOM   1181 N NH1 . ARG A 1 148 ? 11.775  5.093   -3.082  1.00 12.22 ?  148 ARG A NH1 1 
ATOM   1182 N NH2 . ARG A 1 148 ? 9.756   4.104   -3.508  1.00 10.97 ?  148 ARG A NH2 1 
ATOM   1183 N N   . VAL A 1 149 ? 8.832   4.690   3.547   1.00 9.43  ?  149 VAL A N   1 
ATOM   1184 C CA  . VAL A 1 149 ? 7.714   4.585   4.481   1.00 10.58 ?  149 VAL A CA  1 
ATOM   1185 C C   . VAL A 1 149 ? 8.219   4.675   5.917   1.00 11.57 ?  149 VAL A C   1 
ATOM   1186 O O   . VAL A 1 149 ? 7.644   5.382   6.750   1.00 10.91 ?  149 VAL A O   1 
ATOM   1187 C CB  . VAL A 1 149 ? 6.943   3.279   4.211   1.00 9.10  ?  149 VAL A CB  1 
ATOM   1188 C CG1 . VAL A 1 149 ? 5.862   3.047   5.269   1.00 10.09 ?  149 VAL A CG1 1 
ATOM   1189 C CG2 . VAL A 1 149 ? 6.330   3.294   2.813   1.00 10.46 ?  149 VAL A CG2 1 
ATOM   1190 N N   . ILE A 1 150 ? 9.328   3.986   6.219   1.00 10.10 ?  150 ILE A N   1 
ATOM   1191 C CA  . ILE A 1 150 ? 9.875   4.012   7.573   1.00 10.48 ?  150 ILE A CA  1 
ATOM   1192 C C   . ILE A 1 150 ? 10.338  5.416   7.955   1.00 12.04 ?  150 ILE A C   1 
ATOM   1193 O O   . ILE A 1 150 ? 10.117  5.860   9.089   1.00 11.48 ?  150 ILE A O   1 
ATOM   1194 C CB  . ILE A 1 150 ? 11.001  2.970   7.699   1.00 10.91 ?  150 ILE A CB  1 
ATOM   1195 C CG1 . ILE A 1 150 ? 10.375  1.585   7.689   1.00 11.53 ?  150 ILE A CG1 1 
ATOM   1196 C CG2 . ILE A 1 150 ? 11.754  3.169   9.007   1.00 12.90 ?  150 ILE A CG2 1 
ATOM   1197 C CD1 . ILE A 1 150 ? 11.365  0.445   7.565   1.00 12.64 ?  150 ILE A CD1 1 
ATOM   1198 N N   . THR A 1 151 ? 10.984  6.137   7.029   1.00 11.79 ?  151 THR A N   1 
ATOM   1199 C CA  . THR A 1 151 ? 11.380  7.515   7.326   1.00 10.58 ?  151 THR A CA  1 
ATOM   1200 C C   . THR A 1 151 ? 10.164  8.388   7.623   1.00 11.68 ?  151 THR A C   1 
ATOM   1201 O O   . THR A 1 151 ? 10.227  9.291   8.467   1.00 12.06 ?  151 THR A O   1 
ATOM   1202 C CB  . THR A 1 151 ? 12.186  8.096   6.164   1.00 12.15 ?  151 THR A CB  1 
ATOM   1203 O OG1 . THR A 1 151 ? 13.473  7.474   6.154   1.00 15.69 ?  151 THR A OG1 1 
ATOM   1204 C CG2 . THR A 1 151 ? 12.365  9.617   6.303   1.00 14.83 ?  151 THR A CG2 1 
ATOM   1205 N N   . THR A 1 152 ? 9.052   8.129   6.943   1.00 10.90 ?  152 THR A N   1 
ATOM   1206 C CA  . THR A 1 152 ? 7.816   8.861   7.202   1.00 10.97 ?  152 THR A CA  1 
ATOM   1207 C C   . THR A 1 152 ? 7.287   8.570   8.611   1.00 11.87 ?  152 THR A C   1 
ATOM   1208 O O   . THR A 1 152 ? 6.878   9.492   9.331   1.00 12.42 ?  152 THR A O   1 
ATOM   1209 C CB  . THR A 1 152 ? 6.787   8.515   6.119   1.00 10.67 ?  152 THR A CB  1 
ATOM   1210 O OG1 . THR A 1 152 ? 7.391   8.677   4.824   1.00 11.62 ?  152 THR A OG1 1 
ATOM   1211 C CG2 . THR A 1 152 ? 5.599   9.439   6.192   1.00 10.76 ?  152 THR A CG2 1 
ATOM   1212 N N   . PHE A 1 153 ? 7.309   7.297   9.034   1.00 10.46 ?  153 PHE A N   1 
ATOM   1213 C CA  . PHE A 1 153 ? 6.944   6.964   10.413  1.00 11.10 ?  153 PHE A CA  1 
ATOM   1214 C C   . PHE A 1 153 ? 7.931   7.557   11.411  1.00 12.76 ?  153 PHE A C   1 
ATOM   1215 O O   . PHE A 1 153 ? 7.542   7.964   12.513  1.00 13.87 ?  153 PHE A O   1 
ATOM   1216 C CB  . PHE A 1 153 ? 6.899   5.447   10.609  1.00 11.05 ?  153 PHE A CB  1 
ATOM   1217 C CG  . PHE A 1 153 ? 5.602   4.802   10.242  1.00 10.65 ?  153 PHE A CG  1 
ATOM   1218 C CD1 . PHE A 1 153 ? 4.390   5.264   10.750  1.00 10.21 ?  153 PHE A CD1 1 
ATOM   1219 C CD2 . PHE A 1 153 ? 5.599   3.706   9.380   1.00 11.70 ?  153 PHE A CD2 1 
ATOM   1220 C CE1 . PHE A 1 153 ? 3.199   4.620   10.419  1.00 10.73 ?  153 PHE A CE1 1 
ATOM   1221 C CE2 . PHE A 1 153 ? 4.414   3.075   9.038   1.00 10.87 ?  153 PHE A CE2 1 
ATOM   1222 C CZ  . PHE A 1 153 ? 3.218   3.527   9.551   1.00 11.53 ?  153 PHE A CZ  1 
ATOM   1223 N N   . ARG A 1 154 ? 9.219   7.568   11.076  1.00 10.52 ?  154 ARG A N   1 
ATOM   1224 C CA  . ARG A 1 154 ? 10.212  8.027   12.041  1.00 11.92 ?  154 ARG A CA  1 
ATOM   1225 C C   . ARG A 1 154 ? 10.106  9.526   12.283  1.00 14.67 ?  154 ARG A C   1 
ATOM   1226 O O   . ARG A 1 154 ? 10.210  9.981   13.431  1.00 14.10 ?  154 ARG A O   1 
ATOM   1227 C CB  . ARG A 1 154 ? 11.617  7.670   11.571  1.00 14.11 ?  154 ARG A CB  1 
ATOM   1228 C CG  . ARG A 1 154 ? 12.693  8.070   12.566  1.00 14.73 ?  154 ARG A CG  1 
ATOM   1229 C CD  . ARG A 1 154 ? 14.079  7.638   12.124  1.00 15.07 ?  154 ARG A CD  1 
ATOM   1230 N NE  . ARG A 1 154 ? 14.452  8.144   10.806  1.00 20.65 ?  154 ARG A NE  1 
ATOM   1231 C CZ  . ARG A 1 154 ? 14.950  9.358   10.577  1.00 23.93 ?  154 ARG A CZ  1 
ATOM   1232 N NH1 . ARG A 1 154 ? 15.140  10.205  11.581  1.00 26.01 ?  154 ARG A NH1 1 
ATOM   1233 N NH2 . ARG A 1 154 ? 15.260  9.728   9.339   1.00 27.62 ?  154 ARG A NH2 1 
ATOM   1234 N N   . THR A 1 155 ? 9.876   10.305  11.221  1.00 14.94 ?  155 THR A N   1 
ATOM   1235 C CA  . THR A 1 155 ? 9.977   11.760  11.276  1.00 13.44 ?  155 THR A CA  1 
ATOM   1236 C C   . THR A 1 155 ? 8.646   12.491  11.279  1.00 15.43 ?  155 THR A C   1 
ATOM   1237 O O   . THR A 1 155 ? 8.606   13.647  11.715  1.00 14.93 ?  155 THR A O   1 
ATOM   1238 C CB  . THR A 1 155 ? 10.797  12.301  10.091  1.00 12.55 ?  155 THR A CB  1 
ATOM   1239 O OG1 . THR A 1 155 ? 10.087  12.060  8.854   1.00 13.36 ?  155 THR A OG1 1 
ATOM   1240 C CG2 . THR A 1 155 ? 12.175  11.665  10.040  1.00 13.45 ?  155 THR A CG2 1 
ATOM   1241 N N   . GLY A 1 156 ? 7.572   11.879  10.787  1.00 12.44 ?  156 GLY A N   1 
ATOM   1242 C CA  . GLY A 1 156 ? 6.338   12.625  10.640  1.00 12.00 ?  156 GLY A CA  1 
ATOM   1243 C C   . GLY A 1 156 ? 6.408   13.698  9.576   1.00 13.13 ?  156 GLY A C   1 
ATOM   1244 O O   . GLY A 1 156 ? 5.583   14.622  9.581   1.00 15.12 ?  156 GLY A O   1 
ATOM   1245 N N   . THR A 1 157 ? 7.379   13.600  8.663   1.00 12.26 ?  157 THR A N   1 
ATOM   1246 C CA  . THR A 1 157 ? 7.542   14.516  7.542   1.00 12.83 ?  157 THR A CA  1 
ATOM   1247 C C   . THR A 1 157 ? 7.487   13.741  6.237   1.00 12.40 ?  157 THR A C   1 
ATOM   1248 O O   . THR A 1 157 ? 7.549   12.512  6.208   1.00 12.11 ?  157 THR A O   1 
ATOM   1249 C CB  . THR A 1 157 ? 8.876   15.266  7.590   1.00 13.71 ?  157 THR A CB  1 
ATOM   1250 O OG1 . THR A 1 157 ? 9.919   14.393  7.136   1.00 14.67 ?  157 THR A OG1 1 
ATOM   1251 C CG2 . THR A 1 157 ? 9.186   15.792  8.999   1.00 15.29 ?  157 THR A CG2 1 
ATOM   1252 N N   . TRP A 1 158 ? 7.421   14.498  5.147   1.00 12.89 ?  158 TRP A N   1 
ATOM   1253 C CA  . TRP A 1 158 ? 7.457   13.964  3.795   1.00 11.47 ?  158 TRP A CA  1 
ATOM   1254 C C   . TRP A 1 158 ? 8.863   13.962  3.201   1.00 13.63 ?  158 TRP A C   1 
ATOM   1255 O O   . TRP A 1 158 ? 9.004   13.849  1.977   1.00 13.39 ?  158 TRP A O   1 
ATOM   1256 C CB  . TRP A 1 158 ? 6.523   14.775  2.901   1.00 13.21 ?  158 TRP A CB  1 
ATOM   1257 C CG  . TRP A 1 158 ? 5.077   14.607  3.202   1.00 12.47 ?  158 TRP A CG  1 
ATOM   1258 C CD1 . TRP A 1 158 ? 4.230   15.549  3.710   1.00 13.72 ?  158 TRP A CD1 1 
ATOM   1259 C CD2 . TRP A 1 158 ? 4.286   13.429  2.992   1.00 12.90 ?  158 TRP A CD2 1 
ATOM   1260 N NE1 . TRP A 1 158 ? 2.963   15.029  3.828   1.00 13.12 ?  158 TRP A NE1 1 
ATOM   1261 C CE2 . TRP A 1 158 ? 2.969   13.732  3.386   1.00 13.48 ?  158 TRP A CE2 1 
ATOM   1262 C CE3 . TRP A 1 158 ? 4.564   12.148  2.494   1.00 13.08 ?  158 TRP A CE3 1 
ATOM   1263 C CZ2 . TRP A 1 158 ? 1.929   12.805  3.302   1.00 13.28 ?  158 TRP A CZ2 1 
ATOM   1264 C CZ3 . TRP A 1 158 ? 3.529   11.234  2.406   1.00 14.26 ?  158 TRP A CZ3 1 
ATOM   1265 C CH2 . TRP A 1 158 ? 2.231   11.564  2.802   1.00 15.14 ?  158 TRP A CH2 1 
ATOM   1266 N N   . ASP A 1 159 ? 9.902   14.065  4.035   1.00 14.24 ?  159 ASP A N   1 
ATOM   1267 C CA  . ASP A 1 159 ? 11.258  14.254  3.520   1.00 14.79 ?  159 ASP A CA  1 
ATOM   1268 C C   . ASP A 1 159 ? 11.670  13.157  2.542   1.00 13.59 ?  159 ASP A C   1 
ATOM   1269 O O   . ASP A 1 159 ? 12.414  13.421  1.591   1.00 16.43 ?  159 ASP A O   1 
ATOM   1270 C CB  . ASP A 1 159 ? 12.264  14.304  4.672   1.00 15.52 ?  159 ASP A CB  1 
ATOM   1271 C CG  . ASP A 1 159 ? 12.148  15.563  5.516   1.00 21.31 ?  159 ASP A CG  1 
ATOM   1272 O OD1 . ASP A 1 159 ? 11.374  16.477  5.163   1.00 22.47 ?  159 ASP A OD1 1 
ATOM   1273 O OD2 . ASP A 1 159 ? 12.850  15.624  6.546   1.00 26.07 ?  159 ASP A OD2 1 
ATOM   1274 N N   . ALA A 1 160 ? 11.217  11.922  2.763   1.00 12.10 ?  160 ALA A N   1 
ATOM   1275 C CA  . ALA A 1 160 ? 11.626  10.819  1.901   1.00 13.59 ?  160 ALA A CA  1 
ATOM   1276 C C   . ALA A 1 160 ? 10.958  10.855  0.537   1.00 15.26 ?  160 ALA A C   1 
ATOM   1277 O O   . ALA A 1 160 ? 11.373  10.096  -0.347  1.00 16.68 ?  160 ALA A O   1 
ATOM   1278 C CB  . ALA A 1 160 ? 11.328  9.477   2.574   1.00 13.76 ?  160 ALA A CB  1 
ATOM   1279 N N   . TYR A 1 161 ? 9.950   11.703  0.344   1.00 13.51 ?  161 TYR A N   1 
ATOM   1280 C CA  . TYR A 1 161 ? 9.219   11.774  -0.913  1.00 14.33 ?  161 TYR A CA  1 
ATOM   1281 C C   . TYR A 1 161 ? 9.456   13.070  -1.670  1.00 20.37 ?  161 TYR A C   1 
ATOM   1282 O O   . TYR A 1 161 ? 8.952   13.215  -2.789  1.00 20.64 ?  161 TYR A O   1 
ATOM   1283 C CB  . TYR A 1 161 ? 7.716   11.571  -0.665  1.00 12.87 ?  161 TYR A CB  1 
ATOM   1284 C CG  . TYR A 1 161 ? 7.394   10.124  -0.328  1.00 11.36 ?  161 TYR A CG  1 
ATOM   1285 C CD1 . TYR A 1 161 ? 7.457   9.665   0.988   1.00 11.60 ?  161 TYR A CD1 1 
ATOM   1286 C CD2 . TYR A 1 161 ? 7.079   9.206   -1.329  1.00 12.27 ?  161 TYR A CD2 1 
ATOM   1287 C CE1 . TYR A 1 161 ? 7.203   8.342   1.300   1.00 10.57 ?  161 TYR A CE1 1 
ATOM   1288 C CE2 . TYR A 1 161 ? 6.803   7.885   -1.021  1.00 11.27 ?  161 TYR A CE2 1 
ATOM   1289 C CZ  . TYR A 1 161 ? 6.866   7.459   0.299   1.00 10.41 ?  161 TYR A CZ  1 
ATOM   1290 O OH  . TYR A 1 161 ? 6.612   6.147   0.625   1.00 11.78 ?  161 TYR A OH  1 
ATOM   1291 N N   . LYS A 1 162 ? 10.217  14.002  -1.108  1.00 25.88 ?  162 LYS A N   1 
ATOM   1292 C CA  . LYS A 1 162 ? 10.550  15.243  -1.801  1.00 31.65 ?  162 LYS A CA  1 
ATOM   1293 C C   . LYS A 1 162 ? 11.855  15.100  -2.576  1.00 30.27 ?  162 LYS A C   1 
ATOM   1294 O O   . LYS A 1 162 ? 11.931  15.450  -3.756  1.00 36.54 ?  162 LYS A O   1 
ATOM   1295 C CB  . LYS A 1 162 ? 10.654  16.403  -0.809  1.00 29.50 ?  162 LYS A CB  1 
ATOM   1296 C CG  . LYS A 1 162 ? 9.311   16.944  -0.341  1.00 31.33 ?  162 LYS A CG  1 
ATOM   1297 C CD  . LYS A 1 162 ? 9.205   16.918  1.178   1.00 33.35 ?  162 LYS A CD  1 
ATOM   1298 C CE  . LYS A 1 162 ? 10.125  17.952  1.827   1.00 33.30 ?  162 LYS A CE  1 
ATOM   1299 N NZ  . LYS A 1 162 ? 10.467  17.572  3.232   1.00 30.40 ?  162 LYS A NZ  1 
HETATM 1300 N N1  . EPE B 2 .   ? -3.730  -6.335  -1.566  1.00 25.23 ?  201 EPE A N1  1 
HETATM 1301 C C2  . EPE B 2 .   ? -2.514  -6.014  -2.299  1.00 22.30 ?  201 EPE A C2  1 
HETATM 1302 C C3  . EPE B 2 .   ? -2.787  -4.906  -3.327  1.00 20.44 ?  201 EPE A C3  1 
HETATM 1303 N N4  . EPE B 2 .   ? -3.422  -3.741  -2.700  1.00 21.75 ?  201 EPE A N4  1 
HETATM 1304 C C5  . EPE B 2 .   ? -4.622  -4.084  -1.952  1.00 21.08 ?  201 EPE A C5  1 
HETATM 1305 C C6  . EPE B 2 .   ? -4.307  -5.172  -0.909  1.00 23.64 ?  201 EPE A C6  1 
HETATM 1306 C C7  . EPE B 2 .   ? -3.662  -2.657  -3.702  1.00 16.52 ?  201 EPE A C7  1 
HETATM 1307 C C8  . EPE B 2 .   ? -5.052  -2.748  -4.388  1.00 18.14 ?  201 EPE A C8  1 
HETATM 1308 O O8  . EPE B 2 .   ? -4.961  -3.801  -5.326  1.00 15.68 ?  201 EPE A O8  1 
HETATM 1309 C C9  . EPE B 2 .   ? -3.469  -7.382  -0.573  1.00 30.31 ?  201 EPE A C9  1 
HETATM 1310 C C10 . EPE B 2 .   ? -3.927  -8.736  -1.169  1.00 38.66 ?  201 EPE A C10 1 
HETATM 1311 S S   . EPE B 2 .   ? -3.524  -10.019 0.050   1.00 50.90 ?  201 EPE A S   1 
HETATM 1312 O O1S . EPE B 2 .   ? -2.039  -10.003 0.352   1.00 41.16 ?  201 EPE A O1S 1 
HETATM 1313 O O2S . EPE B 2 .   ? -4.365  -9.811  1.285   1.00 42.24 -1 201 EPE A O2S 1 
HETATM 1314 O O3S . EPE B 2 .   ? -3.709  -11.402 -0.537  1.00 51.63 ?  201 EPE A O3S 1 
HETATM 1315 C C10 . Y8M C 3 .   ? -1.316  0.184   9.945   1.00 14.24 ?  202 Y8M A C10 1 
HETATM 1316 C C13 . Y8M C 3 .   ? -0.570  1.808   12.063  1.00 15.05 ?  202 Y8M A C13 1 
HETATM 1317 C C15 . Y8M C 3 .   ? 1.814   -4.223  8.944   1.00 17.76 ?  202 Y8M A C15 1 
HETATM 1318 C C02 . Y8M C 3 .   ? 0.244   -5.257  7.440   1.00 21.85 ?  202 Y8M A C02 1 
HETATM 1319 C C03 . Y8M C 3 .   ? -0.764  -4.473  7.964   1.00 18.29 ?  202 Y8M A C03 1 
HETATM 1320 C C04 . Y8M C 3 .   ? -0.489  -3.569  8.970   1.00 17.50 ?  202 Y8M A C04 1 
HETATM 1321 C C05 . Y8M C 3 .   ? 0.799   -3.443  9.471   1.00 19.07 ?  202 Y8M A C05 1 
HETATM 1322 C C06 . Y8M C 3 .   ? 1.108   -2.454  10.596  1.00 18.59 ?  202 Y8M A C06 1 
HETATM 1323 C C07 . Y8M C 3 .   ? 1.948   -1.264  10.148  1.00 17.61 ?  202 Y8M A C07 1 
HETATM 1324 C C08 . Y8M C 3 .   ? 1.104   -0.265  9.361   1.00 17.59 ?  202 Y8M A C08 1 
HETATM 1325 C C09 . Y8M C 3 .   ? 0.028   0.394   10.230  1.00 13.89 ?  202 Y8M A C09 1 
HETATM 1326 C C11 . Y8M C 3 .   ? -2.284  0.795   10.729  1.00 15.30 ?  202 Y8M A C11 1 
HETATM 1327 C C12 . Y8M C 3 .   ? -1.906  1.600   11.786  1.00 15.51 ?  202 Y8M A C12 1 
HETATM 1328 C C14 . Y8M C 3 .   ? 0.406   1.204   11.287  1.00 14.40 ?  202 Y8M A C14 1 
HETATM 1329 C C16 . Y8M C 3 .   ? 1.536   -5.131  7.931   1.00 19.39 ?  202 Y8M A C16 1 
HETATM 1330 N N01 . Y8M C 3 .   ? -0.068  -6.199  6.381   1.00 20.08 ?  202 Y8M A N01 1 
HETATM 1331 O O   . HOH D 4 .   ? -14.354 6.116   2.774   1.00 22.16 ?  301 HOH A O   1 
HETATM 1332 O O   . HOH D 4 .   ? 7.790   -7.401  -2.620  1.00 23.53 ?  302 HOH A O   1 
HETATM 1333 O O   . HOH D 4 .   ? 2.334   -13.484 -18.812 1.00 29.50 ?  303 HOH A O   1 
HETATM 1334 O O   . HOH D 4 .   ? -0.517  -3.804  -5.338  1.00 23.38 ?  304 HOH A O   1 
HETATM 1335 O O   . HOH D 4 .   ? -9.111  -9.031  -8.464  1.00 22.07 ?  305 HOH A O   1 
HETATM 1336 O O   . HOH D 4 .   ? 6.470   -13.776 -4.831  1.00 28.40 ?  306 HOH A O   1 
HETATM 1337 O O   . HOH D 4 .   ? 14.940  7.815   3.996   1.00 23.70 ?  307 HOH A O   1 
HETATM 1338 O O   . HOH D 4 .   ? -10.404 -4.781  8.569   1.00 25.78 ?  308 HOH A O   1 
HETATM 1339 O O   . HOH D 4 .   ? -11.565 6.190   -19.958 1.00 27.60 ?  309 HOH A O   1 
HETATM 1340 O O   . HOH D 4 .   ? -9.474  10.641  -12.916 1.00 25.55 ?  310 HOH A O   1 
HETATM 1341 O O   . HOH D 4 .   ? 2.959   -0.993  -8.997  1.00 18.89 ?  311 HOH A O   1 
HETATM 1342 O O   . HOH D 4 .   ? 1.949   15.208  10.821  1.00 23.45 ?  312 HOH A O   1 
HETATM 1343 O O   . HOH D 4 .   ? 0.424   18.024  -2.412  1.00 24.90 ?  313 HOH A O   1 
HETATM 1344 O O   . HOH D 4 .   ? 0.234   -5.756  -7.036  1.00 16.06 ?  314 HOH A O   1 
HETATM 1345 O O   . HOH D 4 .   ? -6.922  -5.541  -5.900  1.00 22.51 ?  315 HOH A O   1 
HETATM 1346 O O   . HOH D 4 .   ? 1.807   -14.325 -12.150 1.00 24.62 ?  316 HOH A O   1 
HETATM 1347 O O   . HOH D 4 .   ? -5.835  5.242   20.082  1.00 19.89 ?  317 HOH A O   1 
HETATM 1348 O O   . HOH D 4 .   ? -16.352 1.025   -9.965  1.00 15.25 ?  318 HOH A O   1 
HETATM 1349 O O   . HOH D 4 .   ? 1.041   7.242   17.962  1.00 12.75 ?  319 HOH A O   1 
HETATM 1350 O O   . HOH D 4 .   ? 13.847  9.031   -0.519  1.00 18.28 ?  320 HOH A O   1 
HETATM 1351 O O   . HOH D 4 .   ? -11.936 -5.345  -25.637 1.00 26.65 ?  321 HOH A O   1 
HETATM 1352 O O   . HOH D 4 .   ? 17.378  1.426   6.525   1.00 24.83 ?  322 HOH A O   1 
HETATM 1353 O O   . HOH D 4 .   ? -4.915  1.161   -7.703  1.00 11.15 ?  323 HOH A O   1 
HETATM 1354 O O   . HOH D 4 .   ? 14.953  10.262  14.284  1.00 24.03 ?  324 HOH A O   1 
HETATM 1355 O O   . HOH D 4 .   ? 17.985  -8.410  1.740   1.00 15.15 ?  325 HOH A O   1 
HETATM 1356 O O   . HOH D 4 .   ? -0.616  -13.212 -10.824 1.00 15.86 ?  326 HOH A O   1 
HETATM 1357 O O   . HOH D 4 .   ? -3.210  -2.600  18.548  1.00 24.01 ?  327 HOH A O   1 
HETATM 1358 O O   . HOH D 4 .   ? 3.112   -4.812  -19.198 1.00 27.40 ?  328 HOH A O   1 
HETATM 1359 O O   . HOH D 4 .   ? 12.226  5.092   20.072  1.00 19.62 ?  329 HOH A O   1 
HETATM 1360 O O   . HOH D 4 .   ? -11.565 -2.597  2.860   1.00 26.05 ?  330 HOH A O   1 
HETATM 1361 O O   . HOH D 4 .   ? 1.627   -2.899  -3.916  1.00 23.02 ?  331 HOH A O   1 
HETATM 1362 O O   . HOH D 4 .   ? 8.401   1.683   -4.940  1.00 19.41 ?  332 HOH A O   1 
HETATM 1363 O O   . HOH D 4 .   ? -9.112  -7.743  -19.522 1.00 14.55 ?  333 HOH A O   1 
HETATM 1364 O O   . HOH D 4 .   ? -4.690  2.932   -22.597 1.00 24.46 ?  334 HOH A O   1 
HETATM 1365 O O   . HOH D 4 .   ? 13.553  -7.184  -4.570  1.00 16.93 ?  335 HOH A O   1 
HETATM 1366 O O   . HOH D 4 .   ? -2.567  15.917  -5.182  1.00 17.76 ?  336 HOH A O   1 
HETATM 1367 O O   . HOH D 4 .   ? 10.990  -10.205 -4.304  1.00 22.60 ?  337 HOH A O   1 
HETATM 1368 O O   . HOH D 4 .   ? -9.650  -6.485  -9.232  1.00 25.52 ?  338 HOH A O   1 
HETATM 1369 O O   . HOH D 4 .   ? 7.055   -4.848  -11.027 1.00 19.00 ?  339 HOH A O   1 
HETATM 1370 O O   . HOH D 4 .   ? 17.266  -5.984  0.533   1.00 14.42 ?  340 HOH A O   1 
HETATM 1371 O O   . HOH D 4 .   ? -11.007 8.590   -12.587 1.00 24.24 ?  341 HOH A O   1 
HETATM 1372 O O   . HOH D 4 .   ? 0.190   -6.525  -20.849 1.00 23.60 ?  342 HOH A O   1 
HETATM 1373 O O   . HOH D 4 .   ? -11.510 -7.638  -10.008 1.00 20.79 ?  343 HOH A O   1 
HETATM 1374 O O   . HOH D 4 .   ? -16.455 2.109   -13.688 1.00 23.23 ?  344 HOH A O   1 
HETATM 1375 O O   . HOH D 4 .   ? -0.516  7.628   21.321  1.00 15.99 ?  345 HOH A O   1 
HETATM 1376 O O   . HOH D 4 .   ? 9.479   -11.643 -7.391  1.00 16.07 ?  346 HOH A O   1 
HETATM 1377 O O   . HOH D 4 .   ? 4.412   0.158   2.287   1.00 11.15 ?  347 HOH A O   1 
HETATM 1378 O O   . HOH D 4 .   ? 0.576   -4.119  19.398  1.00 20.59 ?  348 HOH A O   1 
HETATM 1379 O O   . HOH D 4 .   ? 14.217  5.869   9.215   1.00 22.63 ?  349 HOH A O   1 
HETATM 1380 O O   . HOH D 4 .   ? -5.354  -2.684  1.093   1.00 18.80 ?  350 HOH A O   1 
HETATM 1381 O O   . HOH D 4 .   ? 11.037  11.866  15.314  1.00 16.22 ?  351 HOH A O   1 
HETATM 1382 O O   . HOH D 4 .   ? 14.605  4.858   -0.170  1.00 13.37 ?  352 HOH A O   1 
HETATM 1383 O O   . HOH D 4 .   ? -5.026  1.680   -10.472 1.00 11.03 ?  353 HOH A O   1 
HETATM 1384 O O   . HOH D 4 .   ? 9.054   10.957  4.440   1.00 13.82 ?  354 HOH A O   1 
HETATM 1385 O O   . HOH D 4 .   ? -2.228  -5.902  -21.908 1.00 22.66 ?  355 HOH A O   1 
HETATM 1386 O O   . HOH D 4 .   ? 16.490  -2.558  11.943  1.00 18.92 ?  356 HOH A O   1 
HETATM 1387 O O   . HOH D 4 .   ? 6.916   6.127   -9.687  1.00 29.47 ?  357 HOH A O   1 
HETATM 1388 O O   . HOH D 4 .   ? -6.620  -1.514  -1.158  1.00 19.12 ?  358 HOH A O   1 
HETATM 1389 O O   . HOH D 4 .   ? 2.415   1.004   -12.127 1.00 19.31 ?  359 HOH A O   1 
HETATM 1390 O O   . HOH D 4 .   ? 13.344  -1.304  18.183  1.00 20.53 ?  360 HOH A O   1 
HETATM 1391 O O   . HOH D 4 .   ? 4.988   17.322  9.034   1.00 20.94 ?  361 HOH A O   1 
HETATM 1392 O O   . HOH D 4 .   ? -12.038 8.229   -9.737  1.00 24.29 ?  362 HOH A O   1 
HETATM 1393 O O   . HOH D 4 .   ? -9.899  -10.759 -22.964 1.00 26.23 ?  363 HOH A O   1 
HETATM 1394 O O   . HOH D 4 .   ? -7.224  8.535   -7.956  1.00 20.80 ?  364 HOH A O   1 
HETATM 1395 O O   . HOH D 4 .   ? -7.733  -3.866  -25.372 1.00 24.03 ?  365 HOH A O   1 
HETATM 1396 O O   . HOH D 4 .   ? 3.966   -15.570 -17.060 1.00 26.19 ?  366 HOH A O   1 
HETATM 1397 O O   . HOH D 4 .   ? 3.208   11.638  -7.090  1.00 18.85 ?  367 HOH A O   1 
HETATM 1398 O O   . HOH D 4 .   ? 5.260   -14.463 -12.207 1.00 21.50 ?  368 HOH A O   1 
HETATM 1399 O O   . HOH D 4 .   ? -14.576 0.596   -12.148 1.00 17.12 ?  369 HOH A O   1 
HETATM 1400 O O   . HOH D 4 .   ? 6.731   -5.605  -14.461 1.00 22.66 ?  370 HOH A O   1 
HETATM 1401 O O   . HOH D 4 .   ? 14.967  1.431   10.080  1.00 16.17 ?  371 HOH A O   1 
HETATM 1402 O O   . HOH D 4 .   ? -11.417 6.755   13.502  1.00 29.46 ?  372 HOH A O   1 
HETATM 1403 O O   . HOH D 4 .   ? -3.230  12.487  2.362   1.00 19.35 ?  373 HOH A O   1 
HETATM 1404 O O   . HOH D 4 .   ? -1.774  9.881   20.347  1.00 14.10 ?  374 HOH A O   1 
HETATM 1405 O O   . HOH D 4 .   ? 10.821  15.234  12.564  1.00 24.41 ?  375 HOH A O   1 
HETATM 1406 O O   . HOH D 4 .   ? 16.191  -7.796  8.051   1.00 24.25 ?  376 HOH A O   1 
HETATM 1407 O O   . HOH D 4 .   ? 12.552  7.736   19.056  1.00 23.97 ?  377 HOH A O   1 
HETATM 1408 O O   . HOH D 4 .   ? 19.191  -7.895  5.594   1.00 24.53 ?  378 HOH A O   1 
HETATM 1409 O O   . HOH D 4 .   ? 4.142   -8.866  21.472  1.00 25.85 ?  379 HOH A O   1 
HETATM 1410 O O   . HOH D 4 .   ? 7.193   16.058  12.380  1.00 22.46 ?  380 HOH A O   1 
HETATM 1411 O O   . HOH D 4 .   ? -18.566 -5.630  -12.245 1.00 12.56 ?  381 HOH A O   1 
HETATM 1412 O O   . HOH D 4 .   ? -10.739 -1.044  -7.123  1.00 17.12 ?  382 HOH A O   1 
HETATM 1413 O O   . HOH D 4 .   ? 9.206   -12.473 -4.708  1.00 22.97 ?  383 HOH A O   1 
HETATM 1414 O O   . HOH D 4 .   ? 6.653   -1.732  -4.138  1.00 23.63 ?  384 HOH A O   1 
HETATM 1415 O O   . HOH D 4 .   ? 13.911  6.795   -2.158  1.00 15.56 ?  385 HOH A O   1 
HETATM 1416 O O   . HOH D 4 .   ? -14.040 -1.942  -9.258  1.00 13.36 ?  386 HOH A O   1 
HETATM 1417 O O   . HOH D 4 .   ? 6.383   -6.950  15.440  1.00 18.38 ?  387 HOH A O   1 
HETATM 1418 O O   . HOH D 4 .   ? -5.629  -14.256 -6.211  1.00 28.09 ?  388 HOH A O   1 
HETATM 1419 O O   . HOH D 4 .   ? -5.212  7.159   -20.919 1.00 23.01 ?  389 HOH A O   1 
HETATM 1420 O O   . HOH D 4 .   ? -14.207 2.790   -2.606  1.00 20.10 ?  390 HOH A O   1 
HETATM 1421 O O   . HOH D 4 .   ? 7.937   -8.342  -12.015 1.00 16.56 ?  391 HOH A O   1 
HETATM 1422 O O   . HOH D 4 .   ? 5.478   -7.798  -16.270 1.00 25.46 ?  392 HOH A O   1 
HETATM 1423 O O   . HOH D 4 .   ? -2.184  17.923  -1.269  1.00 22.64 ?  393 HOH A O   1 
HETATM 1424 O O   . HOH D 4 .   ? 6.389   -9.481  2.620   1.00 28.89 ?  394 HOH A O   1 
HETATM 1425 O O   . HOH D 4 .   ? -10.073 -13.883 -19.678 1.00 26.90 ?  395 HOH A O   1 
HETATM 1426 O O   . HOH D 4 .   ? 15.568  4.456   13.820  1.00 21.08 ?  396 HOH A O   1 
HETATM 1427 O O   . HOH D 4 .   ? 7.965   -6.291  0.077   1.00 17.96 ?  397 HOH A O   1 
HETATM 1428 O O   . HOH D 4 .   ? 1.254   -11.566 10.393  1.00 26.94 ?  398 HOH A O   1 
HETATM 1429 O O   . HOH D 4 .   ? 7.053   17.425  5.438   1.00 19.22 ?  399 HOH A O   1 
HETATM 1430 O O   . HOH D 4 .   ? -12.974 6.163   -7.924  1.00 21.72 ?  400 HOH A O   1 
HETATM 1431 O O   . HOH D 4 .   ? -10.621 -6.770  13.517  1.00 30.67 ?  401 HOH A O   1 
HETATM 1432 O O   . HOH D 4 .   ? 10.296  -7.525  -4.324  1.00 22.96 ?  402 HOH A O   1 
HETATM 1433 O O   . HOH D 4 .   ? 11.546  -0.932  -2.983  1.00 12.75 ?  403 HOH A O   1 
HETATM 1434 O O   . HOH D 4 .   ? -9.044  -1.503  -23.635 1.00 26.24 ?  404 HOH A O   1 
HETATM 1435 O O   . HOH D 4 .   ? 2.064   -3.317  -7.313  1.00 22.00 ?  405 HOH A O   1 
HETATM 1436 O O   . HOH D 4 .   ? -7.850  8.651   -19.538 1.00 25.68 ?  406 HOH A O   1 
HETATM 1437 O O   . HOH D 4 .   ? 5.524   6.571   -13.266 1.00 32.97 ?  407 HOH A O   1 
HETATM 1438 O O   . HOH D 4 .   ? -17.243 -3.715  -23.141 1.00 27.38 ?  408 HOH A O   1 
HETATM 1439 O O   . HOH D 4 .   ? 14.399  4.607   6.640   1.00 17.70 ?  409 HOH A O   1 
HETATM 1440 O O   . HOH D 4 .   ? 12.351  10.279  17.115  1.00 17.17 ?  410 HOH A O   1 
HETATM 1441 O O   . HOH D 4 .   ? -11.101 -1.467  -3.909  1.00 22.77 ?  411 HOH A O   1 
HETATM 1442 O O   . HOH D 4 .   ? 1.635   1.979   -19.815 1.00 26.33 ?  412 HOH A O   1 
HETATM 1443 O O   . HOH D 4 .   ? -3.722  -17.641 -19.493 1.00 27.86 ?  413 HOH A O   1 
HETATM 1444 O O   . HOH D 4 .   ? 4.755   -3.815  -7.461  1.00 26.88 ?  414 HOH A O   1 
HETATM 1445 O O   . HOH D 4 .   ? 13.223  -4.094  17.463  1.00 19.21 ?  415 HOH A O   1 
HETATM 1446 O O   . HOH D 4 .   ? 2.500   -15.844 -14.237 1.00 26.30 ?  416 HOH A O   1 
HETATM 1447 O O   . HOH D 4 .   ? -14.382 1.670   8.175   1.00 34.99 ?  417 HOH A O   1 
HETATM 1448 O O   . HOH D 4 .   ? -12.331 1.966   -13.279 1.00 20.67 ?  418 HOH A O   1 
HETATM 1449 O O   . HOH D 4 .   ? -17.402 -8.103  -16.155 1.00 24.29 ?  419 HOH A O   1 
HETATM 1450 O O   . HOH D 4 .   ? 16.070  2.710   18.205  1.00 26.94 ?  420 HOH A O   1 
HETATM 1451 O O   . HOH D 4 .   ? -8.452  1.013   -23.069 1.00 26.62 ?  421 HOH A O   1 
HETATM 1452 O O   . HOH D 4 .   ? -1.390  11.594  -7.447  1.00 21.44 ?  422 HOH A O   1 
HETATM 1453 O O   . HOH D 4 .   ? -0.656  -1.796  19.292  1.00 23.94 ?  423 HOH A O   1 
HETATM 1454 O O   . HOH D 4 .   ? 14.667  -10.025 9.270   1.00 20.49 ?  424 HOH A O   1 
HETATM 1455 O O   . HOH D 4 .   ? 16.728  5.426   5.601   1.00 31.75 ?  425 HOH A O   1 
HETATM 1456 O O   . HOH D 4 .   ? 4.639   10.873  -9.330  1.00 29.89 ?  426 HOH A O   1 
HETATM 1457 O O   . HOH D 4 .   ? 5.975   -7.175  1.444   1.00 25.98 ?  427 HOH A O   1 
HETATM 1458 O O   . HOH D 4 .   ? -8.093  -3.264  -1.836  1.00 27.34 ?  428 HOH A O   1 
HETATM 1459 O O   . HOH D 4 .   ? -10.805 -1.638  -25.867 1.00 28.11 ?  429 HOH A O   1 
HETATM 1460 O O   . HOH D 4 .   ? 4.281   18.192  6.490   1.00 24.95 ?  430 HOH A O   1 
HETATM 1461 O O   . HOH D 4 .   ? 15.589  3.958   11.029  1.00 20.52 ?  431 HOH A O   1 
HETATM 1462 O O   . HOH D 4 .   ? -2.558  9.732   -8.829  1.00 26.96 ?  432 HOH A O   1 
HETATM 1463 O O   . HOH D 4 .   ? -6.533  2.330   -24.413 1.00 27.29 ?  433 HOH A O   1 
HETATM 1464 O O   . HOH D 4 .   ? 17.085  -0.151  10.798  1.00 23.37 ?  434 HOH A O   1 
HETATM 1465 O O   . HOH D 4 .   ? 14.863  1.989   7.455   1.00 18.62 ?  435 HOH A O   1 
HETATM 1466 O O   . HOH D 4 .   ? -19.421 -6.552  -14.876 1.00 22.15 ?  436 HOH A O   1 
HETATM 1467 O O   . HOH D 4 .   ? -2.766  8.381   -20.651 1.00 32.32 ?  437 HOH A O   1 
HETATM 1468 O O   . HOH D 4 .   ? 15.856  0.011   18.725  1.00 27.20 ?  438 HOH A O   1 
HETATM 1469 O O   . HOH D 4 .   ? 1.025   12.619  -8.320  1.00 23.99 ?  439 HOH A O   1 
# 
loop_
_pdbx_poly_seq_scheme.asym_id 
_pdbx_poly_seq_scheme.entity_id 
_pdbx_poly_seq_scheme.seq_id 
_pdbx_poly_seq_scheme.mon_id 
_pdbx_poly_seq_scheme.ndb_seq_num 
_pdbx_poly_seq_scheme.pdb_seq_num 
_pdbx_poly_seq_scheme.auth_seq_num 
_pdbx_poly_seq_scheme.pdb_mon_id 
_pdbx_poly_seq_scheme.auth_mon_id 
_pdbx_poly_seq_scheme.pdb_strand_id 
_pdbx_poly_seq_scheme.pdb_ins_code 
_pdbx_poly_seq_scheme.hetero 
A 1 1   MET 1   1   1   MET MET A . n 
A 1 2   ASN 2   2   2   ASN ASN A . n 
A 1 3   ILE 3   3   3   ILE ILE A . n 
A 1 4   PHE 4   4   4   PHE PHE A . n 
A 1 5   GLU 5   5   5   GLU GLU A . n 
A 1 6   MET 6   6   6   MET MET A . n 
A 1 7   LEU 7   7   7   LEU LEU A . n 
A 1 8   ARG 8   8   8   ARG ARG A . n 
A 1 9   ILE 9   9   9   ILE ILE A . n 
A 1 10  ASP 10  10  10  ASP ASP A . n 
A 1 11  GLU 11  11  11  GLU GLU A . n 
A 1 12  GLY 12  12  12  GLY GLY A . n 
A 1 13  LEU 13  13  13  LEU LEU A . n 
A 1 14  ARG 14  14  14  ARG ARG A . n 
A 1 15  LEU 15  15  15  LEU LEU A . n 
A 1 16  LYS 16  16  16  LYS LYS A . n 
A 1 17  ILE 17  17  17  ILE ILE A . n 
A 1 18  TYR 18  18  18  TYR TYR A . n 
A 1 19  LYS 19  19  19  LYS LYS A . n 
A 1 20  ASP 20  20  20  ASP ASP A . n 
A 1 21  THR 21  21  21  THR THR A . n 
A 1 22  GLU 22  22  22  GLU GLU A . n 
A 1 23  GLY 23  23  23  GLY GLY A . n 
A 1 24  TYR 24  24  24  TYR TYR A . n 
A 1 25  TYR 25  25  25  TYR TYR A . n 
A 1 26  THR 26  26  26  THR THR A . n 
A 1 27  ILE 27  27  27  ILE ILE A . n 
A 1 28  GLY 28  28  28  GLY GLY A . n 
A 1 29  ILE 29  29  29  ILE ILE A . n 
A 1 30  GLY 30  30  30  GLY GLY A . n 
A 1 31  HIS 31  31  31  HIS HIS A . n 
A 1 32  LEU 32  32  32  LEU LEU A . n 
A 1 33  LEU 33  33  33  LEU LEU A . n 
A 1 34  THR 34  34  34  THR THR A . n 
A 1 35  LYS 35  35  35  LYS LYS A . n 
A 1 36  SER 36  36  36  SER SER A . n 
A 1 37  PRO 37  37  37  PRO PRO A . n 
A 1 38  SER 38  38  38  SER SER A . n 
A 1 39  LEU 39  39  39  LEU LEU A . n 
A 1 40  ASN 40  40  40  ASN ASN A . n 
A 1 41  ALA 41  41  41  ALA ALA A . n 
A 1 42  ALA 42  42  42  ALA ALA A . n 
A 1 43  LYS 43  43  43  LYS LYS A . n 
A 1 44  SER 44  44  44  SER SER A . n 
A 1 45  GLU 45  45  45  GLU GLU A . n 
A 1 46  LEU 46  46  46  LEU LEU A . n 
A 1 47  ASP 47  47  47  ASP ASP A . n 
A 1 48  LYS 48  48  48  LYS LYS A . n 
A 1 49  ALA 49  49  49  ALA ALA A . n 
A 1 50  ILE 50  50  50  ILE ILE A . n 
A 1 51  GLY 51  51  51  GLY GLY A . n 
A 1 52  ARG 52  52  52  ARG ARG A . n 
A 1 53  ASN 53  53  53  ASN ASN A . n 
A 1 54  CYS 54  54  54  CYS CYS A . n 
A 1 55  ASN 55  55  55  ASN ASN A . n 
A 1 56  GLY 56  56  56  GLY GLY A . n 
A 1 57  VAL 57  57  57  VAL VAL A . n 
A 1 58  ILE 58  58  58  ILE ILE A . n 
A 1 59  THR 59  59  59  THR THR A . n 
A 1 60  LYS 60  60  60  LYS LYS A . n 
A 1 61  ASP 61  61  61  ASP ASP A . n 
A 1 62  GLU 62  62  62  GLU GLU A . n 
A 1 63  ALA 63  63  63  ALA ALA A . n 
A 1 64  GLU 64  64  64  GLU GLU A . n 
A 1 65  LYS 65  65  65  LYS LYS A . n 
A 1 66  LEU 66  66  66  LEU LEU A . n 
A 1 67  PHE 67  67  67  PHE PHE A . n 
A 1 68  ASN 68  68  68  ASN ASN A . n 
A 1 69  GLN 69  69  69  GLN GLN A . n 
A 1 70  ASP 70  70  70  ASP ASP A . n 
A 1 71  VAL 71  71  71  VAL VAL A . n 
A 1 72  ASP 72  72  72  ASP ASP A . n 
A 1 73  ALA 73  73  73  ALA ALA A . n 
A 1 74  ALA 74  74  74  ALA ALA A . n 
A 1 75  VAL 75  75  75  VAL VAL A . n 
A 1 76  ARG 76  76  76  ARG ARG A . n 
A 1 77  GLY 77  77  77  GLY GLY A . n 
A 1 78  ILE 78  78  78  ILE ILE A . n 
A 1 79  LEU 79  79  79  LEU LEU A . n 
A 1 80  ARG 80  80  80  ARG ARG A . n 
A 1 81  ASN 81  81  81  ASN ASN A . n 
A 1 82  ALA 82  82  82  ALA ALA A . n 
A 1 83  LYS 83  83  83  LYS LYS A . n 
A 1 84  LEU 84  84  84  LEU LEU A . n 
A 1 85  LYS 85  85  85  LYS LYS A . n 
A 1 86  PRO 86  86  86  PRO PRO A . n 
A 1 87  VAL 87  87  87  VAL VAL A . n 
A 1 88  TYR 88  88  88  TYR TYR A . n 
A 1 89  ASP 89  89  89  ASP ASP A . n 
A 1 90  SER 90  90  90  SER SER A . n 
A 1 91  LEU 91  91  91  LEU LEU A . n 
A 1 92  ASP 92  92  92  ASP ASP A . n 
A 1 93  ALA 93  93  93  ALA ALA A . n 
A 1 94  VAL 94  94  94  VAL VAL A . n 
A 1 95  ARG 95  95  95  ARG ARG A . n 
A 1 96  ARG 96  96  96  ARG ARG A . n 
A 1 97  CYS 97  97  97  CYS CYS A . n 
A 1 98  ALA 98  98  98  ALA ALA A . n 
A 1 99  ALA 99  99  99  ALA ALA A . n 
A 1 100 ILE 100 100 100 ILE ILE A . n 
A 1 101 ASN 101 101 101 ASN ASN A . n 
A 1 102 MET 102 102 102 MET MET A . n 
A 1 103 VAL 103 103 103 VAL VAL A . n 
A 1 104 PHE 104 104 104 PHE PHE A . n 
A 1 105 GLN 105 105 105 GLN GLN A . n 
A 1 106 MET 106 106 106 MET MET A . n 
A 1 107 GLY 107 107 107 GLY GLY A . n 
A 1 108 GLU 108 108 108 GLU GLU A . n 
A 1 109 THR 109 109 109 THR THR A . n 
A 1 110 GLY 110 110 110 GLY GLY A . n 
A 1 111 VAL 111 111 111 VAL VAL A . n 
A 1 112 ALA 112 112 112 ALA ALA A . n 
A 1 113 GLY 113 113 113 GLY GLY A . n 
A 1 114 PHE 114 114 114 PHE PHE A . n 
A 1 115 THR 115 115 115 THR THR A . n 
A 1 116 ASN 116 116 116 ASN ASN A . n 
A 1 117 SER 117 117 117 SER SER A . n 
A 1 118 LEU 118 118 118 LEU LEU A . n 
A 1 119 ARG 119 119 119 ARG ARG A . n 
A 1 120 MET 120 120 120 MET MET A . n 
A 1 121 LEU 121 121 121 LEU LEU A . n 
A 1 122 GLN 122 122 122 GLN GLN A . n 
A 1 123 GLN 123 123 123 GLN GLN A . n 
A 1 124 LYS 124 124 124 LYS LYS A . n 
A 1 125 ARG 125 125 125 ARG ARG A . n 
A 1 126 TRP 126 126 126 TRP TRP A . n 
A 1 127 ASP 127 127 127 ASP ASP A . n 
A 1 128 GLU 128 128 128 GLU GLU A . n 
A 1 129 ALA 129 129 129 ALA ALA A . n 
A 1 130 ALA 130 130 130 ALA ALA A . n 
A 1 131 VAL 131 131 131 VAL VAL A . n 
A 1 132 ASN 132 132 132 ASN ASN A . n 
A 1 133 LEU 133 133 133 LEU LEU A . n 
A 1 134 ALA 134 134 134 ALA ALA A . n 
A 1 135 LYS 135 135 135 LYS LYS A . n 
A 1 136 SER 136 136 136 SER SER A . n 
A 1 137 ARG 137 137 137 ARG ARG A . n 
A 1 138 TRP 138 138 138 TRP TRP A . n 
A 1 139 TYR 139 139 139 TYR TYR A . n 
A 1 140 ASN 140 140 140 ASN ASN A . n 
A 1 141 GLN 141 141 141 GLN GLN A . n 
A 1 142 THR 142 142 142 THR THR A . n 
A 1 143 PRO 143 143 143 PRO PRO A . n 
A 1 144 ASN 144 144 144 ASN ASN A . n 
A 1 145 ARG 145 145 145 ARG ARG A . n 
A 1 146 ALA 146 146 146 ALA ALA A . n 
A 1 147 LYS 147 147 147 LYS LYS A . n 
A 1 148 ARG 148 148 148 ARG ARG A . n 
A 1 149 VAL 149 149 149 VAL VAL A . n 
A 1 150 ILE 150 150 150 ILE ILE A . n 
A 1 151 THR 151 151 151 THR THR A . n 
A 1 152 THR 152 152 152 THR THR A . n 
A 1 153 PHE 153 153 153 PHE PHE A . n 
A 1 154 ARG 154 154 154 ARG ARG A . n 
A 1 155 THR 155 155 155 THR THR A . n 
A 1 156 GLY 156 156 156 GLY GLY A . n 
A 1 157 THR 157 157 157 THR THR A . n 
A 1 158 TRP 158 158 158 TRP TRP A . n 
A 1 159 ASP 159 159 159 ASP ASP A . n 
A 1 160 ALA 160 160 160 ALA ALA A . n 
A 1 161 TYR 161 161 161 TYR TYR A . n 
A 1 162 LYS 162 162 162 LYS LYS A . n 
A 1 163 ASN 163 163 ?   ?   ?   A . n 
A 1 164 LEU 164 164 ?   ?   ?   A . n 
A 1 165 LEU 165 165 ?   ?   ?   A . n 
A 1 166 GLU 166 166 ?   ?   ?   A . n 
A 1 167 HIS 167 167 ?   ?   ?   A . n 
A 1 168 HIS 168 168 ?   ?   ?   A . n 
A 1 169 HIS 169 169 ?   ?   ?   A . n 
A 1 170 HIS 170 170 ?   ?   ?   A . n 
A 1 171 HIS 171 171 ?   ?   ?   A . n 
A 1 172 HIS 172 172 ?   ?   ?   A . n 
# 
loop_
_pdbx_nonpoly_scheme.asym_id 
_pdbx_nonpoly_scheme.entity_id 
_pdbx_nonpoly_scheme.mon_id 
_pdbx_nonpoly_scheme.ndb_seq_num 
_pdbx_nonpoly_scheme.pdb_seq_num 
_pdbx_nonpoly_scheme.auth_seq_num 
_pdbx_nonpoly_scheme.pdb_mon_id 
_pdbx_nonpoly_scheme.auth_mon_id 
_pdbx_nonpoly_scheme.pdb_strand_id 
_pdbx_nonpoly_scheme.pdb_ins_code 
B 2 EPE 1   201 200 EPE EPE A . 
C 3 Y8M 1   202 202 Y8M LIG A . 
D 4 HOH 1   301 40  HOH HOH A . 
D 4 HOH 2   302 83  HOH HOH A . 
D 4 HOH 3   303 100 HOH HOH A . 
D 4 HOH 4   304 101 HOH HOH A . 
D 4 HOH 5   305 32  HOH HOH A . 
D 4 HOH 6   306 78  HOH HOH A . 
D 4 HOH 7   307 91  HOH HOH A . 
D 4 HOH 8   308 66  HOH HOH A . 
D 4 HOH 9   309 46  HOH HOH A . 
D 4 HOH 10  310 134 HOH HOH A . 
D 4 HOH 11  311 47  HOH HOH A . 
D 4 HOH 12  312 138 HOH HOH A . 
D 4 HOH 13  313 45  HOH HOH A . 
D 4 HOH 14  314 54  HOH HOH A . 
D 4 HOH 15  315 64  HOH HOH A . 
D 4 HOH 16  316 106 HOH HOH A . 
D 4 HOH 17  317 11  HOH HOH A . 
D 4 HOH 18  318 14  HOH HOH A . 
D 4 HOH 19  319 18  HOH HOH A . 
D 4 HOH 20  320 38  HOH HOH A . 
D 4 HOH 21  321 95  HOH HOH A . 
D 4 HOH 22  322 73  HOH HOH A . 
D 4 HOH 23  323 4   HOH HOH A . 
D 4 HOH 24  324 109 HOH HOH A . 
D 4 HOH 25  325 19  HOH HOH A . 
D 4 HOH 26  326 16  HOH HOH A . 
D 4 HOH 27  327 36  HOH HOH A . 
D 4 HOH 28  328 97  HOH HOH A . 
D 4 HOH 29  329 127 HOH HOH A . 
D 4 HOH 30  330 71  HOH HOH A . 
D 4 HOH 31  331 129 HOH HOH A . 
D 4 HOH 32  332 48  HOH HOH A . 
D 4 HOH 33  333 24  HOH HOH A . 
D 4 HOH 34  334 120 HOH HOH A . 
D 4 HOH 35  335 25  HOH HOH A . 
D 4 HOH 36  336 44  HOH HOH A . 
D 4 HOH 37  337 79  HOH HOH A . 
D 4 HOH 38  338 98  HOH HOH A . 
D 4 HOH 39  339 30  HOH HOH A . 
D 4 HOH 40  340 12  HOH HOH A . 
D 4 HOH 41  341 126 HOH HOH A . 
D 4 HOH 42  342 115 HOH HOH A . 
D 4 HOH 43  343 112 HOH HOH A . 
D 4 HOH 44  344 89  HOH HOH A . 
D 4 HOH 45  345 35  HOH HOH A . 
D 4 HOH 46  346 23  HOH HOH A . 
D 4 HOH 47  347 6   HOH HOH A . 
D 4 HOH 48  348 121 HOH HOH A . 
D 4 HOH 49  349 74  HOH HOH A . 
D 4 HOH 50  350 15  HOH HOH A . 
D 4 HOH 51  351 10  HOH HOH A . 
D 4 HOH 52  352 8   HOH HOH A . 
D 4 HOH 53  353 3   HOH HOH A . 
D 4 HOH 54  354 9   HOH HOH A . 
D 4 HOH 55  355 135 HOH HOH A . 
D 4 HOH 56  356 42  HOH HOH A . 
D 4 HOH 57  357 142 HOH HOH A . 
D 4 HOH 58  358 29  HOH HOH A . 
D 4 HOH 59  359 55  HOH HOH A . 
D 4 HOH 60  360 33  HOH HOH A . 
D 4 HOH 61  361 68  HOH HOH A . 
D 4 HOH 62  362 130 HOH HOH A . 
D 4 HOH 63  363 90  HOH HOH A . 
D 4 HOH 64  364 62  HOH HOH A . 
D 4 HOH 65  365 131 HOH HOH A . 
D 4 HOH 66  366 82  HOH HOH A . 
D 4 HOH 67  367 28  HOH HOH A . 
D 4 HOH 68  368 63  HOH HOH A . 
D 4 HOH 69  369 17  HOH HOH A . 
D 4 HOH 70  370 37  HOH HOH A . 
D 4 HOH 71  371 27  HOH HOH A . 
D 4 HOH 72  372 141 HOH HOH A . 
D 4 HOH 73  373 76  HOH HOH A . 
D 4 HOH 74  374 7   HOH HOH A . 
D 4 HOH 75  375 50  HOH HOH A . 
D 4 HOH 76  376 75  HOH HOH A . 
D 4 HOH 77  377 26  HOH HOH A . 
D 4 HOH 78  378 102 HOH HOH A . 
D 4 HOH 79  379 88  HOH HOH A . 
D 4 HOH 80  380 94  HOH HOH A . 
D 4 HOH 81  381 13  HOH HOH A . 
D 4 HOH 82  382 41  HOH HOH A . 
D 4 HOH 83  383 81  HOH HOH A . 
D 4 HOH 84  384 58  HOH HOH A . 
D 4 HOH 85  385 5   HOH HOH A . 
D 4 HOH 86  386 2   HOH HOH A . 
D 4 HOH 87  387 59  HOH HOH A . 
D 4 HOH 88  388 87  HOH HOH A . 
D 4 HOH 89  389 110 HOH HOH A . 
D 4 HOH 90  390 61  HOH HOH A . 
D 4 HOH 91  391 21  HOH HOH A . 
D 4 HOH 92  392 72  HOH HOH A . 
D 4 HOH 93  393 49  HOH HOH A . 
D 4 HOH 94  394 139 HOH HOH A . 
D 4 HOH 95  395 84  HOH HOH A . 
D 4 HOH 96  396 51  HOH HOH A . 
D 4 HOH 97  397 57  HOH HOH A . 
D 4 HOH 98  398 133 HOH HOH A . 
D 4 HOH 99  399 22  HOH HOH A . 
D 4 HOH 100 400 136 HOH HOH A . 
D 4 HOH 101 401 56  HOH HOH A . 
D 4 HOH 102 402 93  HOH HOH A . 
D 4 HOH 103 403 1   HOH HOH A . 
D 4 HOH 104 404 104 HOH HOH A . 
D 4 HOH 105 405 85  HOH HOH A . 
D 4 HOH 106 406 43  HOH HOH A . 
D 4 HOH 107 407 119 HOH HOH A . 
D 4 HOH 108 408 132 HOH HOH A . 
D 4 HOH 109 409 34  HOH HOH A . 
D 4 HOH 110 410 20  HOH HOH A . 
D 4 HOH 111 411 128 HOH HOH A . 
D 4 HOH 112 412 31  HOH HOH A . 
D 4 HOH 113 413 137 HOH HOH A . 
D 4 HOH 114 414 117 HOH HOH A . 
D 4 HOH 115 415 52  HOH HOH A . 
D 4 HOH 116 416 86  HOH HOH A . 
D 4 HOH 117 417 108 HOH HOH A . 
D 4 HOH 118 418 69  HOH HOH A . 
D 4 HOH 119 419 96  HOH HOH A . 
D 4 HOH 120 420 125 HOH HOH A . 
D 4 HOH 121 421 107 HOH HOH A . 
D 4 HOH 122 422 60  HOH HOH A . 
D 4 HOH 123 423 111 HOH HOH A . 
D 4 HOH 124 424 122 HOH HOH A . 
D 4 HOH 125 425 116 HOH HOH A . 
D 4 HOH 126 426 99  HOH HOH A . 
D 4 HOH 127 427 143 HOH HOH A . 
D 4 HOH 128 428 118 HOH HOH A . 
D 4 HOH 129 429 105 HOH HOH A . 
D 4 HOH 130 430 114 HOH HOH A . 
D 4 HOH 131 431 77  HOH HOH A . 
D 4 HOH 132 432 123 HOH HOH A . 
D 4 HOH 133 433 124 HOH HOH A . 
D 4 HOH 134 434 70  HOH HOH A . 
D 4 HOH 135 435 39  HOH HOH A . 
D 4 HOH 136 436 92  HOH HOH A . 
D 4 HOH 137 437 113 HOH HOH A . 
D 4 HOH 138 438 103 HOH HOH A . 
D 4 HOH 139 439 53  HOH HOH A . 
# 
_pdbx_struct_assembly.id                   1 
_pdbx_struct_assembly.details              author_and_software_defined_assembly 
_pdbx_struct_assembly.method_details       PISA 
_pdbx_struct_assembly.oligomeric_details   monomeric 
_pdbx_struct_assembly.oligomeric_count     1 
# 
_pdbx_struct_assembly_gen.assembly_id       1 
_pdbx_struct_assembly_gen.oper_expression   1 
_pdbx_struct_assembly_gen.asym_id_list      A,B,C,D 
# 
_pdbx_struct_oper_list.id                   1 
_pdbx_struct_oper_list.type                 'identity operation' 
_pdbx_struct_oper_list.name                 1_555 
_pdbx_struct_oper_list.symmetry_operation   x,y,z 
_pdbx_struct_oper_list.matrix[1][1]         1.0000000000 
_pdbx_struct_oper_list.matrix[1][2]         0.0000000000 
_pdbx_struct_oper_list.matrix[1][3]         0.0000000000 
_pdbx_struct_oper_list.vector[1]            0.0000000000 
_pdbx_struct_oper_list.matrix[2][1]         0.0000000000 
_pdbx_struct_oper_list.matrix[2][2]         1.0000000000 
_pdbx_struct_oper_list.matrix[2][3]         0.0000000000 
_pdbx_struct_oper_list.vector[2]            0.0000000000 
_pdbx_struct_oper_list.matrix[3][1]         0.0000000000 
_pdbx_struct_oper_list.matrix[3][2]         0.0000000000 
_pdbx_struct_oper_list.matrix[3][3]         1.0000000000 
_pdbx_struct_oper_list.vector[3]            0.0000000000 
# 
loop_
_pdbx_audit_revision_history.ordinal 
_pdbx_audit_revision_history.data_content_type 
_pdbx_audit_revision_history.major_revision 
_pdbx_audit_revision_history.minor_revision 
_pdbx_audit_revision_history.revision_date 
1 'Structure model' 1 0 2021-05-19 
2 'Structure model' 1 1 2021-12-08 
3 'Structure model' 1 2 2023-10-18 
# 
_pdbx_audit_revision_details.ordinal             1 
_pdbx_audit_revision_details.revision_ordinal    1 
_pdbx_audit_revision_details.data_content_type   'Structure model' 
_pdbx_audit_revision_details.provider            repository 
_pdbx_audit_revision_details.type                'Initial release' 
_pdbx_audit_revision_details.description         ? 
_pdbx_audit_revision_details.details             ? 
# 
loop_
_pdbx_audit_revision_group.ordinal 
_pdbx_audit_revision_group.revision_ordinal 
_pdbx_audit_revision_group.data_content_type 
_pdbx_audit_revision_group.group 
1 2 'Structure model' 'Database references'    
2 3 'Structure model' 'Data collection'        
3 3 'Structure model' 'Refinement description' 
# 
loop_
_pdbx_audit_revision_category.ordinal 
_pdbx_audit_revision_category.revision_ordinal 
_pdbx_audit_revision_category.data_content_type 
_pdbx_audit_revision_category.category 
1 2 'Structure model' citation                      
2 2 'Structure model' citation_author               
3 2 'Structure model' database_2                    
4 3 'Structure model' chem_comp_atom                
5 3 'Structure model' chem_comp_bond                
6 3 'Structure model' pdbx_initial_refinement_model 
# 
loop_
_pdbx_audit_revision_item.ordinal 
_pdbx_audit_revision_item.revision_ordinal 
_pdbx_audit_revision_item.data_content_type 
_pdbx_audit_revision_item.item 
1  2 'Structure model' '_citation.country'                   
2  2 'Structure model' '_citation.journal_abbrev'            
3  2 'Structure model' '_citation.journal_id_ASTM'           
4  2 'Structure model' '_citation.journal_id_CSD'            
5  2 'Structure model' '_citation.journal_id_ISSN'           
6  2 'Structure model' '_citation.journal_volume'            
7  2 'Structure model' '_citation.pdbx_database_id_DOI'      
8  2 'Structure model' '_citation.pdbx_database_id_PubMed'   
9  2 'Structure model' '_citation.title'                     
10 2 'Structure model' '_citation.year'                      
11 2 'Structure model' '_citation_author.identifier_ORCID'   
12 2 'Structure model' '_database_2.pdbx_DOI'                
13 2 'Structure model' '_database_2.pdbx_database_accession' 
# 
_phasing.method   MR 
# 
loop_
_software.citation_id 
_software.classification 
_software.compiler_name 
_software.compiler_version 
_software.contact_author 
_software.contact_author_email 
_software.date 
_software.description 
_software.dependencies 
_software.hardware 
_software.language 
_software.location 
_software.mods 
_software.name 
_software.os 
_software.os_version 
_software.type 
_software.version 
_software.pdbx_ordinal 
? 'data reduction'  ? ? 'Wolfgang Kabsch' Wolfgang.Kabsch@mpimf-heidelberg.mpg.de ?               ? ? ? ?          
http://www.mpimf-heidelberg.mpg.de/~kabsch/xds/     ? XDS         ? ? package .           1 
? 'data scaling'    ? ? 'Phil Evans'      ?                                       29/03/17        ? ? ? ?          
http://www.mrc-lmb.cam.ac.uk/harry/pre/aimless.html ? Aimless     ? ? program 0.5.32      2 
? phasing           ? ? 'Alexei Vaguine'  alexei@ysbl.york.ac.uk                  ?               ? ? ? Fortran_77 
http://www.ccp4.ac.uk/dist/html/molrep.html         ? MOLREP      ? ? program .           3 
? refinement        ? ? 'Paul D. Adams'   PDAdams@lbl.gov                         ?               ? ? ? C++        
http://www.phenix-online.org/                       ? PHENIX      ? ? package 1.11.1_2575 4 
? 'data extraction' ? ? PDB               deposit@deposit.rcsb.org                'Oct. 31, 2020' ? ? ? C++        
http://sw-tools.pdb.org/apps/PDB_EXTRACT/           ? PDB_EXTRACT ? ? package 3.27        5 
# 
_pdbx_entry_details.entry_id                 7LOJ 
_pdbx_entry_details.has_ligand_of_interest   Y 
_pdbx_entry_details.compound_details         ? 
_pdbx_entry_details.source_details           ? 
_pdbx_entry_details.nonpolymer_details       ? 
_pdbx_entry_details.sequence_details         ? 
# 
_pdbx_validate_torsion.id              1 
_pdbx_validate_torsion.PDB_model_num   1 
_pdbx_validate_torsion.auth_comp_id    ILE 
_pdbx_validate_torsion.auth_asym_id    A 
_pdbx_validate_torsion.auth_seq_id     29 
_pdbx_validate_torsion.PDB_ins_code    ? 
_pdbx_validate_torsion.label_alt_id    ? 
_pdbx_validate_torsion.phi             -101.31 
_pdbx_validate_torsion.psi             72.56 
# 
loop_
_pdbx_unobs_or_zero_occ_residues.id 
_pdbx_unobs_or_zero_occ_residues.PDB_model_num 
_pdbx_unobs_or_zero_occ_residues.polymer_flag 
_pdbx_unobs_or_zero_occ_residues.occupancy_flag 
_pdbx_unobs_or_zero_occ_residues.auth_asym_id 
_pdbx_unobs_or_zero_occ_residues.auth_comp_id 
_pdbx_unobs_or_zero_occ_residues.auth_seq_id 
_pdbx_unobs_or_zero_occ_residues.PDB_ins_code 
_pdbx_unobs_or_zero_occ_residues.label_asym_id 
_pdbx_unobs_or_zero_occ_residues.label_comp_id 
_pdbx_unobs_or_zero_occ_residues.label_seq_id 
1  1 Y 1 A ASN 163 ? A ASN 163 
2  1 Y 1 A LEU 164 ? A LEU 164 
3  1 Y 1 A LEU 165 ? A LEU 165 
4  1 Y 1 A GLU 166 ? A GLU 166 
5  1 Y 1 A HIS 167 ? A HIS 167 
6  1 Y 1 A HIS 168 ? A HIS 168 
7  1 Y 1 A HIS 169 ? A HIS 169 
8  1 Y 1 A HIS 170 ? A HIS 170 
9  1 Y 1 A HIS 171 ? A HIS 171 
10 1 Y 1 A HIS 172 ? A HIS 172 
# 
loop_
_chem_comp_atom.comp_id 
_chem_comp_atom.atom_id 
_chem_comp_atom.type_symbol 
_chem_comp_atom.pdbx_aromatic_flag 
_chem_comp_atom.pdbx_stereo_config 
_chem_comp_atom.pdbx_ordinal 
ALA N    N N N 1   
ALA CA   C N S 2   
ALA C    C N N 3   
ALA O    O N N 4   
ALA CB   C N N 5   
ALA OXT  O N N 6   
ALA H    H N N 7   
ALA H2   H N N 8   
ALA HA   H N N 9   
ALA HB1  H N N 10  
ALA HB2  H N N 11  
ALA HB3  H N N 12  
ALA HXT  H N N 13  
ARG N    N N N 14  
ARG CA   C N S 15  
ARG C    C N N 16  
ARG O    O N N 17  
ARG CB   C N N 18  
ARG CG   C N N 19  
ARG CD   C N N 20  
ARG NE   N N N 21  
ARG CZ   C N N 22  
ARG NH1  N N N 23  
ARG NH2  N N N 24  
ARG OXT  O N N 25  
ARG H    H N N 26  
ARG H2   H N N 27  
ARG HA   H N N 28  
ARG HB2  H N N 29  
ARG HB3  H N N 30  
ARG HG2  H N N 31  
ARG HG3  H N N 32  
ARG HD2  H N N 33  
ARG HD3  H N N 34  
ARG HE   H N N 35  
ARG HH11 H N N 36  
ARG HH12 H N N 37  
ARG HH21 H N N 38  
ARG HH22 H N N 39  
ARG HXT  H N N 40  
ASN N    N N N 41  
ASN CA   C N S 42  
ASN C    C N N 43  
ASN O    O N N 44  
ASN CB   C N N 45  
ASN CG   C N N 46  
ASN OD1  O N N 47  
ASN ND2  N N N 48  
ASN OXT  O N N 49  
ASN H    H N N 50  
ASN H2   H N N 51  
ASN HA   H N N 52  
ASN HB2  H N N 53  
ASN HB3  H N N 54  
ASN HD21 H N N 55  
ASN HD22 H N N 56  
ASN HXT  H N N 57  
ASP N    N N N 58  
ASP CA   C N S 59  
ASP C    C N N 60  
ASP O    O N N 61  
ASP CB   C N N 62  
ASP CG   C N N 63  
ASP OD1  O N N 64  
ASP OD2  O N N 65  
ASP OXT  O N N 66  
ASP H    H N N 67  
ASP H2   H N N 68  
ASP HA   H N N 69  
ASP HB2  H N N 70  
ASP HB3  H N N 71  
ASP HD2  H N N 72  
ASP HXT  H N N 73  
CYS N    N N N 74  
CYS CA   C N R 75  
CYS C    C N N 76  
CYS O    O N N 77  
CYS CB   C N N 78  
CYS SG   S N N 79  
CYS OXT  O N N 80  
CYS H    H N N 81  
CYS H2   H N N 82  
CYS HA   H N N 83  
CYS HB2  H N N 84  
CYS HB3  H N N 85  
CYS HG   H N N 86  
CYS HXT  H N N 87  
EPE N1   N N N 88  
EPE C2   C N N 89  
EPE C3   C N N 90  
EPE N4   N N N 91  
EPE C5   C N N 92  
EPE C6   C N N 93  
EPE C7   C N N 94  
EPE C8   C N N 95  
EPE O8   O N N 96  
EPE C9   C N N 97  
EPE C10  C N N 98  
EPE S    S N N 99  
EPE O1S  O N N 100 
EPE O2S  O N N 101 
EPE O3S  O N N 102 
EPE H21  H N N 103 
EPE H22  H N N 104 
EPE H31  H N N 105 
EPE H32  H N N 106 
EPE H51  H N N 107 
EPE H52  H N N 108 
EPE H61  H N N 109 
EPE H62  H N N 110 
EPE H71  H N N 111 
EPE H72  H N N 112 
EPE H81  H N N 113 
EPE H82  H N N 114 
EPE HO8  H N N 115 
EPE H91  H N N 116 
EPE H92  H N N 117 
EPE H101 H N N 118 
EPE H102 H N N 119 
EPE HOS3 H N N 120 
GLN N    N N N 121 
GLN CA   C N S 122 
GLN C    C N N 123 
GLN O    O N N 124 
GLN CB   C N N 125 
GLN CG   C N N 126 
GLN CD   C N N 127 
GLN OE1  O N N 128 
GLN NE2  N N N 129 
GLN OXT  O N N 130 
GLN H    H N N 131 
GLN H2   H N N 132 
GLN HA   H N N 133 
GLN HB2  H N N 134 
GLN HB3  H N N 135 
GLN HG2  H N N 136 
GLN HG3  H N N 137 
GLN HE21 H N N 138 
GLN HE22 H N N 139 
GLN HXT  H N N 140 
GLU N    N N N 141 
GLU CA   C N S 142 
GLU C    C N N 143 
GLU O    O N N 144 
GLU CB   C N N 145 
GLU CG   C N N 146 
GLU CD   C N N 147 
GLU OE1  O N N 148 
GLU OE2  O N N 149 
GLU OXT  O N N 150 
GLU H    H N N 151 
GLU H2   H N N 152 
GLU HA   H N N 153 
GLU HB2  H N N 154 
GLU HB3  H N N 155 
GLU HG2  H N N 156 
GLU HG3  H N N 157 
GLU HE2  H N N 158 
GLU HXT  H N N 159 
GLY N    N N N 160 
GLY CA   C N N 161 
GLY C    C N N 162 
GLY O    O N N 163 
GLY OXT  O N N 164 
GLY H    H N N 165 
GLY H2   H N N 166 
GLY HA2  H N N 167 
GLY HA3  H N N 168 
GLY HXT  H N N 169 
HIS N    N N N 170 
HIS CA   C N S 171 
HIS C    C N N 172 
HIS O    O N N 173 
HIS CB   C N N 174 
HIS CG   C Y N 175 
HIS ND1  N Y N 176 
HIS CD2  C Y N 177 
HIS CE1  C Y N 178 
HIS NE2  N Y N 179 
HIS OXT  O N N 180 
HIS H    H N N 181 
HIS H2   H N N 182 
HIS HA   H N N 183 
HIS HB2  H N N 184 
HIS HB3  H N N 185 
HIS HD1  H N N 186 
HIS HD2  H N N 187 
HIS HE1  H N N 188 
HIS HE2  H N N 189 
HIS HXT  H N N 190 
HOH O    O N N 191 
HOH H1   H N N 192 
HOH H2   H N N 193 
ILE N    N N N 194 
ILE CA   C N S 195 
ILE C    C N N 196 
ILE O    O N N 197 
ILE CB   C N S 198 
ILE CG1  C N N 199 
ILE CG2  C N N 200 
ILE CD1  C N N 201 
ILE OXT  O N N 202 
ILE H    H N N 203 
ILE H2   H N N 204 
ILE HA   H N N 205 
ILE HB   H N N 206 
ILE HG12 H N N 207 
ILE HG13 H N N 208 
ILE HG21 H N N 209 
ILE HG22 H N N 210 
ILE HG23 H N N 211 
ILE HD11 H N N 212 
ILE HD12 H N N 213 
ILE HD13 H N N 214 
ILE HXT  H N N 215 
LEU N    N N N 216 
LEU CA   C N S 217 
LEU C    C N N 218 
LEU O    O N N 219 
LEU CB   C N N 220 
LEU CG   C N N 221 
LEU CD1  C N N 222 
LEU CD2  C N N 223 
LEU OXT  O N N 224 
LEU H    H N N 225 
LEU H2   H N N 226 
LEU HA   H N N 227 
LEU HB2  H N N 228 
LEU HB3  H N N 229 
LEU HG   H N N 230 
LEU HD11 H N N 231 
LEU HD12 H N N 232 
LEU HD13 H N N 233 
LEU HD21 H N N 234 
LEU HD22 H N N 235 
LEU HD23 H N N 236 
LEU HXT  H N N 237 
LYS N    N N N 238 
LYS CA   C N S 239 
LYS C    C N N 240 
LYS O    O N N 241 
LYS CB   C N N 242 
LYS CG   C N N 243 
LYS CD   C N N 244 
LYS CE   C N N 245 
LYS NZ   N N N 246 
LYS OXT  O N N 247 
LYS H    H N N 248 
LYS H2   H N N 249 
LYS HA   H N N 250 
LYS HB2  H N N 251 
LYS HB3  H N N 252 
LYS HG2  H N N 253 
LYS HG3  H N N 254 
LYS HD2  H N N 255 
LYS HD3  H N N 256 
LYS HE2  H N N 257 
LYS HE3  H N N 258 
LYS HZ1  H N N 259 
LYS HZ2  H N N 260 
LYS HZ3  H N N 261 
LYS HXT  H N N 262 
MET N    N N N 263 
MET CA   C N S 264 
MET C    C N N 265 
MET O    O N N 266 
MET CB   C N N 267 
MET CG   C N N 268 
MET SD   S N N 269 
MET CE   C N N 270 
MET OXT  O N N 271 
MET H    H N N 272 
MET H2   H N N 273 
MET HA   H N N 274 
MET HB2  H N N 275 
MET HB3  H N N 276 
MET HG2  H N N 277 
MET HG3  H N N 278 
MET HE1  H N N 279 
MET HE2  H N N 280 
MET HE3  H N N 281 
MET HXT  H N N 282 
PHE N    N N N 283 
PHE CA   C N S 284 
PHE C    C N N 285 
PHE O    O N N 286 
PHE CB   C N N 287 
PHE CG   C Y N 288 
PHE CD1  C Y N 289 
PHE CD2  C Y N 290 
PHE CE1  C Y N 291 
PHE CE2  C Y N 292 
PHE CZ   C Y N 293 
PHE OXT  O N N 294 
PHE H    H N N 295 
PHE H2   H N N 296 
PHE HA   H N N 297 
PHE HB2  H N N 298 
PHE HB3  H N N 299 
PHE HD1  H N N 300 
PHE HD2  H N N 301 
PHE HE1  H N N 302 
PHE HE2  H N N 303 
PHE HZ   H N N 304 
PHE HXT  H N N 305 
PRO N    N N N 306 
PRO CA   C N S 307 
PRO C    C N N 308 
PRO O    O N N 309 
PRO CB   C N N 310 
PRO CG   C N N 311 
PRO CD   C N N 312 
PRO OXT  O N N 313 
PRO H    H N N 314 
PRO HA   H N N 315 
PRO HB2  H N N 316 
PRO HB3  H N N 317 
PRO HG2  H N N 318 
PRO HG3  H N N 319 
PRO HD2  H N N 320 
PRO HD3  H N N 321 
PRO HXT  H N N 322 
SER N    N N N 323 
SER CA   C N S 324 
SER C    C N N 325 
SER O    O N N 326 
SER CB   C N N 327 
SER OG   O N N 328 
SER OXT  O N N 329 
SER H    H N N 330 
SER H2   H N N 331 
SER HA   H N N 332 
SER HB2  H N N 333 
SER HB3  H N N 334 
SER HG   H N N 335 
SER HXT  H N N 336 
THR N    N N N 337 
THR CA   C N S 338 
THR C    C N N 339 
THR O    O N N 340 
THR CB   C N R 341 
THR OG1  O N N 342 
THR CG2  C N N 343 
THR OXT  O N N 344 
THR H    H N N 345 
THR H2   H N N 346 
THR HA   H N N 347 
THR HB   H N N 348 
THR HG1  H N N 349 
THR HG21 H N N 350 
THR HG22 H N N 351 
THR HG23 H N N 352 
THR HXT  H N N 353 
TRP N    N N N 354 
TRP CA   C N S 355 
TRP C    C N N 356 
TRP O    O N N 357 
TRP CB   C N N 358 
TRP CG   C Y N 359 
TRP CD1  C Y N 360 
TRP CD2  C Y N 361 
TRP NE1  N Y N 362 
TRP CE2  C Y N 363 
TRP CE3  C Y N 364 
TRP CZ2  C Y N 365 
TRP CZ3  C Y N 366 
TRP CH2  C Y N 367 
TRP OXT  O N N 368 
TRP H    H N N 369 
TRP H2   H N N 370 
TRP HA   H N N 371 
TRP HB2  H N N 372 
TRP HB3  H N N 373 
TRP HD1  H N N 374 
TRP HE1  H N N 375 
TRP HE3  H N N 376 
TRP HZ2  H N N 377 
TRP HZ3  H N N 378 
TRP HH2  H N N 379 
TRP HXT  H N N 380 
TYR N    N N N 381 
TYR CA   C N S 382 
TYR C    C N N 383 
TYR O    O N N 384 
TYR CB   C N N 385 
TYR CG   C Y N 386 
TYR CD1  C Y N 387 
TYR CD2  C Y N 388 
TYR CE1  C Y N 389 
TYR CE2  C Y N 390 
TYR CZ   C Y N 391 
TYR OH   O N N 392 
TYR OXT  O N N 393 
TYR H    H N N 394 
TYR H2   H N N 395 
TYR HA   H N N 396 
TYR HB2  H N N 397 
TYR HB3  H N N 398 
TYR HD1  H N N 399 
TYR HD2  H N N 400 
TYR HE1  H N N 401 
TYR HE2  H N N 402 
TYR HH   H N N 403 
TYR HXT  H N N 404 
VAL N    N N N 405 
VAL CA   C N S 406 
VAL C    C N N 407 
VAL O    O N N 408 
VAL CB   C N N 409 
VAL CG1  C N N 410 
VAL CG2  C N N 411 
VAL OXT  O N N 412 
VAL H    H N N 413 
VAL H2   H N N 414 
VAL HA   H N N 415 
VAL HB   H N N 416 
VAL HG11 H N N 417 
VAL HG12 H N N 418 
VAL HG13 H N N 419 
VAL HG21 H N N 420 
VAL HG22 H N N 421 
VAL HG23 H N N 422 
VAL HXT  H N N 423 
Y8M C10  C Y N 424 
Y8M C13  C Y N 425 
Y8M C15  C Y N 426 
Y8M C02  C Y N 427 
Y8M C03  C Y N 428 
Y8M C04  C Y N 429 
Y8M C05  C Y N 430 
Y8M C06  C N N 431 
Y8M C07  C N N 432 
Y8M C08  C N N 433 
Y8M C09  C Y N 434 
Y8M C11  C Y N 435 
Y8M C12  C Y N 436 
Y8M C14  C Y N 437 
Y8M C16  C Y N 438 
Y8M N01  N N N 439 
Y8M H1   H N N 440 
Y8M H2   H N N 441 
Y8M H3   H N N 442 
Y8M H4   H N N 443 
Y8M H5   H N N 444 
Y8M H6   H N N 445 
Y8M H7   H N N 446 
Y8M H8   H N N 447 
Y8M H9   H N N 448 
Y8M H10  H N N 449 
Y8M H11  H N N 450 
Y8M H12  H N N 451 
Y8M H13  H N N 452 
Y8M H14  H N N 453 
Y8M H15  H N N 454 
Y8M H16  H N N 455 
Y8M H17  H N N 456 
# 
loop_
_chem_comp_bond.comp_id 
_chem_comp_bond.atom_id_1 
_chem_comp_bond.atom_id_2 
_chem_comp_bond.value_order 
_chem_comp_bond.pdbx_aromatic_flag 
_chem_comp_bond.pdbx_stereo_config 
_chem_comp_bond.pdbx_ordinal 
ALA N   CA   sing N N 1   
ALA N   H    sing N N 2   
ALA N   H2   sing N N 3   
ALA CA  C    sing N N 4   
ALA CA  CB   sing N N 5   
ALA CA  HA   sing N N 6   
ALA C   O    doub N N 7   
ALA C   OXT  sing N N 8   
ALA CB  HB1  sing N N 9   
ALA CB  HB2  sing N N 10  
ALA CB  HB3  sing N N 11  
ALA OXT HXT  sing N N 12  
ARG N   CA   sing N N 13  
ARG N   H    sing N N 14  
ARG N   H2   sing N N 15  
ARG CA  C    sing N N 16  
ARG CA  CB   sing N N 17  
ARG CA  HA   sing N N 18  
ARG C   O    doub N N 19  
ARG C   OXT  sing N N 20  
ARG CB  CG   sing N N 21  
ARG CB  HB2  sing N N 22  
ARG CB  HB3  sing N N 23  
ARG CG  CD   sing N N 24  
ARG CG  HG2  sing N N 25  
ARG CG  HG3  sing N N 26  
ARG CD  NE   sing N N 27  
ARG CD  HD2  sing N N 28  
ARG CD  HD3  sing N N 29  
ARG NE  CZ   sing N N 30  
ARG NE  HE   sing N N 31  
ARG CZ  NH1  sing N N 32  
ARG CZ  NH2  doub N N 33  
ARG NH1 HH11 sing N N 34  
ARG NH1 HH12 sing N N 35  
ARG NH2 HH21 sing N N 36  
ARG NH2 HH22 sing N N 37  
ARG OXT HXT  sing N N 38  
ASN N   CA   sing N N 39  
ASN N   H    sing N N 40  
ASN N   H2   sing N N 41  
ASN CA  C    sing N N 42  
ASN CA  CB   sing N N 43  
ASN CA  HA   sing N N 44  
ASN C   O    doub N N 45  
ASN C   OXT  sing N N 46  
ASN CB  CG   sing N N 47  
ASN CB  HB2  sing N N 48  
ASN CB  HB3  sing N N 49  
ASN CG  OD1  doub N N 50  
ASN CG  ND2  sing N N 51  
ASN ND2 HD21 sing N N 52  
ASN ND2 HD22 sing N N 53  
ASN OXT HXT  sing N N 54  
ASP N   CA   sing N N 55  
ASP N   H    sing N N 56  
ASP N   H2   sing N N 57  
ASP CA  C    sing N N 58  
ASP CA  CB   sing N N 59  
ASP CA  HA   sing N N 60  
ASP C   O    doub N N 61  
ASP C   OXT  sing N N 62  
ASP CB  CG   sing N N 63  
ASP CB  HB2  sing N N 64  
ASP CB  HB3  sing N N 65  
ASP CG  OD1  doub N N 66  
ASP CG  OD2  sing N N 67  
ASP OD2 HD2  sing N N 68  
ASP OXT HXT  sing N N 69  
CYS N   CA   sing N N 70  
CYS N   H    sing N N 71  
CYS N   H2   sing N N 72  
CYS CA  C    sing N N 73  
CYS CA  CB   sing N N 74  
CYS CA  HA   sing N N 75  
CYS C   O    doub N N 76  
CYS C   OXT  sing N N 77  
CYS CB  SG   sing N N 78  
CYS CB  HB2  sing N N 79  
CYS CB  HB3  sing N N 80  
CYS SG  HG   sing N N 81  
CYS OXT HXT  sing N N 82  
EPE N1  C2   sing N N 83  
EPE N1  C6   sing N N 84  
EPE N1  C9   sing N N 85  
EPE C2  C3   sing N N 86  
EPE C2  H21  sing N N 87  
EPE C2  H22  sing N N 88  
EPE C3  N4   sing N N 89  
EPE C3  H31  sing N N 90  
EPE C3  H32  sing N N 91  
EPE N4  C5   sing N N 92  
EPE N4  C7   sing N N 93  
EPE C5  C6   sing N N 94  
EPE C5  H51  sing N N 95  
EPE C5  H52  sing N N 96  
EPE C6  H61  sing N N 97  
EPE C6  H62  sing N N 98  
EPE C7  C8   sing N N 99  
EPE C7  H71  sing N N 100 
EPE C7  H72  sing N N 101 
EPE C8  O8   sing N N 102 
EPE C8  H81  sing N N 103 
EPE C8  H82  sing N N 104 
EPE O8  HO8  sing N N 105 
EPE C9  C10  sing N N 106 
EPE C9  H91  sing N N 107 
EPE C9  H92  sing N N 108 
EPE C10 S    sing N N 109 
EPE C10 H101 sing N N 110 
EPE C10 H102 sing N N 111 
EPE S   O1S  doub N N 112 
EPE S   O2S  doub N N 113 
EPE S   O3S  sing N N 114 
EPE O3S HOS3 sing N N 115 
GLN N   CA   sing N N 116 
GLN N   H    sing N N 117 
GLN N   H2   sing N N 118 
GLN CA  C    sing N N 119 
GLN CA  CB   sing N N 120 
GLN CA  HA   sing N N 121 
GLN C   O    doub N N 122 
GLN C   OXT  sing N N 123 
GLN CB  CG   sing N N 124 
GLN CB  HB2  sing N N 125 
GLN CB  HB3  sing N N 126 
GLN CG  CD   sing N N 127 
GLN CG  HG2  sing N N 128 
GLN CG  HG3  sing N N 129 
GLN CD  OE1  doub N N 130 
GLN CD  NE2  sing N N 131 
GLN NE2 HE21 sing N N 132 
GLN NE2 HE22 sing N N 133 
GLN OXT HXT  sing N N 134 
GLU N   CA   sing N N 135 
GLU N   H    sing N N 136 
GLU N   H2   sing N N 137 
GLU CA  C    sing N N 138 
GLU CA  CB   sing N N 139 
GLU CA  HA   sing N N 140 
GLU C   O    doub N N 141 
GLU C   OXT  sing N N 142 
GLU CB  CG   sing N N 143 
GLU CB  HB2  sing N N 144 
GLU CB  HB3  sing N N 145 
GLU CG  CD   sing N N 146 
GLU CG  HG2  sing N N 147 
GLU CG  HG3  sing N N 148 
GLU CD  OE1  doub N N 149 
GLU CD  OE2  sing N N 150 
GLU OE2 HE2  sing N N 151 
GLU OXT HXT  sing N N 152 
GLY N   CA   sing N N 153 
GLY N   H    sing N N 154 
GLY N   H2   sing N N 155 
GLY CA  C    sing N N 156 
GLY CA  HA2  sing N N 157 
GLY CA  HA3  sing N N 158 
GLY C   O    doub N N 159 
GLY C   OXT  sing N N 160 
GLY OXT HXT  sing N N 161 
HIS N   CA   sing N N 162 
HIS N   H    sing N N 163 
HIS N   H2   sing N N 164 
HIS CA  C    sing N N 165 
HIS CA  CB   sing N N 166 
HIS CA  HA   sing N N 167 
HIS C   O    doub N N 168 
HIS C   OXT  sing N N 169 
HIS CB  CG   sing N N 170 
HIS CB  HB2  sing N N 171 
HIS CB  HB3  sing N N 172 
HIS CG  ND1  sing Y N 173 
HIS CG  CD2  doub Y N 174 
HIS ND1 CE1  doub Y N 175 
HIS ND1 HD1  sing N N 176 
HIS CD2 NE2  sing Y N 177 
HIS CD2 HD2  sing N N 178 
HIS CE1 NE2  sing Y N 179 
HIS CE1 HE1  sing N N 180 
HIS NE2 HE2  sing N N 181 
HIS OXT HXT  sing N N 182 
HOH O   H1   sing N N 183 
HOH O   H2   sing N N 184 
ILE N   CA   sing N N 185 
ILE N   H    sing N N 186 
ILE N   H2   sing N N 187 
ILE CA  C    sing N N 188 
ILE CA  CB   sing N N 189 
ILE CA  HA   sing N N 190 
ILE C   O    doub N N 191 
ILE C   OXT  sing N N 192 
ILE CB  CG1  sing N N 193 
ILE CB  CG2  sing N N 194 
ILE CB  HB   sing N N 195 
ILE CG1 CD1  sing N N 196 
ILE CG1 HG12 sing N N 197 
ILE CG1 HG13 sing N N 198 
ILE CG2 HG21 sing N N 199 
ILE CG2 HG22 sing N N 200 
ILE CG2 HG23 sing N N 201 
ILE CD1 HD11 sing N N 202 
ILE CD1 HD12 sing N N 203 
ILE CD1 HD13 sing N N 204 
ILE OXT HXT  sing N N 205 
LEU N   CA   sing N N 206 
LEU N   H    sing N N 207 
LEU N   H2   sing N N 208 
LEU CA  C    sing N N 209 
LEU CA  CB   sing N N 210 
LEU CA  HA   sing N N 211 
LEU C   O    doub N N 212 
LEU C   OXT  sing N N 213 
LEU CB  CG   sing N N 214 
LEU CB  HB2  sing N N 215 
LEU CB  HB3  sing N N 216 
LEU CG  CD1  sing N N 217 
LEU CG  CD2  sing N N 218 
LEU CG  HG   sing N N 219 
LEU CD1 HD11 sing N N 220 
LEU CD1 HD12 sing N N 221 
LEU CD1 HD13 sing N N 222 
LEU CD2 HD21 sing N N 223 
LEU CD2 HD22 sing N N 224 
LEU CD2 HD23 sing N N 225 
LEU OXT HXT  sing N N 226 
LYS N   CA   sing N N 227 
LYS N   H    sing N N 228 
LYS N   H2   sing N N 229 
LYS CA  C    sing N N 230 
LYS CA  CB   sing N N 231 
LYS CA  HA   sing N N 232 
LYS C   O    doub N N 233 
LYS C   OXT  sing N N 234 
LYS CB  CG   sing N N 235 
LYS CB  HB2  sing N N 236 
LYS CB  HB3  sing N N 237 
LYS CG  CD   sing N N 238 
LYS CG  HG2  sing N N 239 
LYS CG  HG3  sing N N 240 
LYS CD  CE   sing N N 241 
LYS CD  HD2  sing N N 242 
LYS CD  HD3  sing N N 243 
LYS CE  NZ   sing N N 244 
LYS CE  HE2  sing N N 245 
LYS CE  HE3  sing N N 246 
LYS NZ  HZ1  sing N N 247 
LYS NZ  HZ2  sing N N 248 
LYS NZ  HZ3  sing N N 249 
LYS OXT HXT  sing N N 250 
MET N   CA   sing N N 251 
MET N   H    sing N N 252 
MET N   H2   sing N N 253 
MET CA  C    sing N N 254 
MET CA  CB   sing N N 255 
MET CA  HA   sing N N 256 
MET C   O    doub N N 257 
MET C   OXT  sing N N 258 
MET CB  CG   sing N N 259 
MET CB  HB2  sing N N 260 
MET CB  HB3  sing N N 261 
MET CG  SD   sing N N 262 
MET CG  HG2  sing N N 263 
MET CG  HG3  sing N N 264 
MET SD  CE   sing N N 265 
MET CE  HE1  sing N N 266 
MET CE  HE2  sing N N 267 
MET CE  HE3  sing N N 268 
MET OXT HXT  sing N N 269 
PHE N   CA   sing N N 270 
PHE N   H    sing N N 271 
PHE N   H2   sing N N 272 
PHE CA  C    sing N N 273 
PHE CA  CB   sing N N 274 
PHE CA  HA   sing N N 275 
PHE C   O    doub N N 276 
PHE C   OXT  sing N N 277 
PHE CB  CG   sing N N 278 
PHE CB  HB2  sing N N 279 
PHE CB  HB3  sing N N 280 
PHE CG  CD1  doub Y N 281 
PHE CG  CD2  sing Y N 282 
PHE CD1 CE1  sing Y N 283 
PHE CD1 HD1  sing N N 284 
PHE CD2 CE2  doub Y N 285 
PHE CD2 HD2  sing N N 286 
PHE CE1 CZ   doub Y N 287 
PHE CE1 HE1  sing N N 288 
PHE CE2 CZ   sing Y N 289 
PHE CE2 HE2  sing N N 290 
PHE CZ  HZ   sing N N 291 
PHE OXT HXT  sing N N 292 
PRO N   CA   sing N N 293 
PRO N   CD   sing N N 294 
PRO N   H    sing N N 295 
PRO CA  C    sing N N 296 
PRO CA  CB   sing N N 297 
PRO CA  HA   sing N N 298 
PRO C   O    doub N N 299 
PRO C   OXT  sing N N 300 
PRO CB  CG   sing N N 301 
PRO CB  HB2  sing N N 302 
PRO CB  HB3  sing N N 303 
PRO CG  CD   sing N N 304 
PRO CG  HG2  sing N N 305 
PRO CG  HG3  sing N N 306 
PRO CD  HD2  sing N N 307 
PRO CD  HD3  sing N N 308 
PRO OXT HXT  sing N N 309 
SER N   CA   sing N N 310 
SER N   H    sing N N 311 
SER N   H2   sing N N 312 
SER CA  C    sing N N 313 
SER CA  CB   sing N N 314 
SER CA  HA   sing N N 315 
SER C   O    doub N N 316 
SER C   OXT  sing N N 317 
SER CB  OG   sing N N 318 
SER CB  HB2  sing N N 319 
SER CB  HB3  sing N N 320 
SER OG  HG   sing N N 321 
SER OXT HXT  sing N N 322 
THR N   CA   sing N N 323 
THR N   H    sing N N 324 
THR N   H2   sing N N 325 
THR CA  C    sing N N 326 
THR CA  CB   sing N N 327 
THR CA  HA   sing N N 328 
THR C   O    doub N N 329 
THR C   OXT  sing N N 330 
THR CB  OG1  sing N N 331 
THR CB  CG2  sing N N 332 
THR CB  HB   sing N N 333 
THR OG1 HG1  sing N N 334 
THR CG2 HG21 sing N N 335 
THR CG2 HG22 sing N N 336 
THR CG2 HG23 sing N N 337 
THR OXT HXT  sing N N 338 
TRP N   CA   sing N N 339 
TRP N   H    sing N N 340 
TRP N   H2   sing N N 341 
TRP CA  C    sing N N 342 
TRP CA  CB   sing N N 343 
TRP CA  HA   sing N N 344 
TRP C   O    doub N N 345 
TRP C   OXT  sing N N 346 
TRP CB  CG   sing N N 347 
TRP CB  HB2  sing N N 348 
TRP CB  HB3  sing N N 349 
TRP CG  CD1  doub Y N 350 
TRP CG  CD2  sing Y N 351 
TRP CD1 NE1  sing Y N 352 
TRP CD1 HD1  sing N N 353 
TRP CD2 CE2  doub Y N 354 
TRP CD2 CE3  sing Y N 355 
TRP NE1 CE2  sing Y N 356 
TRP NE1 HE1  sing N N 357 
TRP CE2 CZ2  sing Y N 358 
TRP CE3 CZ3  doub Y N 359 
TRP CE3 HE3  sing N N 360 
TRP CZ2 CH2  doub Y N 361 
TRP CZ2 HZ2  sing N N 362 
TRP CZ3 CH2  sing Y N 363 
TRP CZ3 HZ3  sing N N 364 
TRP CH2 HH2  sing N N 365 
TRP OXT HXT  sing N N 366 
TYR N   CA   sing N N 367 
TYR N   H    sing N N 368 
TYR N   H2   sing N N 369 
TYR CA  C    sing N N 370 
TYR CA  CB   sing N N 371 
TYR CA  HA   sing N N 372 
TYR C   O    doub N N 373 
TYR C   OXT  sing N N 374 
TYR CB  CG   sing N N 375 
TYR CB  HB2  sing N N 376 
TYR CB  HB3  sing N N 377 
TYR CG  CD1  doub Y N 378 
TYR CG  CD2  sing Y N 379 
TYR CD1 CE1  sing Y N 380 
TYR CD1 HD1  sing N N 381 
TYR CD2 CE2  doub Y N 382 
TYR CD2 HD2  sing N N 383 
TYR CE1 CZ   doub Y N 384 
TYR CE1 HE1  sing N N 385 
TYR CE2 CZ   sing Y N 386 
TYR CE2 HE2  sing N N 387 
TYR CZ  OH   sing N N 388 
TYR OH  HH   sing N N 389 
TYR OXT HXT  sing N N 390 
VAL N   CA   sing N N 391 
VAL N   H    sing N N 392 
VAL N   H2   sing N N 393 
VAL CA  C    sing N N 394 
VAL CA  CB   sing N N 395 
VAL CA  HA   sing N N 396 
VAL C   O    doub N N 397 
VAL C   OXT  sing N N 398 
VAL CB  CG1  sing N N 399 
VAL CB  CG2  sing N N 400 
VAL CB  HB   sing N N 401 
VAL CG1 HG11 sing N N 402 
VAL CG1 HG12 sing N N 403 
VAL CG1 HG13 sing N N 404 
VAL CG2 HG21 sing N N 405 
VAL CG2 HG22 sing N N 406 
VAL CG2 HG23 sing N N 407 
VAL OXT HXT  sing N N 408 
Y8M C07 C06  sing N N 409 
Y8M C07 C08  sing N N 410 
Y8M C06 C05  sing N N 411 
Y8M C14 C13  doub Y N 412 
Y8M C14 C09  sing Y N 413 
Y8M C15 C05  doub Y N 414 
Y8M C15 C16  sing Y N 415 
Y8M C13 C12  sing Y N 416 
Y8M C08 C09  sing N N 417 
Y8M C05 C04  sing Y N 418 
Y8M C16 C02  doub Y N 419 
Y8M C09 C10  doub Y N 420 
Y8M C12 C11  doub Y N 421 
Y8M C04 C03  doub Y N 422 
Y8M C02 C03  sing Y N 423 
Y8M C02 N01  sing N N 424 
Y8M C10 C11  sing Y N 425 
Y8M C10 H1   sing N N 426 
Y8M C13 H2   sing N N 427 
Y8M C15 H3   sing N N 428 
Y8M C03 H4   sing N N 429 
Y8M C04 H5   sing N N 430 
Y8M C06 H6   sing N N 431 
Y8M C06 H7   sing N N 432 
Y8M C07 H8   sing N N 433 
Y8M C07 H9   sing N N 434 
Y8M C08 H10  sing N N 435 
Y8M C08 H11  sing N N 436 
Y8M C11 H12  sing N N 437 
Y8M C12 H13  sing N N 438 
Y8M C14 H14  sing N N 439 
Y8M C16 H15  sing N N 440 
Y8M N01 H16  sing N N 441 
Y8M N01 H17  sing N N 442 
# 
_pdbx_audit_support.funding_organization   
'National Institutes of Health/National Institute of General Medical Sciences (NIH/NIGMS)' 
_pdbx_audit_support.country                'United States' 
_pdbx_audit_support.grant_number           ? 
_pdbx_audit_support.ordinal                1 
# 
_pdbx_entity_instance_feature.ordinal        1 
_pdbx_entity_instance_feature.comp_id        Y8M 
_pdbx_entity_instance_feature.asym_id        ? 
_pdbx_entity_instance_feature.seq_num        ? 
_pdbx_entity_instance_feature.auth_comp_id   Y8M 
_pdbx_entity_instance_feature.auth_asym_id   ? 
_pdbx_entity_instance_feature.auth_seq_num   ? 
_pdbx_entity_instance_feature.feature_type   'SUBJECT OF INVESTIGATION' 
_pdbx_entity_instance_feature.details        ? 
# 
loop_
_pdbx_entity_nonpoly.entity_id 
_pdbx_entity_nonpoly.name 
_pdbx_entity_nonpoly.comp_id 
2 '4-(2-HYDROXYETHYL)-1-PIPERAZINE ETHANESULFONIC ACID' EPE 
3 '4-(3-phenylpropyl)aniline'                           Y8M 
4 water                                                 HOH 
# 
_pdbx_initial_refinement_model.id               1 
_pdbx_initial_refinement_model.entity_id_list   ? 
_pdbx_initial_refinement_model.type             'experimental model' 
_pdbx_initial_refinement_model.source_name      PDB 
_pdbx_initial_refinement_model.accession_code   4W57 
_pdbx_initial_refinement_model.details          ? 
# 
_pdbx_struct_assembly_auth_evidence.id                     1 
_pdbx_struct_assembly_auth_evidence.assembly_id            1 
_pdbx_struct_assembly_auth_evidence.experimental_support   none 
_pdbx_struct_assembly_auth_evidence.details                ? 
# 
